data_6MCO
#
_entry.id   6MCO
#
_cell.length_a   212.326
_cell.length_b   212.326
_cell.length_c   212.326
_cell.angle_alpha   90.00
_cell.angle_beta   90.00
_cell.angle_gamma   90.00
#
_symmetry.space_group_name_H-M   'P 2 3'
#
loop_
_entity.id
_entity.type
_entity.pdbx_description
1 polymer 'Transmembrane protein gp41'
2 polymer '35O22 Fab heavy chain'
3 polymer '35O22 Fab light chain'
4 polymer 'Surface protein gp120'
5 polymer 'PGT124 Fab heavy chain'
6 polymer 'PGT124 Fab light chain'
7 branched alpha-D-mannopyranose-(1-2)-alpha-D-mannopyranose-(1-3)-[alpha-D-mannopyranose-(1-6)]beta-D-mannopyranose-(1-4)-2-acetamido-2-deoxy-beta-D-glucopyranose-(1-4)-2-acetamido-2-deoxy-beta-D-glucopyranose
8 branched 2-acetamido-2-deoxy-beta-D-glucopyranose-(1-4)-2-acetamido-2-deoxy-beta-D-glucopyranose
9 branched alpha-D-mannopyranose-(1-2)-[alpha-D-mannopyranose-(1-6)]alpha-D-mannopyranose-(1-6)-[alpha-D-mannopyranose-(1-3)]beta-D-mannopyranose-(1-3)-2-acetamido-2-deoxy-beta-D-glucopyranose-(1-4)-2-acetamido-2-deoxy-beta-D-glucopyranose
10 branched alpha-D-mannopyranose-(1-6)-beta-D-mannopyranose-(1-4)-2-acetamido-2-deoxy-beta-D-glucopyranose-(1-4)-2-acetamido-2-deoxy-beta-D-glucopyranose
11 branched beta-D-mannopyranose-(1-4)-2-acetamido-2-deoxy-beta-D-glucopyranose-(1-4)-2-acetamido-2-deoxy-beta-D-glucopyranose
12 branched alpha-D-mannopyranose-(1-2)-alpha-D-mannopyranose-(1-3)-[alpha-D-mannopyranose-(1-3)-[alpha-D-mannopyranose-(1-6)]alpha-D-mannopyranose-(1-6)]beta-D-mannopyranose-(1-4)-2-acetamido-2-deoxy-beta-D-glucopyranose-(1-4)-2-acetamido-2-deoxy-beta-D-glucopyranose
13 branched alpha-D-mannopyranose-(1-3)-beta-D-mannopyranose-(1-4)-2-acetamido-2-deoxy-beta-D-glucopyranose-(1-4)-2-acetamido-2-deoxy-beta-D-glucopyranose
14 branched alpha-D-mannopyranose-(1-3)-[alpha-D-mannopyranose-(1-6)]beta-D-mannopyranose-(1-4)-2-acetamido-2-deoxy-beta-D-glucopyranose-(1-4)-2-acetamido-2-deoxy-beta-D-glucopyranose
15 branched beta-D-mannopyranose-(1-3)-2-acetamido-2-deoxy-beta-D-glucopyranose-(1-4)-2-acetamido-2-deoxy-beta-D-glucopyranose
16 non-polymer 2-acetamido-2-deoxy-beta-D-glucopyranose
#
loop_
_entity_poly.entity_id
_entity_poly.type
_entity_poly.pdbx_seq_one_letter_code
_entity_poly.pdbx_strand_id
1 'polypeptide(L)'
;AVGLGAFILGFLGAAGSTMGAASMALTVQARLLLSGIVQQQNNLLRAIEAQQHMLQLTVWGIKQLQARVLAVERYLRDQQ
LLGIWGCSGKIICCTNVPWNDSWSNKTINEIWDNMTWMQWEKEIDNYTQHIYTLLEVSQIQQEKNEQELLELD
;
B
2 'polypeptide(L)'
;EGQLVQSGAELKKPGASVKISCKTSGYRFNFYHINWIRQTAGRGPEWMGWISPYSGDKNLAPAFQDRVIMTTDTEVPVTS
FTSTGAAYMEIRNLKFDDTGTYFCAKGLLRDGSSTWLPYLWGQGTLLTVSSASTKGPSVFPLAPSSKSTSGGTAALGCLV
KDYFPEPVTVSWNSGALTSGVHTFPAVLQSSGLYSLSSVVTVPSSSLGTQTYICNVNHKPSNTKVDKRVEPKSCDKGLEV
LFQ
;
D
3 'polypeptide(L)'
;QSVLTQSASVSGSLGQSVTISCTGPNSVCCSHKSISWYQWPPGRAPTLIIYEDNERAPGISPRFSGYKSYWSAYLTISDL
RPEDETTYYCCSYTHNSGCVFGTGTKVSVLGQSKANPSVTLFPPSSEELQANKATLVCLISDFYPGAVTVAWKADSSPVK
AGVETTTPSKQSNNKYAASSYLSLTPEQWKSHRSYSCQVTHEGSTVEKTVAPTECS
;
E
4 'polypeptide(L)'
;AKKWVTVYYGVPVWKEATTTLFCASDAKAYDTEVHNVWATHACVPTDPNPQEIVLGNVTENFNMWKNNMVEQMHEDIISL
WDQSLKPCVKLTPLCVTLNCNNVNTNNTNNSTNATISDWEKMETGEMKNCSFNVTTSIRDKIKKEYALFYKLDVVPLENK
NNINNTNITNYRLINCNTSVITQACPKVSFEPIPIHYCAPAGFAILKCNSKTFNGSGPCTNVSTVQCTHGIRPVVSTQLL
LNGSLAEEEIVIRSENITDNAKTIIVQLNEAVEINCTRPNNNTRKSIHIGPGRAFYATGDIIGNIRQAHCNISKARWNET
LGQIVAKLEEQFPNKTIIFNHSSGGDPEIVTHSFNCGGEFFYCNTTPLFNSTWNNTRTDDYPTGGEQNITLQCRIKQIIN
MWQGVGKAMYAPPIRGQIRCSSNITGLLLTRDGGRDQNGTETFRPGGGNMRDNWRSELYKYKVVKIEPLGIAPTACKRRV
VQ
;
G
5 'polypeptide(L)'
;QVQLQESGPGLVRPSETLSVTCIVSGGSISNYYWTWIRQSPGKGLEWIGYISDRETTTYNPSLNSRAVISRDTSKNQLSL
QLRSVTTADTAIYFCATARRGQRIYGVVSFGEFFYYYYMDVWGKGTAVTVSSASTKGPSVFPLAPSSKSTSGGTAALGCL
VKDYFPEPVTVSWNSGALTSGVHTFPAVLQSSGLYSLSSVVTVPSSSLGTQTYICNVNHKPSNTKVDKKVEPKSCD
;
H
6 'polypeptide(L)'
;SYVSPLSVALGETARISCGRQALGSRAVQWYQHKPGQAPILLIYNNQDRPSGIPERFSGTPDINFGTTATLTISGVEVGD
EADYYCHMWDSRSGFSWSFGGATRLTVLSQPKAAPSVTLFPPSSEELQANKATLVCLISDFYPGAVTVAWKADSSPVKAG
VETTTPSKQSNNKYAASSYLSLTPEQWKSHKSYSCQVTHEGSTVEKTVAPTECS
;
L
#
# COMPACT_ATOMS: atom_id res chain seq x y z
N ALA A 1 -19.31 28.83 26.36
CA ALA A 1 -20.65 28.68 25.81
C ALA A 1 -21.43 29.98 25.92
N VAL A 2 -22.46 30.13 25.07
CA VAL A 2 -23.40 31.25 25.02
C VAL A 2 -22.70 32.61 25.06
N GLY A 3 -21.45 32.67 24.61
CA GLY A 3 -20.70 33.92 24.61
C GLY A 3 -20.22 34.31 23.23
N LEU A 4 -20.84 35.35 22.64
CA LEU A 4 -20.59 35.74 21.27
C LEU A 4 -20.27 37.24 21.22
N GLY A 5 -19.25 37.59 20.44
CA GLY A 5 -18.90 38.99 20.23
C GLY A 5 -18.37 39.68 21.47
N ALA A 6 -19.25 40.01 22.41
CA ALA A 6 -18.82 40.71 23.62
C ALA A 6 -17.85 39.86 24.44
N PHE A 7 -17.91 38.53 24.32
CA PHE A 7 -16.99 37.67 25.05
C PHE A 7 -15.92 37.05 24.17
N ILE A 8 -16.09 37.06 22.83
CA ILE A 8 -15.20 36.29 21.97
C ILE A 8 -13.77 36.81 21.96
N LEU A 9 -13.54 38.09 22.28
CA LEU A 9 -12.15 38.51 22.46
C LEU A 9 -11.59 38.00 23.78
N GLY A 10 -12.46 37.77 24.77
CA GLY A 10 -12.02 37.14 26.00
C GLY A 10 -11.27 35.85 25.75
N PHE A 11 -11.68 35.09 24.73
CA PHE A 11 -10.96 33.87 24.38
C PHE A 11 -9.62 34.19 23.73
N LEU A 12 -9.51 35.31 23.02
CA LEU A 12 -8.27 35.68 22.34
C LEU A 12 -7.46 36.58 23.27
N GLY A 13 -6.70 35.95 24.16
CA GLY A 13 -5.80 36.69 25.03
C GLY A 13 -4.67 37.35 24.26
N ALA A 14 -3.97 38.26 24.93
CA ALA A 14 -2.94 39.04 24.27
C ALA A 14 -1.60 38.99 25.00
N ALA A 15 -1.46 39.80 26.05
CA ALA A 15 -0.16 40.00 26.70
C ALA A 15 0.43 38.73 27.31
N GLY A 16 -0.35 37.65 27.41
CA GLY A 16 0.17 36.41 27.95
C GLY A 16 1.27 35.81 27.09
N SER A 17 0.89 35.27 25.93
CA SER A 17 1.86 34.72 24.98
C SER A 17 2.24 35.82 23.98
N THR A 18 2.98 36.79 24.51
CA THR A 18 3.48 37.90 23.69
C THR A 18 4.96 37.76 23.35
N MET A 19 5.72 36.99 24.13
CA MET A 19 7.09 36.66 23.76
C MET A 19 7.10 35.86 22.45
N GLY A 20 7.12 36.56 21.31
CA GLY A 20 7.19 35.90 20.02
C GLY A 20 6.07 34.91 19.83
N ALA A 21 6.34 33.85 19.06
CA ALA A 21 5.31 32.86 18.75
C ALA A 21 5.99 31.49 18.57
N ALA A 22 6.03 30.73 19.65
CA ALA A 22 6.23 29.28 19.63
C ALA A 22 5.08 28.63 20.37
N SER A 23 3.88 29.08 20.08
CA SER A 23 2.67 28.69 20.81
C SER A 23 1.47 28.91 19.91
N MET A 24 0.27 28.78 20.48
CA MET A 24 -0.96 29.08 19.76
C MET A 24 -2.02 29.50 20.77
N ALA A 25 -3.30 29.23 20.49
CA ALA A 25 -4.36 29.70 21.37
C ALA A 25 -4.41 28.91 22.67
N LEU A 26 -4.11 27.61 22.62
CA LEU A 26 -4.18 26.75 23.79
C LEU A 26 -2.87 26.03 24.07
N THR A 27 -1.75 26.51 23.53
CA THR A 27 -0.46 25.95 23.91
C THR A 27 -0.21 26.14 25.40
N VAL A 28 -0.66 27.27 25.94
CA VAL A 28 -0.66 27.48 27.38
C VAL A 28 -1.68 26.56 28.04
N GLN A 29 -2.86 26.45 27.46
CA GLN A 29 -4.00 25.75 28.04
C GLN A 29 -3.98 24.24 27.83
N ALA A 30 -3.16 23.73 26.91
CA ALA A 30 -3.11 22.30 26.69
C ALA A 30 -2.50 21.55 27.88
N ARG A 31 -1.66 22.23 28.67
CA ARG A 31 -1.10 21.66 29.88
C ARG A 31 -1.84 22.09 31.14
N LEU A 32 -2.19 23.37 31.25
CA LEU A 32 -2.83 23.86 32.46
C LEU A 32 -4.27 23.35 32.58
N LEU A 33 -4.94 23.09 31.45
CA LEU A 33 -6.33 22.65 31.44
C LEU A 33 -6.61 21.56 30.41
N LEU A 34 -6.35 20.30 30.80
CA LEU A 34 -6.84 19.09 30.18
C LEU A 34 -6.99 17.83 31.19
N SER A 35 -7.49 18.24 32.35
CA SER A 35 -7.73 17.33 33.46
C SER A 35 -9.15 17.69 33.88
N GLN A 56 -9.26 -4.88 38.52
CA GLN A 56 -8.75 -3.88 37.60
C GLN A 56 -7.26 -3.75 37.92
N LEU A 57 -6.58 -4.89 37.96
CA LEU A 57 -5.14 -4.94 38.14
C LEU A 57 -4.38 -5.00 36.83
N THR A 58 -5.05 -4.69 35.71
CA THR A 58 -4.45 -4.86 34.40
C THR A 58 -3.32 -3.85 34.19
N VAL A 59 -2.67 -3.96 33.02
CA VAL A 59 -1.57 -3.05 32.71
C VAL A 59 -2.08 -1.63 32.55
N TRP A 60 -3.30 -1.45 32.05
CA TRP A 60 -3.85 -0.10 31.91
C TRP A 60 -4.30 0.48 33.23
N GLY A 61 -4.61 -0.35 34.23
CA GLY A 61 -4.97 0.16 35.54
C GLY A 61 -3.78 0.59 36.36
N ILE A 62 -2.63 -0.04 36.14
CA ILE A 62 -1.43 0.33 36.88
C ILE A 62 -0.71 1.50 36.22
N LYS A 63 -0.63 1.50 34.88
CA LYS A 63 0.01 2.60 34.18
C LYS A 63 -0.78 3.90 34.34
N GLN A 64 -2.10 3.83 34.40
CA GLN A 64 -2.90 5.03 34.58
C GLN A 64 -2.73 5.61 35.99
N LEU A 65 -2.65 4.75 37.00
CA LEU A 65 -2.51 5.23 38.36
C LEU A 65 -1.18 5.96 38.55
N GLN A 66 -0.10 5.41 37.99
CA GLN A 66 1.19 6.10 38.05
C GLN A 66 1.18 7.38 37.25
N ALA A 67 0.34 7.47 36.22
CA ALA A 67 0.18 8.70 35.46
C ALA A 67 -0.61 9.74 36.23
N ARG A 68 -1.60 9.33 37.01
CA ARG A 68 -2.37 10.29 37.80
C ARG A 68 -1.54 10.81 38.98
N VAL A 69 -0.78 9.93 39.64
CA VAL A 69 0.02 10.36 40.76
C VAL A 69 1.16 11.28 40.29
N LEU A 70 1.71 11.01 39.11
CA LEU A 70 2.75 11.88 38.57
C LEU A 70 2.19 13.26 38.23
N ALA A 71 0.98 13.30 37.69
CA ALA A 71 0.36 14.58 37.36
C ALA A 71 0.20 15.44 38.60
N VAL A 72 -0.30 14.86 39.69
CA VAL A 72 -0.47 15.59 40.93
C VAL A 72 0.86 16.08 41.47
N GLU A 73 1.88 15.21 41.46
CA GLU A 73 3.18 15.58 41.99
C GLU A 73 3.78 16.74 41.20
N ARG A 74 3.76 16.66 39.87
CA ARG A 74 4.32 17.73 39.06
C ARG A 74 3.54 19.02 39.21
N TYR A 75 2.25 18.94 39.56
CA TYR A 75 1.46 20.14 39.77
C TYR A 75 1.81 20.81 41.09
N LEU A 76 1.89 20.02 42.16
CA LEU A 76 2.18 20.59 43.47
C LEU A 76 3.60 21.11 43.59
N ARG A 77 4.52 20.65 42.74
CA ARG A 77 5.86 21.21 42.75
C ARG A 77 5.84 22.66 42.28
N ASP A 78 5.21 22.91 41.13
CA ASP A 78 5.13 24.27 40.61
C ASP A 78 4.40 25.18 41.61
N GLN A 79 3.24 24.76 42.09
CA GLN A 79 2.48 25.58 43.01
C GLN A 79 3.22 25.80 44.32
N GLN A 80 4.11 24.88 44.71
CA GLN A 80 4.92 25.09 45.90
C GLN A 80 5.97 26.16 45.66
N LEU A 81 6.64 26.12 44.51
CA LEU A 81 7.56 27.19 44.15
C LEU A 81 6.83 28.53 44.16
N LEU A 82 5.64 28.58 43.58
CA LEU A 82 4.84 29.81 43.60
C LEU A 82 4.52 30.22 45.03
N GLY A 83 4.28 29.25 45.91
CA GLY A 83 3.97 29.59 47.28
C GLY A 83 5.16 30.16 48.03
N ILE A 84 6.36 29.66 47.73
CA ILE A 84 7.56 30.08 48.46
C ILE A 84 8.22 31.24 47.73
N TRP A 85 7.46 31.93 46.88
CA TRP A 85 7.88 33.18 46.27
C TRP A 85 6.91 34.32 46.55
N GLY A 86 5.79 34.04 47.19
CA GLY A 86 4.73 35.02 47.32
C GLY A 86 3.89 35.14 46.08
N CYS A 87 3.59 34.02 45.43
CA CYS A 87 2.95 34.02 44.12
C CYS A 87 1.94 32.90 44.00
N SER A 88 1.36 32.46 45.12
CA SER A 88 0.57 31.23 45.14
C SER A 88 -0.62 31.32 44.20
N GLY A 89 -1.55 32.24 44.48
CA GLY A 89 -2.74 32.36 43.67
C GLY A 89 -2.58 33.21 42.42
N LYS A 90 -1.35 33.56 42.06
CA LYS A 90 -1.13 34.51 40.98
C LYS A 90 -0.57 33.83 39.74
N ILE A 91 -0.88 34.41 38.59
CA ILE A 91 -0.33 33.99 37.30
C ILE A 91 0.83 34.88 36.88
N ILE A 92 0.71 36.18 37.16
CA ILE A 92 1.74 37.17 36.81
C ILE A 92 2.02 37.93 38.09
N CYS A 93 3.03 37.50 38.84
CA CYS A 93 3.42 38.16 40.09
C CYS A 93 4.74 38.89 39.87
N CYS A 94 4.78 40.16 40.27
CA CYS A 94 6.01 40.92 40.23
C CYS A 94 6.84 40.64 41.48
N THR A 95 8.13 40.94 41.39
CA THR A 95 9.06 40.67 42.51
C THR A 95 9.98 41.86 42.76
N ASN A 96 10.60 41.90 43.92
CA ASN A 96 11.52 42.94 44.36
C ASN A 96 12.98 42.59 44.12
N VAL A 97 13.25 41.50 43.42
CA VAL A 97 14.63 41.09 43.12
C VAL A 97 15.03 41.74 41.79
N PRO A 98 16.09 42.54 41.75
CA PRO A 98 16.48 43.20 40.51
C PRO A 98 17.00 42.19 39.51
N TRP A 99 17.11 42.65 38.25
CA TRP A 99 17.64 41.83 37.17
C TRP A 99 19.12 42.15 37.00
N ASN A 100 19.96 41.17 37.29
CA ASN A 100 21.40 41.29 37.11
C ASN A 100 21.75 41.07 35.64
N ASP A 101 22.44 42.04 35.03
CA ASP A 101 22.74 41.96 33.61
C ASP A 101 23.70 40.84 33.27
N SER A 102 24.36 40.23 34.27
CA SER A 102 25.15 39.03 34.01
C SER A 102 24.28 37.91 33.47
N TRP A 103 22.99 37.93 33.81
CA TRP A 103 22.06 36.93 33.30
C TRP A 103 21.64 37.25 31.87
N SER A 104 21.46 38.53 31.56
CA SER A 104 21.07 38.93 30.21
C SER A 104 21.45 40.38 29.97
N ASN A 105 22.07 40.63 28.81
CA ASN A 105 22.39 41.98 28.37
C ASN A 105 21.20 42.69 27.74
N LYS A 106 20.22 41.93 27.25
CA LYS A 106 19.20 42.47 26.37
C LYS A 106 18.20 43.34 27.13
N THR A 107 17.51 44.19 26.38
CA THR A 107 16.49 45.05 26.94
C THR A 107 15.14 44.31 26.95
N ILE A 108 14.10 45.04 27.39
CA ILE A 108 12.76 44.46 27.40
C ILE A 108 12.24 44.27 25.98
N ASN A 109 12.63 45.15 25.06
CA ASN A 109 12.16 45.04 23.69
C ASN A 109 12.92 43.99 22.89
N GLU A 110 14.19 43.74 23.23
CA GLU A 110 14.92 42.65 22.58
C GLU A 110 14.46 41.28 23.06
N ILE A 111 13.77 41.22 24.20
CA ILE A 111 13.37 39.95 24.80
C ILE A 111 11.94 39.61 24.39
N TRP A 112 11.00 40.51 24.68
CA TRP A 112 9.59 40.23 24.50
C TRP A 112 9.10 40.45 23.07
N ASP A 113 9.91 41.06 22.21
CA ASP A 113 9.50 41.32 20.84
C ASP A 113 10.41 40.62 19.83
N ASN A 114 11.19 39.63 20.27
CA ASN A 114 12.19 39.05 19.39
C ASN A 114 12.48 37.59 19.74
N MET A 115 11.96 37.12 20.87
CA MET A 115 12.23 35.79 21.34
C MET A 115 10.94 35.10 21.77
N THR A 116 10.97 33.77 21.73
CA THR A 116 9.90 32.95 22.28
C THR A 116 10.33 32.37 23.61
N TRP A 117 9.34 32.00 24.43
CA TRP A 117 9.64 31.44 25.74
C TRP A 117 10.55 30.22 25.64
N MET A 118 10.38 29.44 24.58
CA MET A 118 11.21 28.25 24.40
C MET A 118 12.69 28.60 24.34
N GLN A 119 13.04 29.63 23.60
CA GLN A 119 14.44 30.01 23.46
C GLN A 119 14.91 30.97 24.53
N TRP A 120 14.00 31.69 25.19
CA TRP A 120 14.39 32.46 26.36
C TRP A 120 14.73 31.54 27.52
N GLU A 121 13.96 30.46 27.70
CA GLU A 121 14.31 29.44 28.67
C GLU A 121 15.69 28.87 28.39
N LYS A 122 16.00 28.60 27.12
CA LYS A 122 17.28 28.02 26.76
C LYS A 122 18.44 28.95 27.12
N GLU A 123 18.20 30.26 27.09
CA GLU A 123 19.27 31.21 27.39
C GLU A 123 19.51 31.34 28.88
N ILE A 124 18.45 31.58 29.66
CA ILE A 124 18.58 31.86 31.08
C ILE A 124 18.61 30.55 31.86
N ASP A 125 18.68 29.42 31.15
CA ASP A 125 18.67 28.12 31.82
C ASP A 125 19.87 27.95 32.75
N ASN A 126 20.96 28.66 32.48
CA ASN A 126 22.14 28.57 33.34
C ASN A 126 21.84 29.17 34.72
N TYR A 127 21.34 30.41 34.75
CA TYR A 127 21.08 31.10 36.00
C TYR A 127 19.70 30.83 36.56
N THR A 128 18.92 29.94 35.94
CA THR A 128 17.56 29.70 36.40
C THR A 128 17.53 29.10 37.80
N GLN A 129 18.44 28.17 38.09
CA GLN A 129 18.47 27.57 39.42
C GLN A 129 18.90 28.58 40.47
N HIS A 130 19.74 29.54 40.10
CA HIS A 130 20.19 30.56 41.05
C HIS A 130 19.05 31.52 41.40
N ILE A 131 18.34 32.02 40.39
CA ILE A 131 17.28 33.00 40.64
C ILE A 131 16.17 32.41 41.49
N TYR A 132 15.97 31.09 41.44
CA TYR A 132 14.93 30.48 42.26
C TYR A 132 15.17 30.71 43.73
N THR A 133 16.42 30.58 44.18
CA THR A 133 16.74 30.86 45.57
C THR A 133 16.58 32.35 45.87
N LEU A 134 17.11 33.20 44.98
CA LEU A 134 16.95 34.65 45.15
C LEU A 134 15.48 35.02 45.31
N LEU A 135 14.60 34.37 44.55
CA LEU A 135 13.17 34.60 44.74
C LEU A 135 12.71 34.15 46.12
N GLU A 136 13.36 33.12 46.68
CA GLU A 136 12.91 32.54 47.94
C GLU A 136 13.39 33.35 49.14
N VAL A 137 14.67 33.71 49.15
CA VAL A 137 15.26 34.35 50.33
C VAL A 137 15.17 35.87 50.26
N SER A 138 15.60 36.46 49.14
CA SER A 138 15.73 37.92 49.06
C SER A 138 14.39 38.64 49.19
N GLN A 139 13.27 37.92 49.11
CA GLN A 139 11.98 38.59 49.18
C GLN A 139 11.03 37.91 50.14
N ILE A 140 10.35 36.86 49.67
CA ILE A 140 9.25 36.29 50.44
C ILE A 140 9.73 35.76 51.78
N GLN A 141 11.02 35.44 51.90
CA GLN A 141 11.58 35.16 53.21
C GLN A 141 11.77 36.45 54.01
N GLN A 142 12.19 37.51 53.33
CA GLN A 142 12.36 38.81 53.98
C GLN A 142 11.02 39.51 54.18
N GLU A 143 10.17 39.50 53.15
CA GLU A 143 8.88 40.17 53.25
C GLU A 143 8.09 39.67 54.45
N LYS A 144 8.01 38.34 54.61
CA LYS A 144 7.23 37.78 55.71
C LYS A 144 7.87 38.06 57.08
N ASN A 145 9.16 38.39 57.12
CA ASN A 145 9.76 38.86 58.36
C ASN A 145 9.51 40.35 58.56
N GLU A 146 9.76 41.16 57.53
CA GLU A 146 9.51 42.59 57.63
C GLU A 146 8.05 42.87 57.96
N GLN A 147 7.13 42.16 57.32
CA GLN A 147 5.71 42.41 57.58
C GLN A 147 5.31 41.96 58.98
N GLU A 148 5.93 40.91 59.50
CA GLU A 148 5.67 40.51 60.88
C GLU A 148 6.38 41.42 61.86
N LEU A 149 7.57 41.91 61.52
CA LEU A 149 8.29 42.83 62.40
C LEU A 149 7.54 44.15 62.55
N LEU A 150 6.96 44.66 61.47
CA LEU A 150 6.29 45.95 61.52
C LEU A 150 4.84 45.85 61.94
N GLU A 151 4.25 44.65 61.96
CA GLU A 151 2.93 44.47 62.53
C GLU A 151 2.98 44.16 64.03
N LEU A 152 4.17 44.11 64.62
CA LEU A 152 4.28 44.16 66.06
C LEU A 152 3.75 45.48 66.60
N ASP A 153 3.97 46.57 65.85
CA ASP A 153 3.56 47.90 66.26
C ASP A 153 2.50 48.47 65.31
N GLU B 1 27.13 34.21 13.25
CA GLU B 1 25.77 34.72 13.41
C GLU B 1 25.03 34.76 12.08
N GLY B 2 23.93 35.51 12.05
CA GLY B 2 23.16 35.64 10.83
C GLY B 2 23.93 36.39 9.77
N GLN B 3 23.85 35.89 8.54
CA GLN B 3 24.58 36.46 7.41
C GLN B 3 23.71 36.40 6.17
N LEU B 4 23.96 37.34 5.26
CA LEU B 4 23.25 37.44 4.00
C LEU B 4 24.26 37.55 2.87
N VAL B 5 24.10 36.72 1.84
CA VAL B 5 25.01 36.68 0.70
C VAL B 5 24.17 36.82 -0.57
N GLN B 6 24.34 37.93 -1.27
CA GLN B 6 23.60 38.18 -2.49
C GLN B 6 24.32 37.55 -3.69
N SER B 7 23.77 37.79 -4.88
CA SER B 7 24.39 37.35 -6.12
C SER B 7 25.53 38.31 -6.47
N GLY B 8 26.22 38.00 -7.57
CA GLY B 8 27.30 38.84 -8.04
C GLY B 8 26.82 40.01 -8.87
N ALA B 9 27.74 40.94 -9.13
CA ALA B 9 27.41 42.10 -9.95
C ALA B 9 27.13 41.68 -11.38
N GLU B 10 26.19 42.39 -12.00
CA GLU B 10 25.72 42.05 -13.34
C GLU B 10 25.66 43.30 -14.21
N LEU B 11 25.61 43.07 -15.52
CA LEU B 11 25.48 44.12 -16.52
C LEU B 11 24.33 43.78 -17.45
N LYS B 12 23.44 44.74 -17.70
CA LYS B 12 22.27 44.51 -18.53
C LYS B 12 22.03 45.73 -19.40
N LYS B 13 21.54 45.48 -20.61
CA LYS B 13 21.27 46.56 -21.56
C LYS B 13 19.92 47.22 -21.26
N PRO B 14 19.81 48.53 -21.50
CA PRO B 14 18.55 49.24 -21.17
C PRO B 14 17.34 48.68 -21.92
N GLY B 15 16.43 48.08 -21.16
CA GLY B 15 15.25 47.46 -21.75
C GLY B 15 15.01 46.05 -21.23
N ALA B 16 16.09 45.35 -20.88
CA ALA B 16 16.01 43.98 -20.38
C ALA B 16 15.59 44.00 -18.91
N SER B 17 15.71 42.85 -18.25
CA SER B 17 15.41 42.71 -16.84
C SER B 17 16.52 41.94 -16.15
N VAL B 18 16.50 41.97 -14.81
CA VAL B 18 17.50 41.31 -13.99
C VAL B 18 16.81 40.77 -12.74
N LYS B 19 17.32 39.65 -12.22
CA LYS B 19 16.78 39.02 -11.03
C LYS B 19 17.92 38.77 -10.05
N ILE B 20 17.93 39.50 -8.94
CA ILE B 20 19.00 39.43 -7.95
C ILE B 20 18.55 38.53 -6.80
N SER B 21 19.46 37.69 -6.32
CA SER B 21 19.17 36.74 -5.26
C SER B 21 19.74 37.24 -3.93
N CYS B 22 19.22 36.65 -2.84
CA CYS B 22 19.64 36.98 -1.48
C CYS B 22 19.41 35.72 -0.64
N LYS B 23 20.48 34.99 -0.36
CA LYS B 23 20.43 33.71 0.32
C LYS B 23 20.90 33.90 1.77
N THR B 24 19.99 33.71 2.71
CA THR B 24 20.23 33.99 4.12
C THR B 24 20.57 32.71 4.89
N SER B 25 21.29 32.90 5.98
CA SER B 25 21.57 31.82 6.92
C SER B 25 21.81 32.44 8.29
N GLY B 26 21.96 31.57 9.29
CA GLY B 26 22.20 31.99 10.64
C GLY B 26 20.95 32.21 11.47
N TYR B 27 19.82 32.55 10.85
CA TYR B 27 18.58 32.84 11.56
C TYR B 27 17.41 32.16 10.88
N ARG B 28 16.27 32.15 11.56
CA ARG B 28 15.03 31.67 10.99
C ARG B 28 14.58 32.61 9.87
N PHE B 29 14.68 32.14 8.63
CA PHE B 29 14.38 32.98 7.48
C PHE B 29 12.95 33.50 7.51
N ASN B 30 12.01 32.72 8.05
CA ASN B 30 10.61 33.10 8.06
C ASN B 30 10.26 34.10 9.16
N PHE B 31 11.12 34.28 10.16
CA PHE B 31 10.76 35.12 11.30
C PHE B 31 10.81 36.61 11.00
N TYR B 32 11.66 37.03 10.06
CA TYR B 32 11.85 38.45 9.81
C TYR B 32 11.61 38.76 8.34
N HIS B 33 11.17 39.98 8.07
CA HIS B 33 10.95 40.45 6.71
C HIS B 33 12.27 40.49 5.94
N ILE B 34 12.16 40.72 4.64
CA ILE B 34 13.31 40.93 3.76
C ILE B 34 13.07 42.20 2.97
N ASN B 35 13.91 43.21 3.18
CA ASN B 35 13.81 44.49 2.50
C ASN B 35 14.76 44.56 1.32
N TRP B 36 14.42 45.40 0.35
CA TRP B 36 15.27 45.64 -0.82
C TRP B 36 15.55 47.14 -0.91
N ILE B 37 16.81 47.52 -0.76
CA ILE B 37 17.22 48.91 -0.79
C ILE B 37 18.33 49.07 -1.81
N ARG B 38 18.18 50.05 -2.71
CA ARG B 38 19.20 50.38 -3.69
C ARG B 38 19.72 51.79 -3.42
N GLN B 39 20.93 52.05 -3.92
CA GLN B 39 21.54 53.36 -3.79
C GLN B 39 22.16 53.74 -5.13
N THR B 40 21.56 54.73 -5.79
CA THR B 40 22.08 55.30 -7.02
C THR B 40 22.72 56.64 -6.73
N ALA B 41 23.73 57.01 -7.54
CA ALA B 41 24.47 58.24 -7.30
C ALA B 41 23.59 59.47 -7.47
N GLY B 42 22.54 59.38 -8.30
CA GLY B 42 21.74 60.56 -8.58
C GLY B 42 20.73 60.91 -7.50
N ARG B 43 20.22 59.91 -6.78
CA ARG B 43 19.17 60.14 -5.80
C ARG B 43 19.52 59.59 -4.42
N GLY B 44 20.76 59.16 -4.19
CA GLY B 44 21.15 58.60 -2.92
C GLY B 44 20.43 57.30 -2.62
N PRO B 45 20.33 56.96 -1.33
CA PRO B 45 19.65 55.72 -0.97
C PRO B 45 18.15 55.82 -1.20
N GLU B 46 17.56 54.70 -1.64
CA GLU B 46 16.15 54.67 -1.98
C GLU B 46 15.58 53.31 -1.59
N TRP B 47 14.53 53.31 -0.78
CA TRP B 47 13.89 52.08 -0.32
C TRP B 47 12.87 51.61 -1.35
N MET B 48 12.95 50.34 -1.73
CA MET B 48 12.09 49.77 -2.76
C MET B 48 10.89 49.03 -2.18
N GLY B 49 11.13 48.02 -1.36
CA GLY B 49 10.03 47.28 -0.78
C GLY B 49 10.53 46.23 0.19
N TRP B 50 9.57 45.57 0.84
CA TRP B 50 9.87 44.40 1.65
C TRP B 50 8.80 43.34 1.41
N ILE B 51 9.14 42.11 1.80
CA ILE B 51 8.24 40.96 1.69
C ILE B 51 8.34 40.17 2.99
N SER B 52 7.24 39.51 3.35
CA SER B 52 7.19 38.69 4.56
C SER B 52 7.44 37.23 4.18
N PRO B 53 8.62 36.69 4.44
CA PRO B 53 8.88 35.27 4.09
C PRO B 53 7.87 34.31 4.69
N TYR B 54 7.32 34.63 5.86
CA TYR B 54 6.33 33.77 6.51
C TYR B 54 5.05 33.74 5.70
N SER B 55 4.31 34.83 5.74
CA SER B 55 3.00 35.02 5.06
C SER B 55 3.04 35.12 3.54
N GLY B 56 3.98 35.88 2.99
CA GLY B 56 3.98 36.22 1.58
C GLY B 56 3.48 37.61 1.28
N ASP B 57 3.13 38.39 2.29
CA ASP B 57 2.75 39.78 2.08
C ASP B 57 3.93 40.58 1.58
N LYS B 58 3.67 41.53 0.68
CA LYS B 58 4.70 42.43 0.17
C LYS B 58 4.20 43.86 0.20
N ASN B 59 5.13 44.80 0.35
CA ASN B 59 4.81 46.23 0.38
C ASN B 59 5.78 46.94 -0.53
N LEU B 60 5.30 47.42 -1.68
CA LEU B 60 6.14 48.05 -2.68
C LEU B 60 5.94 49.56 -2.67
N ALA B 61 7.04 50.29 -2.85
CA ALA B 61 6.98 51.73 -2.93
C ALA B 61 6.31 52.15 -4.24
N PRO B 62 5.67 53.32 -4.26
CA PRO B 62 4.97 53.76 -5.47
C PRO B 62 5.88 53.91 -6.67
N ALA B 63 7.17 54.18 -6.46
CA ALA B 63 8.13 54.31 -7.54
C ALA B 63 8.62 52.96 -8.05
N PHE B 64 8.19 51.85 -7.44
CA PHE B 64 8.60 50.53 -7.87
C PHE B 64 7.45 49.55 -7.93
N GLN B 65 6.20 50.01 -7.88
CA GLN B 65 5.04 49.13 -7.78
C GLN B 65 4.63 48.52 -9.10
N ASP B 66 5.25 48.92 -10.21
CA ASP B 66 4.92 48.40 -11.53
C ASP B 66 6.05 47.64 -12.20
N ARG B 67 7.25 47.62 -11.61
CA ARG B 67 8.44 47.07 -12.27
C ARG B 67 9.30 46.21 -11.35
N VAL B 68 8.77 45.79 -10.20
CA VAL B 68 9.51 44.99 -9.24
C VAL B 68 8.66 43.80 -8.81
N ILE B 69 9.23 42.60 -8.88
CA ILE B 69 8.56 41.37 -8.47
C ILE B 69 9.43 40.70 -7.41
N MET B 70 8.99 40.77 -6.15
CA MET B 70 9.70 40.14 -5.05
C MET B 70 9.09 38.77 -4.76
N THR B 71 9.95 37.79 -4.49
CA THR B 71 9.52 36.45 -4.13
C THR B 71 10.53 35.86 -3.15
N THR B 72 10.11 34.79 -2.47
CA THR B 72 10.97 34.06 -1.55
C THR B 72 10.75 32.57 -1.71
N ASP B 73 11.79 31.80 -1.37
CA ASP B 73 11.68 30.35 -1.32
C ASP B 73 11.37 29.91 0.11
N THR B 74 10.87 28.68 0.23
CA THR B 74 10.56 28.16 1.56
C THR B 74 11.83 27.86 2.33
N GLU B 75 11.80 28.12 3.64
CA GLU B 75 12.99 27.97 4.46
C GLU B 75 13.36 26.49 4.62
N VAL B 76 14.66 26.24 4.74
CA VAL B 76 15.21 24.92 4.97
C VAL B 76 15.76 24.88 6.39
N PRO B 77 15.20 24.09 7.30
CA PRO B 77 15.67 24.10 8.67
C PRO B 77 17.13 23.67 8.79
N VAL B 78 17.87 24.40 9.63
CA VAL B 78 19.19 24.00 10.12
C VAL B 78 19.09 23.40 11.53
N THR B 79 18.67 24.19 12.51
CA THR B 79 18.27 23.70 13.83
C THR B 79 16.83 24.13 14.05
N SER B 80 16.34 24.01 15.29
CA SER B 80 14.97 24.41 15.60
C SER B 80 14.77 25.93 15.58
N PHE B 81 15.85 26.70 15.66
CA PHE B 81 15.76 28.15 15.72
C PHE B 81 16.53 28.84 14.61
N THR B 82 17.04 28.11 13.63
CA THR B 82 17.70 28.69 12.47
C THR B 82 17.22 27.99 11.21
N SER B 83 17.57 28.56 10.07
CA SER B 83 17.24 27.98 8.78
C SER B 83 18.09 28.67 7.70
N THR B 84 17.85 28.28 6.46
CA THR B 84 18.46 28.92 5.30
C THR B 84 17.36 29.30 4.32
N GLY B 85 17.34 30.56 3.89
CA GLY B 85 16.34 31.06 2.99
C GLY B 85 16.94 31.64 1.72
N ALA B 86 16.04 32.12 0.86
CA ALA B 86 16.42 32.71 -0.41
C ALA B 86 15.33 33.66 -0.87
N ALA B 87 15.67 34.94 -1.02
CA ALA B 87 14.75 35.96 -1.47
C ALA B 87 15.23 36.53 -2.79
N TYR B 88 14.28 36.82 -3.68
CA TYR B 88 14.59 37.27 -5.03
C TYR B 88 13.81 38.54 -5.35
N MET B 89 14.43 39.38 -6.19
CA MET B 89 13.83 40.63 -6.63
C MET B 89 14.15 40.82 -8.12
N GLU B 90 13.12 41.17 -8.89
CA GLU B 90 13.23 41.26 -10.35
C GLU B 90 12.81 42.65 -10.80
N ILE B 91 13.75 43.43 -11.33
CA ILE B 91 13.48 44.75 -11.88
C ILE B 91 13.38 44.62 -13.39
N ARG B 92 12.39 45.29 -13.97
CA ARG B 92 12.16 45.25 -15.40
C ARG B 92 12.25 46.66 -15.98
N ASN B 93 12.55 46.72 -17.28
CA ASN B 93 12.69 47.98 -18.02
C ASN B 93 13.81 48.84 -17.43
N LEU B 94 15.00 48.26 -17.38
CA LEU B 94 16.15 48.95 -16.81
C LEU B 94 16.50 50.18 -17.64
N LYS B 95 16.85 51.25 -16.94
CA LYS B 95 17.31 52.49 -17.57
C LYS B 95 18.70 52.81 -17.03
N PHE B 96 19.31 53.86 -17.59
CA PHE B 96 20.66 54.20 -17.19
C PHE B 96 20.71 54.68 -15.74
N ASP B 97 19.69 55.42 -15.31
CA ASP B 97 19.67 55.95 -13.95
C ASP B 97 19.45 54.88 -12.90
N ASP B 98 19.10 53.65 -13.30
CA ASP B 98 19.00 52.55 -12.36
C ASP B 98 20.35 52.00 -11.94
N THR B 99 21.44 52.52 -12.49
CA THR B 99 22.78 52.03 -12.16
C THR B 99 23.12 52.35 -10.71
N GLY B 100 23.53 51.33 -9.96
CA GLY B 100 23.89 51.52 -8.59
C GLY B 100 24.01 50.18 -7.87
N THR B 101 24.17 50.27 -6.56
CA THR B 101 24.28 49.09 -5.71
C THR B 101 22.92 48.74 -5.14
N TYR B 102 22.64 47.44 -5.04
CA TYR B 102 21.36 46.94 -4.55
C TYR B 102 21.59 46.06 -3.34
N PHE B 103 20.80 46.28 -2.30
CA PHE B 103 20.97 45.59 -1.03
C PHE B 103 19.69 44.87 -0.63
N CYS B 104 19.85 43.71 0.02
CA CYS B 104 18.77 43.06 0.75
C CYS B 104 19.04 43.18 2.24
N ALA B 105 17.97 43.31 3.02
CA ALA B 105 18.11 43.61 4.44
C ALA B 105 17.12 42.78 5.26
N LYS B 106 17.63 42.20 6.34
CA LYS B 106 16.81 41.43 7.26
C LYS B 106 16.06 42.36 8.19
N GLY B 107 14.82 41.97 8.53
CA GLY B 107 14.05 42.76 9.46
C GLY B 107 14.72 42.87 10.82
N LEU B 108 14.09 43.67 11.67
CA LEU B 108 14.64 44.07 12.96
C LEU B 108 14.04 43.27 14.12
N LEU B 109 12.72 43.32 14.30
CA LEU B 109 12.06 42.64 15.40
C LEU B 109 10.91 41.80 14.86
N ARG B 110 10.57 40.74 15.60
CA ARG B 110 9.43 39.91 15.20
C ARG B 110 8.12 40.66 15.35
N ASP B 111 7.93 41.35 16.46
CA ASP B 111 6.69 42.07 16.72
C ASP B 111 7.03 43.45 17.30
N GLY B 112 6.07 44.37 17.19
CA GLY B 112 6.26 45.70 17.73
C GLY B 112 5.76 46.81 16.82
N SER B 113 6.54 47.89 16.71
CA SER B 113 6.19 49.03 15.88
C SER B 113 7.23 49.33 14.80
N SER B 114 8.30 48.54 14.73
CA SER B 114 9.31 48.67 13.70
C SER B 114 9.85 47.27 13.37
N THR B 115 8.93 46.39 12.93
CA THR B 115 9.29 45.00 12.68
C THR B 115 10.14 44.86 11.42
N TRP B 116 9.65 45.39 10.31
CA TRP B 116 10.27 45.22 8.99
C TRP B 116 11.57 46.00 8.83
N LEU B 117 11.99 46.78 9.82
CA LEU B 117 13.06 47.74 9.64
C LEU B 117 14.32 47.05 9.14
N PRO B 118 14.99 47.59 8.12
CA PRO B 118 16.24 46.97 7.63
C PRO B 118 17.34 46.96 8.69
N TYR B 119 17.66 45.78 9.21
CA TYR B 119 18.66 45.64 10.27
C TYR B 119 19.95 45.02 9.73
N LEU B 120 19.92 43.73 9.37
CA LEU B 120 21.09 43.07 8.80
C LEU B 120 21.07 43.26 7.29
N TRP B 121 22.14 43.85 6.75
CA TRP B 121 22.22 44.20 5.35
C TRP B 121 23.10 43.22 4.58
N GLY B 122 22.85 43.15 3.26
CA GLY B 122 23.67 42.35 2.37
C GLY B 122 24.92 43.09 1.90
N GLN B 123 25.83 42.33 1.29
CA GLN B 123 27.13 42.88 0.90
C GLN B 123 27.07 43.73 -0.36
N GLY B 124 25.94 43.78 -1.04
CA GLY B 124 25.80 44.64 -2.20
C GLY B 124 25.82 43.86 -3.50
N THR B 125 24.94 44.26 -4.43
CA THR B 125 24.92 43.75 -5.79
C THR B 125 24.94 44.93 -6.74
N LEU B 126 26.13 45.30 -7.20
CA LEU B 126 26.29 46.44 -8.10
C LEU B 126 25.71 46.10 -9.47
N LEU B 127 24.72 46.86 -9.90
CA LEU B 127 24.09 46.67 -11.21
C LEU B 127 24.36 47.90 -12.07
N THR B 128 25.03 47.69 -13.19
CA THR B 128 25.27 48.73 -14.17
C THR B 128 24.42 48.49 -15.40
N VAL B 129 23.78 49.56 -15.90
CA VAL B 129 22.91 49.48 -17.06
C VAL B 129 23.47 50.43 -18.12
N SER B 130 24.07 49.86 -19.16
CA SER B 130 24.68 50.62 -20.23
C SER B 130 24.46 49.91 -21.55
N SER B 131 24.64 50.65 -22.64
CA SER B 131 24.53 50.09 -23.98
C SER B 131 25.82 49.45 -24.47
N ALA B 132 26.95 49.78 -23.86
CA ALA B 132 28.24 49.25 -24.28
C ALA B 132 28.34 47.77 -23.90
N SER B 133 29.45 47.16 -24.29
CA SER B 133 29.70 45.74 -24.04
C SER B 133 30.80 45.57 -22.99
N THR B 134 30.83 44.37 -22.42
CA THR B 134 31.84 44.04 -21.41
C THR B 134 33.23 44.02 -22.03
N LYS B 135 34.18 44.69 -21.37
CA LYS B 135 35.57 44.73 -21.81
C LYS B 135 36.46 44.16 -20.72
N GLY B 136 37.29 43.19 -21.08
CA GLY B 136 38.24 42.61 -20.16
C GLY B 136 39.41 43.54 -19.90
N PRO B 137 40.06 43.35 -18.75
CA PRO B 137 41.18 44.23 -18.39
C PRO B 137 42.53 43.70 -18.87
N SER B 138 43.47 44.62 -18.98
CA SER B 138 44.85 44.31 -19.30
C SER B 138 45.71 44.61 -18.08
N VAL B 139 46.51 43.64 -17.66
CA VAL B 139 47.28 43.72 -16.42
C VAL B 139 48.75 43.94 -16.75
N PHE B 140 49.37 44.91 -16.08
CA PHE B 140 50.78 45.22 -16.23
C PHE B 140 51.47 45.15 -14.87
N PRO B 141 52.69 44.63 -14.80
CA PRO B 141 53.40 44.57 -13.51
C PRO B 141 54.02 45.91 -13.16
N LEU B 142 53.97 46.23 -11.86
CA LEU B 142 54.56 47.45 -11.34
C LEU B 142 55.92 47.12 -10.71
N ALA B 143 56.95 47.83 -11.16
CA ALA B 143 58.29 47.59 -10.65
C ALA B 143 58.38 48.01 -9.18
N PRO B 144 59.20 47.31 -8.38
CA PRO B 144 59.34 47.69 -6.98
C PRO B 144 59.96 49.06 -6.82
N SER B 145 59.47 49.81 -5.83
CA SER B 145 59.96 51.15 -5.53
C SER B 145 60.35 51.22 -4.07
N SER B 146 61.25 52.15 -3.76
CA SER B 146 61.75 52.30 -2.41
C SER B 146 60.74 53.07 -1.56
N LYS B 147 60.48 52.55 -0.36
CA LYS B 147 59.60 53.20 0.60
C LYS B 147 60.32 53.77 1.80
N SER B 148 61.37 53.09 2.28
CA SER B 148 62.16 53.57 3.42
C SER B 148 63.55 52.96 3.31
N THR B 149 64.55 53.80 3.06
CA THR B 149 65.92 53.31 2.93
C THR B 149 66.45 52.82 4.27
N SER B 150 66.20 53.57 5.34
CA SER B 150 66.67 53.17 6.67
C SER B 150 65.84 52.04 7.25
N GLY B 151 64.57 51.93 6.85
CA GLY B 151 63.70 50.89 7.34
C GLY B 151 63.82 49.59 6.58
N GLY B 152 64.32 49.66 5.35
CA GLY B 152 64.49 48.48 4.53
C GLY B 152 63.19 47.90 4.00
N THR B 153 62.26 48.75 3.55
CA THR B 153 60.99 48.31 3.04
C THR B 153 60.82 48.78 1.60
N ALA B 154 59.99 48.05 0.84
CA ALA B 154 59.73 48.36 -0.55
C ALA B 154 58.23 48.23 -0.81
N ALA B 155 57.85 48.39 -2.07
CA ALA B 155 56.44 48.31 -2.46
C ALA B 155 56.34 47.91 -3.91
N LEU B 156 55.53 46.90 -4.19
CA LEU B 156 55.30 46.41 -5.55
C LEU B 156 53.84 46.02 -5.69
N GLY B 157 53.39 45.85 -6.93
CA GLY B 157 52.02 45.48 -7.16
C GLY B 157 51.73 45.28 -8.63
N CYS B 158 50.43 45.30 -8.95
CA CYS B 158 49.95 45.10 -10.31
C CYS B 158 49.04 46.25 -10.70
N LEU B 159 48.78 46.36 -12.01
CA LEU B 159 48.02 47.47 -12.56
C LEU B 159 46.92 46.94 -13.47
N VAL B 160 45.68 47.38 -13.21
CA VAL B 160 44.52 47.04 -14.02
C VAL B 160 44.14 48.25 -14.85
N LYS B 161 43.86 48.03 -16.14
CA LYS B 161 43.65 49.14 -17.06
C LYS B 161 42.50 48.84 -18.02
N ASP B 162 41.65 49.85 -18.23
CA ASP B 162 40.62 49.86 -19.26
C ASP B 162 39.73 48.61 -19.23
N TYR B 163 38.84 48.55 -18.25
CA TYR B 163 37.82 47.52 -18.16
C TYR B 163 36.49 48.19 -17.83
N PHE B 164 35.43 47.78 -18.54
CA PHE B 164 34.18 48.50 -18.43
C PHE B 164 33.33 48.08 -17.23
N PRO B 165 33.10 46.78 -17.00
CA PRO B 165 32.29 46.40 -15.82
C PRO B 165 32.98 46.80 -14.52
N GLU B 166 32.18 47.29 -13.58
CA GLU B 166 32.70 47.90 -12.35
C GLU B 166 33.36 46.94 -11.36
N PRO B 167 32.81 45.74 -11.10
CA PRO B 167 33.44 44.86 -10.11
C PRO B 167 34.86 44.46 -10.51
N VAL B 168 35.71 44.31 -9.49
CA VAL B 168 37.12 44.00 -9.68
C VAL B 168 37.64 43.32 -8.43
N THR B 169 38.41 42.25 -8.61
CA THR B 169 38.94 41.46 -7.50
C THR B 169 40.43 41.25 -7.70
N VAL B 170 41.21 41.54 -6.65
CA VAL B 170 42.66 41.37 -6.67
C VAL B 170 43.06 40.56 -5.45
N SER B 171 43.80 39.49 -5.67
CA SER B 171 44.29 38.63 -4.60
C SER B 171 45.75 38.30 -4.85
N TRP B 172 46.49 38.10 -3.76
CA TRP B 172 47.91 37.81 -3.81
C TRP B 172 48.16 36.37 -3.36
N ASN B 173 48.90 35.63 -4.19
CA ASN B 173 49.27 34.24 -3.89
C ASN B 173 48.03 33.39 -3.60
N SER B 174 46.97 33.63 -4.39
CA SER B 174 45.69 32.92 -4.23
C SER B 174 45.13 33.07 -2.82
N GLY B 175 45.26 34.27 -2.26
CA GLY B 175 44.75 34.57 -0.95
C GLY B 175 45.71 34.29 0.20
N ALA B 176 46.91 33.78 -0.09
CA ALA B 176 47.86 33.49 0.98
C ALA B 176 48.44 34.77 1.58
N LEU B 177 48.70 35.77 0.75
CA LEU B 177 49.26 37.04 1.19
C LEU B 177 48.12 38.04 1.38
N THR B 178 47.79 38.33 2.64
CA THR B 178 46.74 39.28 2.97
C THR B 178 47.23 40.48 3.76
N SER B 179 48.42 40.42 4.35
CA SER B 179 48.96 41.53 5.12
C SER B 179 49.74 42.48 4.22
N GLY B 180 49.53 43.77 4.42
CA GLY B 180 50.23 44.79 3.66
C GLY B 180 49.62 45.12 2.32
N VAL B 181 48.56 44.44 1.91
CA VAL B 181 47.93 44.70 0.62
C VAL B 181 47.08 45.95 0.72
N HIS B 182 47.11 46.77 -0.34
CA HIS B 182 46.34 48.00 -0.39
C HIS B 182 45.84 48.18 -1.81
N THR B 183 44.53 48.11 -2.00
CA THR B 183 43.88 48.29 -3.30
C THR B 183 43.13 49.62 -3.31
N PHE B 184 43.26 50.35 -4.40
CA PHE B 184 42.71 51.68 -4.54
C PHE B 184 41.42 51.66 -5.36
N PRO B 185 40.56 52.66 -5.22
CA PRO B 185 39.34 52.71 -6.03
C PRO B 185 39.65 52.97 -7.50
N ALA B 186 38.67 52.69 -8.33
CA ALA B 186 38.83 52.84 -9.77
C ALA B 186 38.70 54.30 -10.18
N VAL B 187 39.23 54.63 -11.35
CA VAL B 187 39.14 55.96 -11.92
C VAL B 187 38.21 55.90 -13.13
N LEU B 188 37.44 56.97 -13.34
CA LEU B 188 36.51 57.06 -14.47
C LEU B 188 37.18 57.85 -15.58
N GLN B 189 37.65 57.13 -16.59
CA GLN B 189 38.23 57.79 -17.76
C GLN B 189 37.13 58.48 -18.57
N SER B 190 37.56 59.38 -19.46
CA SER B 190 36.61 60.06 -20.33
C SER B 190 35.97 59.12 -21.34
N SER B 191 36.64 58.00 -21.67
CA SER B 191 36.10 57.03 -22.61
C SER B 191 35.06 56.12 -21.98
N GLY B 192 34.94 56.10 -20.66
CA GLY B 192 33.99 55.25 -19.98
C GLY B 192 34.56 53.97 -19.42
N LEU B 193 35.87 53.77 -19.51
CA LEU B 193 36.52 52.57 -19.00
C LEU B 193 37.22 52.88 -17.68
N TYR B 194 37.20 51.91 -16.78
CA TYR B 194 37.76 52.09 -15.44
C TYR B 194 39.19 51.54 -15.37
N SER B 195 39.90 51.97 -14.33
CA SER B 195 41.28 51.55 -14.11
C SER B 195 41.62 51.82 -12.65
N LEU B 196 42.41 50.93 -12.06
CA LEU B 196 42.85 51.09 -10.68
C LEU B 196 44.19 50.37 -10.51
N SER B 197 44.65 50.30 -9.26
CA SER B 197 45.93 49.68 -8.95
C SER B 197 45.84 48.98 -7.62
N SER B 198 46.78 48.06 -7.39
CA SER B 198 46.88 47.33 -6.13
C SER B 198 48.36 47.18 -5.78
N VAL B 199 48.71 47.56 -4.56
CA VAL B 199 50.11 47.58 -4.12
C VAL B 199 50.21 46.90 -2.77
N VAL B 200 51.37 46.29 -2.51
CA VAL B 200 51.66 45.64 -1.24
C VAL B 200 53.08 46.01 -0.83
N THR B 201 53.25 46.35 0.45
CA THR B 201 54.54 46.75 0.99
C THR B 201 55.19 45.55 1.66
N VAL B 202 56.41 45.22 1.22
CA VAL B 202 57.14 44.06 1.74
C VAL B 202 58.56 44.50 2.06
N PRO B 203 59.24 43.80 2.98
CA PRO B 203 60.64 44.11 3.26
C PRO B 203 61.52 43.91 2.04
N SER B 204 62.58 44.71 1.97
CA SER B 204 63.46 44.66 0.80
C SER B 204 64.29 43.38 0.76
N SER B 205 64.56 42.79 1.92
CA SER B 205 65.37 41.57 2.00
C SER B 205 64.60 40.31 1.61
N SER B 206 63.30 40.42 1.34
CA SER B 206 62.48 39.27 0.97
C SER B 206 62.38 39.21 -0.55
N LEU B 207 63.40 38.61 -1.16
CA LEU B 207 63.44 38.46 -2.61
C LEU B 207 63.70 37.02 -2.99
N GLY B 208 64.43 36.28 -2.15
CA GLY B 208 64.80 34.92 -2.50
C GLY B 208 64.11 33.86 -1.68
N THR B 209 63.17 34.27 -0.83
CA THR B 209 62.42 33.35 0.00
C THR B 209 60.92 33.43 -0.18
N GLN B 210 60.40 34.43 -0.91
CA GLN B 210 58.97 34.59 -1.09
C GLN B 210 58.66 34.93 -2.53
N THR B 211 57.60 34.32 -3.06
CA THR B 211 57.14 34.57 -4.42
C THR B 211 55.87 35.41 -4.36
N TYR B 212 55.83 36.47 -5.16
CA TYR B 212 54.72 37.42 -5.17
C TYR B 212 54.00 37.33 -6.51
N ILE B 213 52.76 36.84 -6.49
CA ILE B 213 51.95 36.70 -7.69
C ILE B 213 50.58 37.32 -7.40
N CYS B 214 50.15 38.25 -8.25
CA CYS B 214 48.84 38.87 -8.12
C CYS B 214 47.83 38.13 -9.00
N ASN B 215 46.64 37.95 -8.46
CA ASN B 215 45.56 37.24 -9.15
C ASN B 215 44.39 38.21 -9.35
N VAL B 216 44.26 38.72 -10.57
CA VAL B 216 43.17 39.65 -10.91
C VAL B 216 42.09 38.85 -11.62
N ASN B 217 40.87 38.92 -11.09
CA ASN B 217 39.72 38.21 -11.65
C ASN B 217 38.66 39.24 -12.02
N HIS B 218 38.26 39.24 -13.29
CA HIS B 218 37.22 40.12 -13.82
C HIS B 218 36.10 39.22 -14.31
N LYS B 219 35.16 38.90 -13.41
CA LYS B 219 34.13 37.90 -13.63
C LYS B 219 33.13 38.29 -14.72
N PRO B 220 32.67 39.54 -14.82
CA PRO B 220 31.78 39.90 -15.94
C PRO B 220 32.39 39.64 -17.30
N SER B 221 33.72 39.59 -17.42
CA SER B 221 34.37 39.16 -18.65
C SER B 221 34.88 37.74 -18.59
N ASN B 222 34.85 37.10 -17.41
CA ASN B 222 35.31 35.73 -17.21
C ASN B 222 36.77 35.56 -17.66
N THR B 223 37.63 36.40 -17.06
CA THR B 223 39.05 36.41 -17.37
C THR B 223 39.84 36.42 -16.08
N LYS B 224 40.80 35.51 -15.97
CA LYS B 224 41.68 35.41 -14.80
C LYS B 224 43.11 35.62 -15.26
N VAL B 225 43.79 36.60 -14.66
CA VAL B 225 45.17 36.94 -14.99
C VAL B 225 46.04 36.70 -13.78
N ASP B 226 47.13 35.95 -13.96
CA ASP B 226 48.08 35.63 -12.91
C ASP B 226 49.45 36.12 -13.35
N LYS B 227 49.83 37.32 -12.90
CA LYS B 227 51.09 37.94 -13.27
C LYS B 227 52.12 37.76 -12.17
N ARG B 228 53.36 37.47 -12.56
CA ARG B 228 54.48 37.37 -11.64
C ARG B 228 55.24 38.69 -11.63
N VAL B 229 55.23 39.38 -10.51
CA VAL B 229 55.90 40.66 -10.37
C VAL B 229 57.40 40.43 -10.27
N GLU B 230 58.16 41.03 -11.18
CA GLU B 230 59.61 40.89 -11.17
C GLU B 230 60.19 41.64 -9.98
N PRO B 231 60.92 40.98 -9.08
CA PRO B 231 61.43 41.67 -7.89
C PRO B 231 62.61 42.58 -8.14
N LYS B 232 63.11 42.66 -9.37
CA LYS B 232 64.26 43.51 -9.66
C LYS B 232 63.79 44.94 -9.91
N SER B 233 64.30 45.87 -9.11
CA SER B 233 63.86 47.25 -9.14
C SER B 233 64.87 48.14 -9.88
N CYS B 234 64.46 49.37 -10.14
CA CYS B 234 65.32 50.35 -10.81
C CYS B 234 65.42 51.66 -10.04
N ASP B 235 64.87 51.74 -8.84
CA ASP B 235 64.94 52.95 -8.04
C ASP B 235 66.28 53.03 -7.32
N LYS B 236 66.90 54.21 -7.35
CA LYS B 236 68.22 54.38 -6.74
C LYS B 236 68.16 54.23 -5.23
N GLY B 237 67.07 54.67 -4.60
CA GLY B 237 66.95 54.54 -3.16
C GLY B 237 66.86 53.10 -2.68
N LEU B 238 66.34 52.21 -3.53
CA LEU B 238 66.23 50.81 -3.18
C LEU B 238 67.47 50.00 -3.56
N GLU B 239 68.24 50.46 -4.54
CA GLU B 239 69.45 49.76 -4.93
C GLU B 239 70.52 49.87 -3.85
N VAL B 240 70.52 50.96 -3.09
CA VAL B 240 71.50 51.15 -2.03
C VAL B 240 71.23 50.19 -0.87
N SER C 2 14.66 64.31 -2.79
CA SER C 2 14.09 63.74 -1.57
C SER C 2 13.34 64.79 -0.76
N VAL C 3 12.18 64.39 -0.22
CA VAL C 3 11.38 65.32 0.58
C VAL C 3 11.83 65.38 2.03
N LEU C 4 12.47 64.33 2.55
CA LEU C 4 13.02 64.34 3.90
C LEU C 4 14.40 64.99 3.84
N THR C 5 14.54 66.15 4.48
CA THR C 5 15.75 66.95 4.39
C THR C 5 16.56 66.81 5.68
N GLN C 6 17.85 66.55 5.51
CA GLN C 6 18.82 66.57 6.61
C GLN C 6 19.73 67.78 6.45
N SER C 7 20.52 68.03 7.48
CA SER C 7 21.57 69.03 7.37
C SER C 7 22.58 68.58 6.32
N ALA C 8 23.00 69.53 5.47
CA ALA C 8 23.94 69.19 4.41
C ALA C 8 25.24 68.64 4.99
N SER C 9 25.85 69.38 5.93
CA SER C 9 27.05 68.93 6.62
C SER C 9 26.99 69.43 8.06
N VAL C 10 27.86 68.87 8.90
CA VAL C 10 27.97 69.27 10.30
C VAL C 10 29.32 68.80 10.79
N SER C 11 29.78 69.41 11.88
CA SER C 11 31.12 69.07 12.36
C SER C 11 31.22 69.34 13.85
N GLY C 12 32.07 68.56 14.52
CA GLY C 12 32.35 68.75 15.92
C GLY C 12 33.79 68.38 16.21
N SER C 13 34.23 68.74 17.41
CA SER C 13 35.61 68.48 17.81
C SER C 13 35.75 67.12 18.47
N LEU C 14 36.99 66.64 18.52
CA LEU C 14 37.27 65.36 19.18
C LEU C 14 36.88 65.43 20.65
N GLY C 15 36.04 64.48 21.07
CA GLY C 15 35.52 64.48 22.42
C GLY C 15 34.37 65.44 22.65
N GLN C 16 34.09 66.33 21.71
CA GLN C 16 32.95 67.23 21.81
C GLN C 16 31.70 66.47 21.34
N SER C 17 30.62 67.19 21.08
CA SER C 17 29.38 66.59 20.62
C SER C 17 28.85 67.36 19.42
N VAL C 18 28.13 66.66 18.55
CA VAL C 18 27.56 67.22 17.35
C VAL C 18 26.11 66.75 17.23
N THR C 19 25.32 67.48 16.44
CA THR C 19 23.90 67.22 16.31
C THR C 19 23.48 67.30 14.86
N ILE C 20 22.73 66.29 14.39
CA ILE C 20 22.21 66.23 13.03
C ILE C 20 20.70 66.44 13.09
N SER C 21 20.16 67.17 12.13
CA SER C 21 18.73 67.43 12.05
C SER C 21 18.13 66.69 10.86
N CYS C 22 16.85 66.34 11.00
CA CYS C 22 16.14 65.54 9.99
C CYS C 22 14.66 65.93 10.07
N THR C 23 14.15 66.57 9.03
CA THR C 23 12.77 67.03 9.02
C THR C 23 12.31 67.21 7.57
N GLY C 24 11.00 67.34 7.41
CA GLY C 24 10.39 67.51 6.11
C GLY C 24 8.91 67.81 6.20
N PRO C 25 8.20 67.65 5.08
CA PRO C 25 6.78 68.03 5.03
C PRO C 25 5.88 67.16 5.90
N ASN C 26 4.57 67.47 5.89
CA ASN C 26 3.61 66.74 6.72
C ASN C 26 3.48 65.29 6.30
N SER C 27 3.79 64.97 5.04
CA SER C 27 3.76 63.58 4.60
C SER C 27 4.86 62.78 5.26
N VAL C 28 5.96 63.43 5.63
CA VAL C 28 7.09 62.82 6.31
C VAL C 28 7.35 63.49 7.65
N CYS C 29 6.33 64.14 8.21
CA CYS C 29 6.51 64.95 9.41
C CYS C 29 6.96 64.08 10.60
N CYS C 30 7.38 64.76 11.66
CA CYS C 30 7.98 64.10 12.81
C CYS C 30 6.97 63.77 13.90
N SER C 31 5.85 64.49 13.94
CA SER C 31 4.89 64.32 15.02
C SER C 31 4.34 62.89 15.06
N HIS C 32 4.03 62.32 13.90
CA HIS C 32 3.32 61.06 13.83
C HIS C 32 4.15 59.90 13.27
N LYS C 33 5.28 60.17 12.65
CA LYS C 33 6.09 59.13 12.03
C LYS C 33 7.29 58.79 12.91
N SER C 34 7.71 57.53 12.84
CA SER C 34 8.91 57.11 13.55
C SER C 34 10.15 57.40 12.71
N ILE C 35 11.21 57.83 13.38
CA ILE C 35 12.45 58.24 12.73
C ILE C 35 13.56 57.29 13.14
N SER C 36 14.24 56.70 12.16
CA SER C 36 15.41 55.86 12.41
C SER C 36 16.65 56.51 11.80
N TRP C 37 17.82 56.06 12.26
CA TRP C 37 19.08 56.64 11.84
C TRP C 37 20.04 55.54 11.43
N TYR C 38 20.79 55.78 10.36
CA TYR C 38 21.72 54.82 9.80
C TYR C 38 23.06 55.49 9.55
N GLN C 39 24.12 54.93 10.14
CA GLN C 39 25.48 55.30 9.77
C GLN C 39 25.84 54.53 8.50
N TRP C 40 25.89 55.24 7.37
CA TRP C 40 26.07 54.63 6.05
C TRP C 40 27.37 55.12 5.45
N PRO C 41 28.49 54.44 5.73
CA PRO C 41 29.74 54.82 5.09
C PRO C 41 29.67 54.58 3.59
N PRO C 42 30.34 55.42 2.80
CA PRO C 42 30.29 55.26 1.34
C PRO C 42 30.94 53.96 0.92
N GLY C 43 30.17 53.10 0.25
CA GLY C 43 30.65 51.85 -0.28
C GLY C 43 30.38 50.64 0.58
N ARG C 44 30.18 50.84 1.88
CA ARG C 44 29.94 49.73 2.80
C ARG C 44 28.46 49.65 3.17
N ALA C 45 28.09 48.55 3.80
CA ALA C 45 26.71 48.37 4.23
C ALA C 45 26.44 49.23 5.47
N PRO C 46 25.29 49.89 5.54
CA PRO C 46 25.00 50.76 6.68
C PRO C 46 24.74 49.95 7.95
N THR C 47 24.64 50.68 9.06
CA THR C 47 24.46 50.07 10.37
C THR C 47 23.39 50.84 11.13
N LEU C 48 22.31 50.15 11.51
CA LEU C 48 21.27 50.78 12.30
C LEU C 48 21.82 51.19 13.67
N ILE C 49 21.39 52.35 14.15
CA ILE C 49 21.89 52.86 15.43
C ILE C 49 20.71 53.28 16.30
N ILE C 50 19.68 53.86 15.68
CA ILE C 50 18.52 54.33 16.43
C ILE C 50 17.23 53.86 15.77
N TYR C 51 16.72 52.71 16.18
CA TYR C 51 15.47 52.14 15.63
C TYR C 51 14.15 52.85 15.89
N GLU C 52 13.93 53.44 17.03
CA GLU C 52 12.71 54.22 17.15
C GLU C 52 13.12 55.67 17.30
N ASP C 53 12.27 56.50 17.85
CA ASP C 53 12.69 57.92 17.98
C ASP C 53 13.91 58.02 18.88
N ASN C 54 13.98 57.24 19.95
CA ASN C 54 15.08 57.40 20.91
C ASN C 54 15.71 56.09 21.36
N GLU C 55 15.11 54.94 21.07
CA GLU C 55 15.70 53.66 21.46
C GLU C 55 16.80 53.28 20.47
N ARG C 56 17.98 52.96 21.00
CA ARG C 56 19.12 52.67 20.14
C ARG C 56 19.19 51.19 19.80
N ALA C 57 19.79 50.90 18.65
CA ALA C 57 19.87 49.54 18.13
C ALA C 57 20.72 48.67 19.04
N PRO C 58 20.58 47.34 18.93
CA PRO C 58 21.38 46.44 19.78
C PRO C 58 22.87 46.58 19.50
N GLY C 59 23.64 46.72 20.57
CA GLY C 59 25.09 46.85 20.46
C GLY C 59 25.57 48.22 20.09
N ILE C 60 24.75 49.26 20.27
CA ILE C 60 25.13 50.63 19.95
C ILE C 60 25.59 51.32 21.24
N SER C 61 26.73 52.01 21.16
CA SER C 61 27.25 52.72 22.31
C SER C 61 26.23 53.76 22.80
N PRO C 62 26.20 54.02 24.11
CA PRO C 62 25.30 55.06 24.63
C PRO C 62 25.66 56.48 24.19
N ARG C 63 26.71 56.64 23.39
CA ARG C 63 27.10 57.96 22.90
C ARG C 63 26.09 58.53 21.91
N PHE C 64 25.28 57.67 21.27
CA PHE C 64 24.32 58.11 20.27
C PHE C 64 22.96 58.30 20.94
N SER C 65 22.45 59.52 20.88
CA SER C 65 21.16 59.86 21.47
C SER C 65 20.18 60.25 20.37
N GLY C 66 18.90 59.94 20.61
CA GLY C 66 17.85 60.29 19.68
C GLY C 66 16.80 61.17 20.31
N TYR C 67 16.54 62.32 19.70
CA TYR C 67 15.49 63.22 20.15
C TYR C 67 14.67 63.69 18.96
N LYS C 68 13.38 63.91 19.19
CA LYS C 68 12.48 64.35 18.14
C LYS C 68 11.47 65.31 18.72
N SER C 69 11.36 66.49 18.11
CA SER C 69 10.31 67.44 18.43
C SER C 69 9.16 67.28 17.46
N TYR C 70 8.09 68.05 17.71
CA TYR C 70 6.97 68.03 16.76
C TYR C 70 7.34 68.63 15.42
N TRP C 71 8.56 69.14 15.25
CA TRP C 71 8.95 69.85 14.04
C TRP C 71 10.32 69.46 13.51
N SER C 72 11.12 68.70 14.25
CA SER C 72 12.41 68.27 13.75
C SER C 72 12.96 67.16 14.62
N ALA C 73 13.49 66.11 14.00
CA ALA C 73 14.16 65.03 14.69
C ALA C 73 15.66 65.28 14.72
N TYR C 74 16.30 64.88 15.82
CA TYR C 74 17.71 65.16 16.05
C TYR C 74 18.45 63.90 16.46
N LEU C 75 19.66 63.74 15.91
CA LEU C 75 20.60 62.71 16.32
C LEU C 75 21.83 63.40 16.90
N THR C 76 22.27 62.96 18.07
CA THR C 76 23.37 63.59 18.79
C THR C 76 24.46 62.56 19.05
N ILE C 77 25.67 62.83 18.56
CA ILE C 77 26.84 61.99 18.77
C ILE C 77 27.72 62.66 19.81
N SER C 78 27.88 62.02 20.97
CA SER C 78 28.69 62.54 22.06
C SER C 78 30.01 61.79 22.15
N ASP C 79 31.04 62.50 22.62
CA ASP C 79 32.40 61.96 22.74
C ASP C 79 32.85 61.38 21.39
N LEU C 80 33.03 62.30 20.43
CA LEU C 80 33.30 61.91 19.05
C LEU C 80 34.60 61.14 18.94
N ARG C 81 34.66 60.29 17.91
CA ARG C 81 35.77 59.39 17.66
C ARG C 81 36.23 59.58 16.22
N PRO C 82 37.42 59.07 15.88
CA PRO C 82 37.85 59.15 14.46
C PRO C 82 36.96 58.38 13.51
N GLU C 83 36.27 57.34 13.98
CA GLU C 83 35.41 56.54 13.13
C GLU C 83 34.01 57.14 12.97
N ASP C 84 33.69 58.19 13.71
CA ASP C 84 32.40 58.84 13.61
C ASP C 84 32.36 59.88 12.49
N GLU C 85 33.37 59.90 11.62
CA GLU C 85 33.42 60.87 10.51
C GLU C 85 33.05 60.11 9.24
N THR C 86 31.78 60.15 8.88
CA THR C 86 31.26 59.47 7.70
C THR C 86 29.87 60.03 7.41
N THR C 87 29.14 59.37 6.52
CA THR C 87 27.81 59.81 6.12
C THR C 87 26.74 59.15 6.98
N TYR C 88 25.70 59.92 7.29
CA TYR C 88 24.59 59.45 8.11
C TYR C 88 23.27 59.76 7.41
N TYR C 89 22.33 58.82 7.49
CA TYR C 89 21.01 58.96 6.89
C TYR C 89 19.93 58.69 7.92
N CYS C 90 18.82 59.42 7.81
CA CYS C 90 17.64 59.15 8.61
C CYS C 90 16.55 58.54 7.74
N CYS C 91 15.68 57.74 8.36
CA CYS C 91 14.55 57.04 7.72
C CYS C 91 13.24 57.37 8.42
N SER C 92 12.19 57.71 7.69
CA SER C 92 10.90 58.02 8.33
C SER C 92 9.92 56.93 7.96
N TYR C 93 9.22 56.37 8.93
CA TYR C 93 8.40 55.20 8.66
C TYR C 93 7.29 55.09 9.69
N THR C 94 6.49 54.03 9.55
CA THR C 94 5.55 53.61 10.58
C THR C 94 5.62 52.09 10.67
N HIS C 95 4.63 51.50 11.37
CA HIS C 95 4.64 50.06 11.59
C HIS C 95 4.40 49.28 10.31
N ASN C 96 3.61 49.83 9.38
CA ASN C 96 3.24 49.13 8.16
C ASN C 96 3.86 49.69 6.89
N SER C 97 4.13 50.99 6.84
CA SER C 97 4.72 51.61 5.66
C SER C 97 6.18 51.18 5.55
N GLY C 98 6.91 51.81 4.62
CA GLY C 98 8.30 51.51 4.40
C GLY C 98 9.15 52.75 4.65
N CYS C 99 10.48 52.56 4.61
CA CYS C 99 11.39 53.66 4.91
C CYS C 99 11.29 54.76 3.87
N VAL C 100 11.62 55.98 4.30
CA VAL C 100 11.78 57.13 3.41
C VAL C 100 13.11 57.76 3.81
N PHE C 101 14.15 57.49 3.02
CA PHE C 101 15.49 57.98 3.36
C PHE C 101 15.61 59.47 3.06
N GLY C 102 16.44 60.15 3.85
CA GLY C 102 16.63 61.58 3.73
C GLY C 102 17.76 61.92 2.78
N THR C 103 18.14 63.21 2.82
CA THR C 103 19.17 63.68 1.90
C THR C 103 20.55 63.22 2.35
N GLY C 104 20.81 63.23 3.64
CA GLY C 104 22.08 62.75 4.14
C GLY C 104 22.90 63.86 4.76
N THR C 105 23.74 63.49 5.72
CA THR C 105 24.61 64.43 6.42
C THR C 105 26.01 63.82 6.54
N LYS C 106 27.02 64.62 6.26
CA LYS C 106 28.41 64.20 6.34
C LYS C 106 29.07 64.91 7.52
N VAL C 107 29.37 64.15 8.57
CA VAL C 107 29.93 64.70 9.80
C VAL C 107 31.44 64.76 9.67
N SER C 108 32.02 65.84 10.19
CA SER C 108 33.48 66.03 10.22
C SER C 108 33.95 66.09 11.67
N VAL C 109 35.08 65.45 11.94
CA VAL C 109 35.66 65.41 13.28
C VAL C 109 36.82 66.40 13.32
N LEU C 110 36.70 67.42 14.16
CA LEU C 110 37.73 68.43 14.32
C LEU C 110 38.59 68.11 15.55
N GLY C 111 39.59 68.94 15.79
CA GLY C 111 40.53 68.70 16.86
C GLY C 111 41.32 67.42 16.66
N GLN C 112 42.12 67.39 15.60
CA GLN C 112 42.76 66.17 15.13
C GLN C 112 44.27 66.28 15.21
N SER C 113 44.92 65.16 14.96
CA SER C 113 46.37 65.09 14.79
C SER C 113 46.68 64.92 13.31
N LYS C 114 47.50 65.83 12.77
CA LYS C 114 47.84 65.78 11.37
C LYS C 114 48.62 64.51 11.04
N ALA C 115 48.49 64.06 9.79
CA ALA C 115 49.17 62.87 9.31
C ALA C 115 49.93 63.22 8.04
N ASN C 116 51.23 62.95 8.03
CA ASN C 116 52.05 63.25 6.87
C ASN C 116 51.65 62.35 5.71
N PRO C 117 51.36 62.89 4.53
CA PRO C 117 50.96 62.05 3.41
C PRO C 117 52.11 61.19 2.90
N SER C 118 51.74 60.05 2.32
CA SER C 118 52.70 59.11 1.74
C SER C 118 52.45 59.03 0.24
N VAL C 119 53.43 59.48 -0.54
CA VAL C 119 53.31 59.55 -1.99
C VAL C 119 54.27 58.54 -2.60
N THR C 120 53.83 57.91 -3.70
CA THR C 120 54.65 56.94 -4.41
C THR C 120 54.33 57.04 -5.90
N LEU C 121 55.37 57.17 -6.72
CA LEU C 121 55.23 57.33 -8.16
C LEU C 121 55.84 56.13 -8.87
N PHE C 122 55.15 55.64 -9.90
CA PHE C 122 55.59 54.49 -10.66
C PHE C 122 55.69 54.82 -12.15
N PRO C 123 56.77 54.44 -12.82
CA PRO C 123 56.85 54.63 -14.27
C PRO C 123 56.15 53.48 -14.99
N PRO C 124 55.76 53.67 -16.24
CA PRO C 124 55.13 52.57 -16.98
C PRO C 124 56.12 51.45 -17.25
N SER C 125 55.60 50.22 -17.20
CA SER C 125 56.45 49.05 -17.38
C SER C 125 56.90 48.93 -18.83
N SER C 126 57.86 48.02 -19.06
CA SER C 126 58.34 47.79 -20.41
C SER C 126 57.29 47.09 -21.27
N GLU C 127 56.47 46.23 -20.66
CA GLU C 127 55.42 45.55 -21.42
C GLU C 127 54.35 46.53 -21.90
N GLU C 128 54.12 47.60 -21.14
CA GLU C 128 53.15 48.61 -21.58
C GLU C 128 53.70 49.44 -22.73
N LEU C 129 55.01 49.73 -22.71
CA LEU C 129 55.60 50.53 -23.76
C LEU C 129 55.62 49.77 -25.08
N GLN C 130 55.57 48.44 -25.02
CA GLN C 130 55.56 47.65 -26.24
C GLN C 130 54.26 47.82 -27.01
N ALA C 131 53.16 48.08 -26.30
CA ALA C 131 51.86 48.27 -26.91
C ALA C 131 51.59 49.72 -27.28
N ASN C 132 52.62 50.56 -27.32
CA ASN C 132 52.51 51.98 -27.67
C ASN C 132 51.63 52.74 -26.68
N LYS C 133 51.61 52.30 -25.43
CA LYS C 133 50.88 52.98 -24.36
C LYS C 133 51.83 53.28 -23.21
N ALA C 134 51.54 54.37 -22.49
CA ALA C 134 52.35 54.77 -21.35
C ALA C 134 51.46 55.49 -20.35
N THR C 135 51.42 55.00 -19.12
CA THR C 135 50.59 55.57 -18.07
C THR C 135 51.41 55.70 -16.79
N LEU C 136 51.37 56.89 -16.19
CA LEU C 136 52.05 57.14 -14.93
C LEU C 136 51.10 56.91 -13.76
N VAL C 137 51.62 56.30 -12.70
CA VAL C 137 50.82 55.93 -11.54
C VAL C 137 51.40 56.62 -10.32
N CYS C 138 50.63 57.52 -9.71
CA CYS C 138 51.02 58.26 -8.51
C CYS C 138 49.98 57.97 -7.44
N LEU C 139 50.40 57.29 -6.38
CA LEU C 139 49.50 56.86 -5.32
C LEU C 139 49.72 57.68 -4.06
N ILE C 140 48.62 58.02 -3.39
CA ILE C 140 48.64 58.77 -2.14
C ILE C 140 47.85 58.00 -1.10
N SER C 141 48.35 57.99 0.14
CA SER C 141 47.65 57.29 1.21
C SER C 141 48.14 57.82 2.56
N ASP C 142 47.36 57.52 3.60
CA ASP C 142 47.70 57.83 4.98
C ASP C 142 47.85 59.35 5.18
N PHE C 143 46.76 60.06 4.91
CA PHE C 143 46.68 61.49 5.20
C PHE C 143 45.34 61.77 5.83
N TYR C 144 45.35 62.41 7.00
CA TYR C 144 44.09 62.70 7.70
C TYR C 144 43.32 63.86 7.08
N PRO C 145 43.97 64.97 6.68
CA PRO C 145 43.22 66.04 6.02
C PRO C 145 42.42 65.51 4.83
N GLY C 146 41.19 65.97 4.71
CA GLY C 146 40.26 65.43 3.75
C GLY C 146 40.69 65.50 2.29
N ALA C 147 40.92 66.70 1.79
CA ALA C 147 41.16 66.91 0.38
C ALA C 147 42.65 66.92 0.05
N VAL C 148 42.98 66.50 -1.17
CA VAL C 148 44.33 66.59 -1.71
C VAL C 148 44.24 67.05 -3.15
N THR C 149 45.24 67.82 -3.58
CA THR C 149 45.32 68.32 -4.95
C THR C 149 46.57 67.76 -5.61
N VAL C 150 46.43 67.33 -6.86
CA VAL C 150 47.53 66.74 -7.63
C VAL C 150 47.75 67.58 -8.88
N ALA C 151 49.02 67.78 -9.23
CA ALA C 151 49.39 68.55 -10.41
C ALA C 151 50.57 67.86 -11.07
N TRP C 152 50.37 67.43 -12.32
CA TRP C 152 51.42 66.77 -13.08
C TRP C 152 52.28 67.78 -13.82
N LYS C 153 53.54 67.42 -14.05
CA LYS C 153 54.47 68.28 -14.75
C LYS C 153 55.38 67.46 -15.64
N ALA C 154 55.55 67.89 -16.89
CA ALA C 154 56.45 67.28 -17.85
C ALA C 154 57.64 68.22 -18.04
N ASP C 155 58.81 67.78 -17.57
CA ASP C 155 60.02 68.60 -17.60
C ASP C 155 59.80 69.93 -16.88
N SER C 156 59.17 69.84 -15.70
CA SER C 156 58.86 71.00 -14.87
C SER C 156 57.93 71.99 -15.57
N SER C 157 57.00 71.46 -16.36
CA SER C 157 56.02 72.27 -17.06
C SER C 157 54.64 71.61 -16.94
N PRO C 158 53.61 72.40 -16.66
CA PRO C 158 52.28 71.81 -16.40
C PRO C 158 51.81 70.89 -17.52
N VAL C 159 51.00 69.91 -17.13
CA VAL C 159 50.40 68.96 -18.07
C VAL C 159 48.88 69.04 -17.89
N LYS C 160 48.16 69.13 -19.01
CA LYS C 160 46.71 69.25 -18.98
C LYS C 160 45.99 68.22 -19.83
N ALA C 161 46.70 67.28 -20.45
CA ALA C 161 46.11 66.26 -21.30
C ALA C 161 46.27 64.89 -20.64
N GLY C 162 45.19 64.12 -20.63
CA GLY C 162 45.22 62.78 -20.07
C GLY C 162 45.49 62.72 -18.58
N VAL C 163 44.92 63.65 -17.81
CA VAL C 163 45.10 63.71 -16.36
C VAL C 163 43.78 63.30 -15.72
N GLU C 164 43.75 62.11 -15.12
CA GLU C 164 42.58 61.58 -14.44
C GLU C 164 42.94 61.31 -12.99
N THR C 165 42.33 62.07 -12.08
CA THR C 165 42.59 61.95 -10.65
C THR C 165 41.34 61.44 -9.94
N THR C 166 41.53 60.54 -8.99
CA THR C 166 40.44 59.94 -8.24
C THR C 166 40.06 60.79 -7.04
N THR C 167 38.82 60.63 -6.58
CA THR C 167 38.37 61.30 -5.38
C THR C 167 38.97 60.63 -4.14
N PRO C 168 39.19 61.40 -3.08
CA PRO C 168 39.81 60.82 -1.87
C PRO C 168 38.85 59.88 -1.16
N SER C 169 39.33 58.66 -0.91
CA SER C 169 38.58 57.66 -0.17
C SER C 169 39.16 57.55 1.25
N LYS C 170 38.50 56.74 2.08
CA LYS C 170 38.89 56.58 3.47
C LYS C 170 39.53 55.21 3.68
N GLN C 171 40.61 55.18 4.44
CA GLN C 171 41.31 53.93 4.73
C GLN C 171 40.67 53.22 5.93
N SER C 172 40.94 51.93 6.03
CA SER C 172 40.41 51.15 7.16
C SER C 172 40.96 51.62 8.50
N ASN C 173 42.13 52.26 8.50
CA ASN C 173 42.73 52.80 9.71
C ASN C 173 42.36 54.26 9.95
N ASN C 174 41.15 54.66 9.58
CA ASN C 174 40.63 56.02 9.71
C ASN C 174 41.44 57.04 8.92
N LYS C 175 42.41 56.60 8.12
CA LYS C 175 43.18 57.49 7.27
C LYS C 175 42.49 57.62 5.92
N TYR C 176 43.16 58.28 4.97
CA TYR C 176 42.59 58.48 3.64
C TYR C 176 43.61 58.07 2.59
N ALA C 177 43.12 57.94 1.36
CA ALA C 177 43.96 57.53 0.23
C ALA C 177 43.35 58.04 -1.06
N ALA C 178 44.20 58.19 -2.07
CA ALA C 178 43.77 58.67 -3.38
C ALA C 178 44.78 58.22 -4.42
N SER C 179 44.41 58.36 -5.69
CA SER C 179 45.28 57.95 -6.78
C SER C 179 45.03 58.87 -7.97
N SER C 180 46.09 59.07 -8.76
CA SER C 180 46.02 59.91 -9.96
C SER C 180 46.83 59.25 -11.06
N TYR C 181 46.31 59.32 -12.28
CA TYR C 181 46.92 58.66 -13.42
C TYR C 181 47.12 59.66 -14.56
N LEU C 182 48.22 59.47 -15.30
CA LEU C 182 48.57 60.33 -16.43
C LEU C 182 48.88 59.43 -17.63
N SER C 183 47.93 59.35 -18.56
CA SER C 183 48.13 58.58 -19.78
C SER C 183 48.97 59.40 -20.75
N LEU C 184 49.97 58.76 -21.36
CA LEU C 184 50.89 59.43 -22.26
C LEU C 184 51.16 58.55 -23.47
N THR C 185 51.71 59.15 -24.50
CA THR C 185 52.21 58.44 -25.65
C THR C 185 53.71 58.25 -25.52
N PRO C 186 54.27 57.17 -26.09
CA PRO C 186 55.72 56.95 -25.97
C PRO C 186 56.56 58.05 -26.59
N GLU C 187 56.02 58.81 -27.54
CA GLU C 187 56.76 59.95 -28.07
C GLU C 187 56.92 61.05 -27.01
N GLN C 188 55.87 61.31 -26.24
CA GLN C 188 55.96 62.30 -25.17
C GLN C 188 56.72 61.76 -23.96
N TRP C 189 56.73 60.44 -23.76
CA TRP C 189 57.45 59.85 -22.64
C TRP C 189 58.94 59.73 -22.91
N LYS C 190 59.33 59.58 -24.18
CA LYS C 190 60.74 59.45 -24.51
C LYS C 190 61.43 60.78 -24.77
N SER C 191 60.67 61.80 -25.21
CA SER C 191 61.23 63.10 -25.54
C SER C 191 61.23 64.06 -24.36
N HIS C 192 61.22 63.56 -23.13
CA HIS C 192 61.25 64.39 -21.94
C HIS C 192 62.29 63.85 -20.96
N ARG C 193 62.92 64.76 -20.22
CA ARG C 193 63.98 64.38 -19.30
C ARG C 193 63.42 63.77 -18.01
N SER C 194 62.27 64.25 -17.54
CA SER C 194 61.71 63.75 -16.29
C SER C 194 60.25 64.20 -16.18
N TYR C 195 59.44 63.35 -15.55
CA TYR C 195 58.06 63.67 -15.21
C TYR C 195 57.90 63.74 -13.70
N SER C 196 57.00 64.60 -13.25
CA SER C 196 56.85 64.89 -11.82
C SER C 196 55.38 64.80 -11.41
N CYS C 197 55.15 64.22 -10.23
CA CYS C 197 53.85 64.19 -9.59
C CYS C 197 53.92 65.08 -8.36
N GLN C 198 53.20 66.20 -8.39
CA GLN C 198 53.21 67.17 -7.30
C GLN C 198 51.90 67.07 -6.53
N VAL C 199 51.99 66.68 -5.27
CA VAL C 199 50.84 66.60 -4.36
C VAL C 199 50.94 67.77 -3.39
N THR C 200 49.87 68.56 -3.31
CA THR C 200 49.84 69.77 -2.52
C THR C 200 48.78 69.65 -1.43
N HIS C 201 49.19 69.87 -0.19
CA HIS C 201 48.29 69.95 0.95
C HIS C 201 48.19 71.39 1.43
N GLU C 202 47.33 71.62 2.43
CA GLU C 202 47.18 72.94 3.02
C GLU C 202 48.34 73.31 3.93
N GLY C 203 49.29 72.40 4.18
CA GLY C 203 50.39 72.68 5.05
C GLY C 203 51.75 72.29 4.49
N SER C 204 51.75 71.41 3.49
CA SER C 204 53.00 70.95 2.89
C SER C 204 52.73 70.41 1.50
N THR C 205 53.69 70.61 0.61
CA THR C 205 53.60 70.14 -0.77
C THR C 205 54.73 69.16 -1.02
N VAL C 206 54.38 67.90 -1.26
CA VAL C 206 55.35 66.84 -1.53
C VAL C 206 55.44 66.62 -3.04
N GLU C 207 56.66 66.48 -3.54
CA GLU C 207 56.92 66.31 -4.97
C GLU C 207 57.77 65.08 -5.18
N LYS C 208 57.39 64.25 -6.16
CA LYS C 208 58.14 63.08 -6.55
C LYS C 208 58.34 63.07 -8.06
N THR C 209 59.53 62.70 -8.50
CA THR C 209 59.93 62.81 -9.90
C THR C 209 60.51 61.49 -10.38
N VAL C 210 60.15 61.12 -11.61
CA VAL C 210 60.73 59.97 -12.28
C VAL C 210 61.30 60.43 -13.61
N ALA C 211 62.34 59.73 -14.08
CA ALA C 211 63.03 60.10 -15.30
C ALA C 211 62.97 58.94 -16.29
N PRO C 212 62.64 59.20 -17.56
CA PRO C 212 62.62 58.11 -18.55
C PRO C 212 63.99 57.53 -18.84
N THR C 213 65.08 58.26 -18.54
CA THR C 213 66.42 57.73 -18.77
C THR C 213 66.76 56.59 -17.83
N GLU C 214 66.03 56.42 -16.74
CA GLU C 214 66.33 55.39 -15.76
C GLU C 214 65.08 54.59 -15.40
N ALA D 1 13.00 52.70 34.14
CA ALA D 1 13.76 51.95 33.14
C ALA D 1 14.49 50.77 33.78
N LYS D 2 14.27 50.57 35.08
CA LYS D 2 14.89 49.45 35.78
C LYS D 2 14.32 48.12 35.28
N LYS D 3 14.93 47.03 35.75
CA LYS D 3 14.52 45.68 35.36
C LYS D 3 14.44 44.81 36.59
N TRP D 4 13.25 44.29 36.87
CA TRP D 4 13.03 43.33 37.94
C TRP D 4 12.52 42.03 37.34
N VAL D 5 12.92 40.91 37.95
CA VAL D 5 12.44 39.62 37.46
C VAL D 5 10.95 39.50 37.78
N THR D 6 10.24 38.76 36.92
CA THR D 6 8.81 38.54 37.08
C THR D 6 8.52 37.11 36.67
N VAL D 7 7.78 36.38 37.51
CA VAL D 7 7.50 34.97 37.26
C VAL D 7 6.16 34.85 36.53
N TYR D 8 6.09 33.88 35.62
CA TYR D 8 4.93 33.67 34.76
C TYR D 8 4.57 32.19 34.79
N TYR D 9 3.39 31.86 35.30
CA TYR D 9 2.94 30.47 35.34
C TYR D 9 2.04 30.20 34.14
N GLY D 10 2.46 29.26 33.30
CA GLY D 10 1.73 28.93 32.09
C GLY D 10 2.44 29.41 30.84
N VAL D 11 3.74 29.13 30.75
CA VAL D 11 4.51 29.56 29.58
C VAL D 11 4.61 28.38 28.61
N PRO D 12 4.64 28.62 27.31
CA PRO D 12 4.72 27.54 26.30
C PRO D 12 6.13 27.00 26.12
N VAL D 13 6.65 26.37 27.19
CA VAL D 13 7.98 25.79 27.20
C VAL D 13 7.84 24.29 27.43
N TRP D 14 8.44 23.49 26.55
CA TRP D 14 8.43 22.04 26.71
C TRP D 14 9.84 21.49 26.51
N LYS D 15 10.13 20.42 27.22
CA LYS D 15 11.36 19.65 27.05
C LYS D 15 11.01 18.22 26.69
N GLU D 16 11.86 17.60 25.88
CA GLU D 16 11.63 16.22 25.46
C GLU D 16 11.93 15.27 26.62
N ALA D 17 11.01 14.35 26.87
CA ALA D 17 11.16 13.36 27.92
C ALA D 17 10.32 12.15 27.57
N THR D 18 10.36 11.15 28.45
CA THR D 18 9.60 9.92 28.28
C THR D 18 8.82 9.62 29.54
N THR D 19 7.56 9.23 29.38
CA THR D 19 6.70 8.92 30.51
C THR D 19 5.87 7.69 30.18
N THR D 20 5.09 7.23 31.15
CA THR D 20 4.26 6.04 31.00
C THR D 20 2.85 6.50 30.59
N LEU D 21 2.50 6.26 29.33
CA LEU D 21 1.21 6.68 28.80
C LEU D 21 0.14 5.70 29.23
N PHE D 22 -1.05 5.81 28.65
CA PHE D 22 -2.15 4.89 28.98
C PHE D 22 -3.09 4.78 27.80
N CYS D 23 -3.88 3.71 27.78
CA CYS D 23 -4.76 3.41 26.68
C CYS D 23 -6.01 4.29 26.71
N ALA D 24 -6.75 4.28 25.61
CA ALA D 24 -7.98 5.04 25.49
C ALA D 24 -8.77 4.46 24.32
N SER D 25 -9.83 3.72 24.60
CA SER D 25 -10.66 3.09 23.58
C SER D 25 -11.98 3.83 23.47
N ASP D 26 -12.84 3.35 22.58
CA ASP D 26 -14.11 4.02 22.27
C ASP D 26 -15.31 3.35 22.93
N ALA D 27 -15.61 2.12 22.55
CA ALA D 27 -16.79 1.41 23.05
C ALA D 27 -16.42 0.51 24.22
N LYS D 28 -17.46 0.00 24.90
CA LYS D 28 -17.25 -0.87 26.06
C LYS D 28 -17.89 -2.24 25.82
N ALA D 29 -18.39 -2.86 26.88
CA ALA D 29 -18.81 -4.26 26.84
C ALA D 29 -20.31 -4.47 26.72
N TYR D 30 -21.13 -3.60 27.33
CA TYR D 30 -22.57 -3.81 27.26
C TYR D 30 -23.14 -3.55 25.87
N ASP D 31 -22.38 -2.90 25.00
CA ASP D 31 -22.76 -2.75 23.60
C ASP D 31 -22.15 -3.83 22.72
N THR D 32 -21.00 -4.38 23.11
CA THR D 32 -20.37 -5.49 22.40
C THR D 32 -19.70 -6.37 23.46
N GLU D 33 -20.32 -7.51 23.76
CA GLU D 33 -19.91 -8.32 24.90
C GLU D 33 -18.59 -9.02 24.63
N VAL D 34 -17.68 -8.97 25.62
CA VAL D 34 -16.36 -9.60 25.56
C VAL D 34 -15.71 -9.29 24.23
N HIS D 35 -15.48 -8.00 23.97
CA HIS D 35 -15.18 -7.54 22.62
C HIS D 35 -13.71 -7.59 22.25
N ASN D 36 -12.79 -7.47 23.21
CA ASN D 36 -11.39 -7.32 22.82
C ASN D 36 -10.47 -7.74 23.97
N VAL D 37 -9.22 -8.03 23.58
CA VAL D 37 -8.14 -8.28 24.52
C VAL D 37 -6.95 -7.36 24.28
N TRP D 38 -6.67 -7.05 23.00
CA TRP D 38 -5.62 -6.09 22.68
C TRP D 38 -5.89 -4.74 23.32
N ALA D 39 -7.01 -4.12 22.97
CA ALA D 39 -7.47 -2.88 23.59
C ALA D 39 -8.59 -3.25 24.57
N THR D 40 -8.22 -3.48 25.82
CA THR D 40 -9.16 -3.99 26.81
C THR D 40 -10.29 -2.98 27.06
N HIS D 41 -11.29 -3.46 27.78
CA HIS D 41 -12.46 -2.66 28.12
C HIS D 41 -12.21 -1.68 29.27
N ALA D 42 -11.02 -1.73 29.88
CA ALA D 42 -10.80 -1.04 31.14
C ALA D 42 -10.27 0.38 30.98
N CYS D 43 -9.50 0.68 29.94
CA CYS D 43 -8.89 1.99 29.85
C CYS D 43 -9.94 3.08 29.64
N VAL D 44 -9.50 4.31 29.86
CA VAL D 44 -10.39 5.48 29.88
C VAL D 44 -11.07 5.64 28.52
N PRO D 45 -12.38 5.82 28.46
CA PRO D 45 -13.02 6.07 27.17
C PRO D 45 -12.67 7.45 26.63
N THR D 46 -12.44 7.51 25.32
CA THR D 46 -12.03 8.76 24.69
C THR D 46 -13.13 9.80 24.76
N ASP D 47 -12.72 11.06 24.84
CA ASP D 47 -13.66 12.16 24.82
C ASP D 47 -14.38 12.23 23.47
N PRO D 48 -15.56 12.86 23.42
CA PRO D 48 -16.31 12.87 22.14
C PRO D 48 -15.57 13.56 21.01
N ASN D 49 -15.04 14.76 21.24
CA ASN D 49 -14.31 15.50 20.23
C ASN D 49 -12.88 15.73 20.71
N PRO D 50 -11.86 15.27 19.97
CA PRO D 50 -10.48 15.50 20.39
C PRO D 50 -10.07 16.94 20.17
N GLN D 51 -9.18 17.41 21.03
CA GLN D 51 -8.63 18.77 20.94
C GLN D 51 -7.24 18.70 20.35
N GLU D 52 -7.06 19.35 19.19
CA GLU D 52 -5.77 19.41 18.51
C GLU D 52 -5.40 20.87 18.31
N ILE D 53 -4.22 21.25 18.80
CA ILE D 53 -3.70 22.61 18.68
C ILE D 53 -2.56 22.58 17.67
N VAL D 54 -2.72 23.30 16.57
CA VAL D 54 -1.68 23.39 15.56
C VAL D 54 -0.75 24.54 15.93
N LEU D 55 0.54 24.24 16.05
CA LEU D 55 1.51 25.15 16.65
C LEU D 55 2.25 25.89 15.53
N GLY D 56 1.90 27.17 15.35
CA GLY D 56 2.49 27.94 14.29
C GLY D 56 3.92 28.36 14.61
N ASN D 57 4.69 28.58 13.55
CA ASN D 57 6.07 29.06 13.65
C ASN D 57 6.98 28.09 14.42
N VAL D 58 6.54 26.84 14.62
CA VAL D 58 7.27 25.86 15.42
C VAL D 58 7.94 24.84 14.50
N THR D 59 9.19 24.52 14.79
CA THR D 59 9.96 23.53 14.03
C THR D 59 10.76 22.69 15.01
N GLU D 60 10.53 21.38 15.02
CA GLU D 60 11.21 20.50 15.96
C GLU D 60 11.58 19.18 15.28
N ASN D 61 12.66 18.58 15.75
CA ASN D 61 13.15 17.32 15.19
C ASN D 61 12.37 16.15 15.76
N PHE D 62 11.94 15.26 14.87
CA PHE D 62 11.34 13.98 15.25
C PHE D 62 12.29 12.85 14.88
N ASN D 63 12.00 11.67 15.41
CA ASN D 63 12.75 10.46 15.06
C ASN D 63 11.87 9.27 15.33
N MET D 64 11.57 8.50 14.29
CA MET D 64 10.71 7.33 14.45
C MET D 64 11.47 6.13 15.00
N TRP D 65 12.79 6.11 14.87
CA TRP D 65 13.57 4.94 15.25
C TRP D 65 14.02 5.01 16.71
N LYS D 66 14.41 6.19 17.17
CA LYS D 66 14.78 6.39 18.57
C LYS D 66 13.59 6.74 19.46
N ASN D 67 12.38 6.76 18.89
CA ASN D 67 11.20 7.07 19.67
C ASN D 67 10.92 5.98 20.70
N ASN D 68 10.60 6.41 21.92
CA ASN D 68 10.28 5.47 23.00
C ASN D 68 8.81 5.07 23.02
N MET D 69 7.97 5.68 22.18
CA MET D 69 6.57 5.30 22.15
C MET D 69 6.39 3.91 21.54
N VAL D 70 7.25 3.52 20.60
CA VAL D 70 7.16 2.18 20.05
C VAL D 70 7.68 1.15 21.04
N GLU D 71 8.63 1.53 21.90
CA GLU D 71 9.11 0.63 22.92
C GLU D 71 8.02 0.33 23.96
N GLN D 72 7.30 1.37 24.40
CA GLN D 72 6.25 1.15 25.38
C GLN D 72 5.08 0.37 24.78
N MET D 73 4.66 0.74 23.57
CA MET D 73 3.56 0.02 22.93
C MET D 73 3.92 -1.43 22.67
N HIS D 74 5.18 -1.70 22.35
CA HIS D 74 5.61 -3.08 22.11
C HIS D 74 5.50 -3.90 23.38
N GLU D 75 5.98 -3.36 24.50
CA GLU D 75 5.89 -4.11 25.76
C GLU D 75 4.48 -4.13 26.33
N ASP D 76 3.63 -3.18 25.95
CA ASP D 76 2.23 -3.24 26.36
C ASP D 76 1.51 -4.38 25.65
N ILE D 77 1.81 -4.59 24.37
CA ILE D 77 1.20 -5.70 23.63
C ILE D 77 1.69 -7.03 24.18
N ILE D 78 2.98 -7.14 24.50
CA ILE D 78 3.52 -8.39 25.02
C ILE D 78 2.90 -8.74 26.36
N SER D 79 2.85 -7.77 27.27
CA SER D 79 2.33 -8.03 28.61
C SER D 79 0.82 -8.27 28.60
N LEU D 80 0.11 -7.65 27.65
CA LEU D 80 -1.33 -7.88 27.54
C LEU D 80 -1.66 -9.29 27.09
N TRP D 81 -0.69 -10.01 26.53
CA TRP D 81 -0.91 -11.39 26.14
C TRP D 81 -0.81 -12.33 27.34
N ASP D 82 0.15 -12.07 28.24
CA ASP D 82 0.34 -12.94 29.40
C ASP D 82 -0.86 -12.88 30.33
N GLN D 83 -1.39 -11.69 30.58
CA GLN D 83 -2.51 -11.55 31.51
C GLN D 83 -3.79 -12.17 30.97
N SER D 84 -3.87 -12.42 29.66
CA SER D 84 -5.04 -13.04 29.07
C SER D 84 -4.93 -14.56 29.04
N LEU D 85 -3.76 -15.10 28.72
CA LEU D 85 -3.56 -16.54 28.67
C LEU D 85 -3.28 -17.14 30.04
N LYS D 86 -3.02 -16.31 31.05
CA LYS D 86 -2.72 -16.83 32.38
C LYS D 86 -3.83 -17.70 32.96
N PRO D 87 -5.10 -17.29 32.99
CA PRO D 87 -6.13 -18.15 33.59
C PRO D 87 -6.67 -19.22 32.66
N CYS D 88 -6.39 -19.13 31.36
CA CYS D 88 -6.99 -20.04 30.40
C CYS D 88 -6.30 -21.41 30.45
N VAL D 89 -6.87 -22.35 29.69
CA VAL D 89 -6.48 -23.75 29.81
C VAL D 89 -5.09 -23.96 29.22
N LYS D 90 -4.22 -24.63 29.98
CA LYS D 90 -2.94 -25.08 29.49
C LYS D 90 -3.08 -26.46 28.86
N LEU D 91 -2.44 -26.66 27.72
CA LEU D 91 -2.51 -27.92 26.98
C LEU D 91 -1.31 -28.80 27.28
N THR D 92 -0.99 -28.97 28.56
CA THR D 92 0.11 -29.84 28.95
C THR D 92 -0.19 -31.32 28.72
N PRO D 93 -1.42 -31.85 29.02
CA PRO D 93 -1.62 -33.30 28.89
C PRO D 93 -1.89 -33.75 27.46
N LEU D 94 -1.47 -32.97 26.48
CA LEU D 94 -1.75 -33.27 25.08
C LEU D 94 -0.49 -33.49 24.26
N CYS D 95 0.61 -33.89 24.89
CA CYS D 95 1.81 -34.27 24.15
C CYS D 95 2.04 -35.77 24.16
N VAL D 96 0.99 -36.56 24.43
CA VAL D 96 1.11 -38.00 24.23
C VAL D 96 1.34 -38.25 22.74
N THR D 97 1.96 -39.40 22.43
CA THR D 97 2.29 -39.70 21.04
C THR D 97 1.02 -39.82 20.21
N LEU D 98 1.11 -39.39 18.96
CA LEU D 98 -0.06 -39.19 18.10
C LEU D 98 -0.03 -40.18 16.94
N ASN D 99 -1.06 -41.00 16.85
CA ASN D 99 -1.30 -41.84 15.68
C ASN D 99 -2.12 -41.01 14.70
N CYS D 100 -1.50 -40.61 13.59
CA CYS D 100 -2.09 -39.65 12.67
C CYS D 100 -2.28 -40.27 11.29
N ASN D 101 -3.46 -40.05 10.72
CA ASN D 101 -3.77 -40.42 9.36
C ASN D 101 -4.03 -39.15 8.54
N ASN D 102 -4.01 -39.28 7.23
CA ASN D 102 -4.28 -38.15 6.36
C ASN D 102 -5.76 -38.11 5.98
N VAL D 103 -6.18 -36.98 5.40
CA VAL D 103 -7.57 -36.79 5.04
C VAL D 103 -7.92 -37.64 3.83
N ASN D 104 -9.17 -38.09 3.77
CA ASN D 104 -9.64 -39.02 2.75
C ASN D 104 -10.22 -38.24 1.57
N THR D 105 -9.57 -38.33 0.41
CA THR D 105 -10.07 -37.74 -0.82
C THR D 105 -9.61 -38.62 -1.98
N ASN D 106 -10.03 -38.25 -3.19
CA ASN D 106 -9.64 -38.99 -4.38
C ASN D 106 -8.17 -38.77 -4.69
N ASN D 107 -7.66 -39.55 -5.64
CA ASN D 107 -6.27 -39.41 -6.06
C ASN D 107 -6.08 -38.16 -6.90
N THR D 108 -4.90 -37.54 -6.75
CA THR D 108 -4.59 -36.27 -7.39
C THR D 108 -3.29 -36.40 -8.17
N ASN D 109 -3.35 -36.16 -9.47
CA ASN D 109 -2.18 -36.18 -10.35
C ASN D 109 -1.39 -37.47 -10.25
N THR D 124 1.61 -33.79 1.39
CA THR D 124 0.51 -33.70 0.44
C THR D 124 -0.69 -32.98 1.05
N GLY D 125 -1.36 -33.65 1.99
CA GLY D 125 -2.51 -33.06 2.63
C GLY D 125 -2.12 -32.01 3.66
N GLU D 126 -3.05 -31.10 3.94
CA GLU D 126 -2.79 -30.00 4.86
C GLU D 126 -3.47 -30.17 6.21
N MET D 127 -4.54 -30.96 6.28
CA MET D 127 -5.37 -31.00 7.48
C MET D 127 -5.03 -32.16 8.42
N LYS D 128 -4.63 -33.32 7.88
CA LYS D 128 -4.30 -34.50 8.66
C LYS D 128 -5.47 -35.00 9.50
N ASN D 129 -5.23 -36.04 10.31
CA ASN D 129 -6.24 -36.60 11.20
C ASN D 129 -5.49 -37.45 12.22
N CYS D 130 -5.37 -36.96 13.45
CA CYS D 130 -4.61 -37.63 14.49
C CYS D 130 -5.51 -38.25 15.54
N SER D 131 -5.07 -39.38 16.08
CA SER D 131 -5.75 -40.07 17.17
C SER D 131 -4.76 -40.31 18.30
N PHE D 132 -5.24 -40.13 19.53
CA PHE D 132 -4.39 -40.24 20.70
C PHE D 132 -5.28 -40.57 21.89
N ASN D 133 -4.67 -41.16 22.91
CA ASN D 133 -5.37 -41.40 24.17
C ASN D 133 -4.89 -40.40 25.22
N VAL D 134 -5.84 -39.91 26.01
CA VAL D 134 -5.59 -38.92 27.04
C VAL D 134 -6.39 -39.29 28.28
N THR D 135 -5.87 -38.90 29.43
CA THR D 135 -6.58 -39.13 30.69
C THR D 135 -7.90 -38.36 30.69
N THR D 136 -8.97 -39.04 31.09
CA THR D 136 -10.28 -38.42 31.19
C THR D 136 -10.27 -37.41 32.34
N SER D 137 -11.44 -36.82 32.63
CA SER D 137 -11.56 -36.01 33.83
C SER D 137 -11.31 -36.84 35.08
N ILE D 138 -11.61 -38.15 35.02
CA ILE D 138 -11.21 -39.09 36.06
C ILE D 138 -9.77 -39.51 35.79
N ARG D 139 -8.93 -39.47 36.82
CA ARG D 139 -7.49 -39.64 36.63
C ARG D 139 -7.14 -41.05 36.17
N ASP D 140 -7.73 -42.06 36.82
CA ASP D 140 -7.32 -43.44 36.55
C ASP D 140 -7.78 -43.89 35.16
N LYS D 141 -8.99 -43.52 34.76
CA LYS D 141 -9.51 -43.94 33.47
C LYS D 141 -8.91 -43.13 32.33
N ILE D 142 -8.86 -43.75 31.15
CA ILE D 142 -8.26 -43.16 29.97
C ILE D 142 -9.15 -43.45 28.77
N LYS D 143 -9.32 -42.44 27.90
CA LYS D 143 -10.05 -42.60 26.65
C LYS D 143 -9.16 -42.20 25.49
N LYS D 144 -9.48 -42.73 24.31
CA LYS D 144 -8.78 -42.39 23.08
C LYS D 144 -9.66 -41.47 22.24
N GLU D 145 -9.09 -40.36 21.79
CA GLU D 145 -9.82 -39.35 21.04
C GLU D 145 -9.13 -39.09 19.71
N TYR D 146 -9.90 -38.53 18.78
CA TYR D 146 -9.39 -38.15 17.47
C TYR D 146 -9.55 -36.66 17.27
N ALA D 147 -8.61 -36.08 16.51
CA ALA D 147 -8.64 -34.65 16.23
C ALA D 147 -7.84 -34.38 14.96
N LEU D 148 -8.17 -33.27 14.32
CA LEU D 148 -7.55 -32.88 13.04
C LEU D 148 -6.68 -31.66 13.30
N PHE D 149 -5.37 -31.88 13.43
CA PHE D 149 -4.41 -30.80 13.61
C PHE D 149 -3.75 -30.47 12.28
N TYR D 150 -3.62 -29.18 11.99
CA TYR D 150 -2.96 -28.75 10.77
C TYR D 150 -1.52 -29.30 10.72
N LYS D 151 -1.00 -29.41 9.50
CA LYS D 151 0.28 -30.10 9.30
C LYS D 151 1.42 -29.38 10.01
N LEU D 152 1.38 -28.06 10.08
CA LEU D 152 2.45 -27.30 10.72
C LEU D 152 2.37 -27.32 12.23
N ASP D 153 1.56 -28.21 12.82
CA ASP D 153 1.43 -28.33 14.25
C ASP D 153 1.96 -29.66 14.79
N VAL D 154 2.41 -30.55 13.91
CA VAL D 154 2.89 -31.87 14.30
C VAL D 154 4.22 -32.15 13.62
N VAL D 155 5.08 -32.88 14.34
CA VAL D 155 6.41 -33.26 13.85
C VAL D 155 6.67 -34.69 14.28
N PRO D 156 7.19 -35.55 13.40
CA PRO D 156 7.44 -36.95 13.80
C PRO D 156 8.51 -37.05 14.86
N LEU D 157 8.58 -38.22 15.47
CA LEU D 157 9.56 -38.49 16.54
C LEU D 157 10.55 -39.55 16.11
N ILE D 168 6.77 -46.83 14.99
CA ILE D 168 5.40 -47.34 14.96
C ILE D 168 4.40 -46.18 14.97
N THR D 169 4.52 -45.29 15.94
CA THR D 169 3.64 -44.14 16.04
C THR D 169 4.23 -42.95 15.28
N ASN D 170 3.34 -42.15 14.69
CA ASN D 170 3.77 -41.13 13.75
C ASN D 170 4.30 -39.86 14.42
N TYR D 171 3.41 -39.02 14.94
CA TYR D 171 3.77 -37.65 15.26
C TYR D 171 3.59 -37.35 16.75
N ARG D 172 4.04 -36.14 17.11
CA ARG D 172 3.79 -35.50 18.39
C ARG D 172 3.43 -34.05 18.10
N LEU D 173 3.21 -33.27 19.15
CA LEU D 173 2.96 -31.85 18.91
C LEU D 173 4.29 -31.11 18.70
N ILE D 174 4.19 -29.92 18.12
CA ILE D 174 5.38 -29.22 17.65
C ILE D 174 6.12 -28.54 18.81
N ASN D 175 5.39 -27.94 19.74
CA ASN D 175 5.99 -27.05 20.72
C ASN D 175 6.39 -27.74 22.02
N CYS D 176 6.33 -29.06 22.09
CA CYS D 176 6.51 -29.76 23.36
C CYS D 176 7.90 -29.52 23.95
N ASN D 177 8.92 -29.94 23.23
CA ASN D 177 10.24 -29.78 23.75
C ASN D 177 10.60 -28.31 23.95
N THR D 178 10.08 -27.44 23.11
CA THR D 178 10.50 -26.03 23.12
C THR D 178 10.02 -25.33 24.39
N SER D 179 8.73 -25.42 24.69
CA SER D 179 8.15 -24.73 25.84
C SER D 179 6.77 -25.32 26.12
N VAL D 180 6.04 -24.70 27.04
CA VAL D 180 4.69 -25.13 27.39
C VAL D 180 3.72 -24.49 26.40
N ILE D 181 2.46 -24.91 26.45
CA ILE D 181 1.42 -24.42 25.54
C ILE D 181 0.18 -24.08 26.35
N THR D 182 -0.46 -22.96 26.02
CA THR D 182 -1.68 -22.52 26.67
C THR D 182 -2.71 -22.19 25.60
N GLN D 183 -3.89 -22.78 25.72
CA GLN D 183 -4.98 -22.48 24.80
C GLN D 183 -5.67 -21.19 25.22
N ALA D 184 -5.84 -20.27 24.27
CA ALA D 184 -6.55 -19.04 24.54
C ALA D 184 -8.01 -19.33 24.86
N CYS D 185 -8.56 -18.58 25.80
CA CYS D 185 -9.97 -18.72 26.13
C CYS D 185 -10.82 -18.40 24.90
N PRO D 186 -11.81 -19.23 24.56
CA PRO D 186 -12.64 -18.95 23.37
C PRO D 186 -13.51 -17.72 23.52
N LYS D 187 -13.69 -17.19 24.74
CA LYS D 187 -14.53 -16.01 24.93
C LYS D 187 -13.86 -14.76 24.37
N VAL D 188 -12.53 -14.68 24.43
CA VAL D 188 -11.82 -13.49 23.98
C VAL D 188 -11.76 -13.48 22.44
N SER D 189 -11.58 -12.28 21.89
CA SER D 189 -11.49 -12.09 20.45
C SER D 189 -10.16 -11.43 20.11
N PHE D 190 -9.56 -11.85 19.01
CA PHE D 190 -8.30 -11.29 18.54
C PHE D 190 -8.53 -10.20 17.50
N GLU D 191 -9.44 -9.26 17.81
CA GLU D 191 -9.77 -8.20 16.86
C GLU D 191 -8.98 -6.95 17.18
N PRO D 192 -8.30 -6.35 16.21
CA PRO D 192 -7.63 -5.06 16.45
C PRO D 192 -8.64 -3.93 16.58
N ILE D 193 -8.80 -3.41 17.79
CA ILE D 193 -9.67 -2.26 18.03
C ILE D 193 -8.82 -1.01 18.15
N PRO D 194 -9.20 0.11 17.52
CA PRO D 194 -8.41 1.34 17.64
C PRO D 194 -8.17 1.73 19.08
N ILE D 195 -6.91 1.74 19.49
CA ILE D 195 -6.49 2.13 20.83
C ILE D 195 -5.70 3.42 20.71
N HIS D 196 -5.90 4.33 21.65
CA HIS D 196 -5.21 5.61 21.68
C HIS D 196 -4.18 5.61 22.81
N TYR D 197 -3.04 6.25 22.57
CA TYR D 197 -2.02 6.45 23.60
C TYR D 197 -2.05 7.92 24.01
N CYS D 198 -2.40 8.16 25.28
CA CYS D 198 -2.53 9.51 25.82
C CYS D 198 -1.43 9.78 26.84
N ALA D 199 -0.84 10.96 26.73
CA ALA D 199 0.15 11.37 27.71
C ALA D 199 -0.53 11.98 28.93
N PRO D 200 0.04 11.80 30.12
CA PRO D 200 -0.63 12.29 31.34
C PRO D 200 -0.63 13.82 31.40
N ALA D 201 -1.43 14.33 32.32
CA ALA D 201 -1.51 15.76 32.54
C ALA D 201 -0.16 16.30 32.98
N GLY D 202 0.40 17.21 32.18
CA GLY D 202 1.74 17.72 32.38
C GLY D 202 2.69 17.41 31.25
N PHE D 203 2.33 16.46 30.39
CA PHE D 203 3.09 16.12 29.20
C PHE D 203 2.25 16.45 27.97
N ALA D 204 2.84 16.23 26.79
CA ALA D 204 2.12 16.48 25.56
C ALA D 204 2.73 15.63 24.45
N ILE D 205 1.90 15.31 23.46
CA ILE D 205 2.33 14.59 22.27
C ILE D 205 2.40 15.59 21.12
N LEU D 206 3.60 15.78 20.58
CA LEU D 206 3.79 16.59 19.39
C LEU D 206 3.66 15.70 18.16
N LYS D 207 2.91 16.17 17.17
CA LYS D 207 2.54 15.37 16.01
C LYS D 207 3.03 16.08 14.75
N CYS D 208 3.85 15.38 13.96
CA CYS D 208 4.33 15.93 12.70
C CYS D 208 3.20 15.86 11.66
N ASN D 209 2.96 17.00 11.00
CA ASN D 209 1.86 17.12 10.04
C ASN D 209 2.35 17.38 8.63
N SER D 210 3.61 17.07 8.33
CA SER D 210 4.16 17.33 7.01
C SER D 210 3.75 16.23 6.03
N LYS D 211 3.35 16.65 4.83
CA LYS D 211 2.81 15.71 3.84
C LYS D 211 3.83 14.65 3.44
N THR D 212 5.12 14.99 3.42
CA THR D 212 6.18 14.05 3.10
C THR D 212 7.25 14.22 4.17
N PHE D 213 7.14 13.43 5.23
CA PHE D 213 8.04 13.56 6.37
C PHE D 213 9.16 12.54 6.26
N ASN D 214 10.40 13.04 6.23
CA ASN D 214 11.63 12.29 6.39
C ASN D 214 11.56 11.31 7.56
N GLY D 215 12.46 10.33 7.59
CA GLY D 215 12.48 9.42 8.72
C GLY D 215 12.71 10.13 10.04
N SER D 216 13.90 10.71 10.21
CA SER D 216 14.26 11.44 11.42
C SER D 216 14.84 12.79 11.00
N GLY D 217 14.04 13.85 11.15
CA GLY D 217 14.47 15.17 10.81
C GLY D 217 13.57 16.23 11.42
N PRO D 218 13.70 17.47 10.94
CA PRO D 218 12.83 18.53 11.43
C PRO D 218 11.50 18.56 10.69
N CYS D 219 10.43 18.73 11.46
CA CYS D 219 9.08 18.86 10.91
C CYS D 219 8.72 20.35 10.86
N THR D 220 8.46 20.85 9.66
CA THR D 220 8.11 22.26 9.50
C THR D 220 6.78 22.60 10.15
N ASN D 221 5.87 21.64 10.16
CA ASN D 221 4.56 21.87 10.71
C ASN D 221 4.37 20.89 11.85
N VAL D 222 4.05 21.42 13.02
CA VAL D 222 3.83 20.60 14.21
C VAL D 222 2.48 20.92 14.79
N SER D 223 1.86 19.91 15.40
CA SER D 223 0.68 20.05 16.24
C SER D 223 0.94 19.38 17.57
N THR D 224 0.08 19.65 18.54
CA THR D 224 0.13 18.97 19.83
C THR D 224 -1.25 18.39 20.13
N VAL D 225 -1.25 17.19 20.70
CA VAL D 225 -2.49 16.47 20.99
C VAL D 225 -2.30 15.70 22.28
N GLN D 226 -3.39 15.54 23.03
CA GLN D 226 -3.32 14.81 24.29
C GLN D 226 -3.18 13.31 24.05
N CYS D 227 -3.71 12.81 22.94
CA CYS D 227 -3.73 11.40 22.62
C CYS D 227 -3.30 11.19 21.17
N THR D 228 -3.02 9.94 20.82
CA THR D 228 -2.73 9.57 19.45
C THR D 228 -4.03 9.26 18.71
N HIS D 229 -3.89 8.83 17.46
CA HIS D 229 -5.05 8.46 16.67
C HIS D 229 -5.41 6.99 16.92
N GLY D 230 -6.44 6.51 16.23
CA GLY D 230 -6.85 5.14 16.36
C GLY D 230 -5.84 4.17 15.77
N ILE D 231 -4.90 3.70 16.61
CA ILE D 231 -3.84 2.82 16.16
C ILE D 231 -4.31 1.38 16.41
N ARG D 232 -4.79 0.73 15.37
CA ARG D 232 -5.17 -0.68 15.48
C ARG D 232 -3.93 -1.53 15.70
N PRO D 233 -3.82 -2.25 16.82
CA PRO D 233 -2.65 -3.10 17.04
C PRO D 233 -2.69 -4.35 16.18
N VAL D 234 -2.50 -4.17 14.87
CA VAL D 234 -2.56 -5.28 13.92
C VAL D 234 -1.20 -5.97 13.89
N VAL D 235 -1.12 -7.17 14.45
CA VAL D 235 0.09 -7.97 14.36
C VAL D 235 0.16 -8.56 12.96
N SER D 236 1.27 -8.31 12.28
CA SER D 236 1.41 -8.76 10.90
C SER D 236 2.88 -8.89 10.55
N THR D 237 3.17 -9.78 9.60
CA THR D 237 4.52 -9.99 9.10
C THR D 237 4.58 -9.64 7.62
N GLN D 238 5.68 -9.02 7.21
CA GLN D 238 6.01 -8.74 5.82
C GLN D 238 5.08 -7.68 5.19
N LEU D 239 3.81 -7.66 5.56
CA LEU D 239 2.87 -6.67 5.05
C LEU D 239 2.15 -6.00 6.21
N LEU D 240 1.87 -4.71 6.07
CA LEU D 240 1.17 -3.94 7.09
C LEU D 240 -0.27 -3.72 6.64
N LEU D 241 -1.22 -3.99 7.52
CA LEU D 241 -2.63 -3.95 7.21
C LEU D 241 -3.35 -2.93 8.08
N ASN D 242 -4.41 -2.34 7.52
CA ASN D 242 -5.32 -1.45 8.25
C ASN D 242 -4.57 -0.31 8.92
N GLY D 243 -3.47 0.12 8.32
CA GLY D 243 -2.65 1.18 8.87
C GLY D 243 -3.11 2.56 8.43
N SER D 244 -2.19 3.52 8.51
CA SER D 244 -2.46 4.91 8.14
C SER D 244 -1.86 5.21 6.78
N LEU D 245 -2.66 5.80 5.90
CA LEU D 245 -2.24 6.09 4.53
C LEU D 245 -1.73 7.52 4.45
N ALA D 246 -0.49 7.69 3.99
CA ALA D 246 -0.02 8.99 3.58
C ALA D 246 -0.95 9.56 2.52
N GLU D 247 -1.06 10.88 2.46
CA GLU D 247 -2.08 11.48 1.61
C GLU D 247 -1.54 12.02 0.29
N GLU D 248 -0.23 12.03 0.08
CA GLU D 248 0.34 12.44 -1.19
C GLU D 248 1.47 11.49 -1.55
N GLU D 249 1.36 10.85 -2.70
CA GLU D 249 2.35 9.92 -3.22
C GLU D 249 2.55 8.80 -2.20
N ILE D 250 3.70 8.14 -2.24
CA ILE D 250 4.07 7.14 -1.26
C ILE D 250 5.34 7.63 -0.57
N VAL D 251 5.62 7.06 0.60
CA VAL D 251 6.74 7.48 1.42
C VAL D 251 7.60 6.26 1.73
N ILE D 252 8.90 6.39 1.49
CA ILE D 252 9.89 5.39 1.89
C ILE D 252 10.59 5.91 3.14
N ARG D 253 10.66 5.08 4.18
CA ARG D 253 11.23 5.49 5.45
C ARG D 253 12.27 4.49 5.91
N SER D 254 13.51 4.96 6.09
CA SER D 254 14.60 4.14 6.57
C SER D 254 15.49 4.98 7.48
N GLU D 255 16.05 4.32 8.50
CA GLU D 255 17.02 5.00 9.36
C GLU D 255 18.31 5.28 8.61
N ASN D 256 18.65 4.43 7.64
CA ASN D 256 19.83 4.64 6.80
C ASN D 256 19.65 3.76 5.57
N ILE D 257 19.26 4.37 4.45
CA ILE D 257 18.96 3.59 3.25
C ILE D 257 20.24 3.12 2.59
N THR D 258 21.35 3.85 2.78
CA THR D 258 22.64 3.36 2.29
C THR D 258 23.11 2.14 3.09
N ASP D 259 22.64 1.98 4.32
CA ASP D 259 22.94 0.81 5.13
C ASP D 259 21.93 -0.28 4.78
N ASN D 260 22.44 -1.44 4.36
CA ASN D 260 21.54 -2.52 3.97
C ASN D 260 20.86 -3.15 5.17
N ALA D 261 21.49 -3.10 6.35
CA ALA D 261 20.98 -3.75 7.54
C ALA D 261 19.84 -2.99 8.20
N LYS D 262 19.46 -1.83 7.67
CA LYS D 262 18.41 -1.01 8.25
C LYS D 262 17.10 -1.28 7.51
N THR D 263 16.07 -1.65 8.26
CA THR D 263 14.77 -1.97 7.67
C THR D 263 14.18 -0.75 6.97
N ILE D 264 13.33 -1.00 5.98
CA ILE D 264 12.70 0.05 5.19
C ILE D 264 11.19 -0.06 5.38
N ILE D 265 10.60 0.95 6.00
CA ILE D 265 9.15 1.04 6.15
C ILE D 265 8.60 1.85 4.99
N VAL D 266 7.60 1.31 4.31
CA VAL D 266 6.96 1.96 3.17
C VAL D 266 5.55 2.36 3.59
N GLN D 267 5.06 3.43 2.98
CA GLN D 267 3.70 3.90 3.23
C GLN D 267 3.06 4.27 1.90
N LEU D 268 1.80 3.85 1.72
CA LEU D 268 1.06 4.10 0.49
C LEU D 268 0.06 5.23 0.68
N ASN D 269 -0.47 5.71 -0.44
CA ASN D 269 -1.56 6.68 -0.43
C ASN D 269 -2.91 6.03 -0.69
N GLU D 270 -3.00 5.19 -1.73
CA GLU D 270 -4.19 4.40 -2.01
C GLU D 270 -3.89 2.96 -1.59
N ALA D 271 -4.59 2.50 -0.55
CA ALA D 271 -4.36 1.16 -0.06
C ALA D 271 -4.94 0.12 -1.00
N VAL D 272 -4.29 -1.03 -1.08
CA VAL D 272 -4.72 -2.13 -1.93
C VAL D 272 -5.67 -3.01 -1.13
N GLU D 273 -6.85 -3.26 -1.68
CA GLU D 273 -7.84 -4.10 -1.01
C GLU D 273 -7.45 -5.56 -1.15
N ILE D 274 -7.43 -6.28 -0.03
CA ILE D 274 -7.08 -7.70 0.01
C ILE D 274 -8.31 -8.48 0.41
N ASN D 275 -8.36 -9.75 -0.01
CA ASN D 275 -9.47 -10.64 0.30
C ASN D 275 -8.92 -12.03 0.58
N CYS D 276 -9.31 -12.61 1.71
CA CYS D 276 -8.81 -13.91 2.13
C CYS D 276 -9.94 -14.73 2.71
N THR D 277 -9.83 -16.05 2.58
CA THR D 277 -10.84 -16.97 3.10
C THR D 277 -10.19 -18.27 3.52
N ARG D 278 -10.82 -18.96 4.46
CA ARG D 278 -10.57 -20.38 4.73
C ARG D 278 -11.86 -21.13 4.40
N PRO D 279 -11.98 -21.67 3.20
CA PRO D 279 -13.30 -22.19 2.76
C PRO D 279 -13.76 -23.43 3.51
N ASN D 280 -12.85 -24.20 4.11
CA ASN D 280 -13.23 -25.44 4.77
C ASN D 280 -14.21 -25.15 5.92
N ASN D 281 -15.36 -25.83 5.87
CA ASN D 281 -16.41 -25.66 6.87
C ASN D 281 -16.08 -26.55 8.07
N ASN D 282 -15.13 -26.10 8.88
CA ASN D 282 -14.67 -26.89 10.01
C ASN D 282 -15.75 -26.95 11.09
N THR D 283 -15.49 -27.77 12.11
CA THR D 283 -16.37 -27.93 13.25
C THR D 283 -15.55 -27.86 14.54
N ARG D 284 -16.26 -27.67 15.64
CA ARG D 284 -15.64 -27.53 16.96
C ARG D 284 -15.90 -28.79 17.77
N LYS D 285 -14.83 -29.48 18.13
CA LYS D 285 -14.90 -30.69 18.96
C LYS D 285 -14.29 -30.37 20.32
N SER D 286 -15.04 -30.66 21.38
CA SER D 286 -14.62 -30.38 22.75
C SER D 286 -14.17 -31.69 23.40
N ILE D 287 -12.86 -31.82 23.62
CA ILE D 287 -12.28 -33.02 24.23
C ILE D 287 -11.96 -32.68 25.68
N HIS D 288 -12.60 -33.38 26.61
CA HIS D 288 -12.32 -33.16 28.03
C HIS D 288 -10.98 -33.76 28.40
N ILE D 289 -10.08 -32.93 28.91
CA ILE D 289 -8.74 -33.37 29.27
C ILE D 289 -8.45 -33.21 30.76
N GLY D 290 -9.21 -32.39 31.48
CA GLY D 290 -8.98 -32.19 32.89
C GLY D 290 -10.22 -31.65 33.59
N PRO D 291 -10.10 -31.38 34.88
CA PRO D 291 -11.26 -30.85 35.63
C PRO D 291 -11.65 -29.45 35.21
N GLY D 292 -12.74 -29.33 34.47
CA GLY D 292 -13.20 -28.04 34.01
C GLY D 292 -12.31 -27.38 32.99
N ARG D 293 -11.49 -28.15 32.28
CA ARG D 293 -10.60 -27.64 31.24
C ARG D 293 -10.97 -28.35 29.93
N ALA D 294 -12.01 -27.85 29.27
CA ALA D 294 -12.48 -28.43 28.02
C ALA D 294 -11.61 -27.92 26.88
N PHE D 295 -10.81 -28.81 26.31
CA PHE D 295 -9.98 -28.46 25.16
C PHE D 295 -10.80 -28.56 23.87
N TYR D 296 -10.55 -27.61 22.97
CA TYR D 296 -11.30 -27.52 21.72
C TYR D 296 -10.37 -27.86 20.55
N ALA D 297 -10.79 -28.82 19.73
CA ALA D 297 -10.03 -29.29 18.58
C ALA D 297 -10.90 -29.24 17.34
N THR D 298 -10.23 -29.21 16.18
CA THR D 298 -10.92 -29.20 14.90
C THR D 298 -11.57 -30.56 14.67
N GLY D 299 -12.89 -30.58 14.65
CA GLY D 299 -13.63 -31.78 14.33
C GLY D 299 -13.55 -32.13 12.86
N ASP D 300 -14.45 -33.00 12.44
CA ASP D 300 -14.49 -33.41 11.04
C ASP D 300 -14.92 -32.24 10.16
N ILE D 301 -14.38 -32.21 8.94
CA ILE D 301 -14.70 -31.15 7.98
C ILE D 301 -15.98 -31.49 7.26
N ILE D 302 -16.69 -30.45 6.84
CA ILE D 302 -17.97 -30.58 6.15
C ILE D 302 -17.85 -29.92 4.78
N GLY D 303 -18.37 -30.60 3.76
CA GLY D 303 -18.37 -30.03 2.43
C GLY D 303 -17.03 -30.21 1.73
N ASN D 304 -16.78 -29.31 0.77
CA ASN D 304 -15.62 -29.44 -0.09
C ASN D 304 -14.33 -29.29 0.71
N ILE D 305 -13.24 -29.80 0.13
CA ILE D 305 -11.90 -29.69 0.72
C ILE D 305 -11.07 -28.79 -0.18
N ARG D 306 -10.51 -27.73 0.39
CA ARG D 306 -9.72 -26.77 -0.36
C ARG D 306 -8.91 -25.92 0.61
N GLN D 307 -7.76 -25.45 0.14
CA GLN D 307 -6.84 -24.70 0.99
C GLN D 307 -7.22 -23.22 1.05
N ALA D 308 -6.67 -22.53 2.04
CA ALA D 308 -6.93 -21.11 2.23
C ALA D 308 -6.05 -20.29 1.29
N HIS D 309 -6.62 -19.16 0.83
CA HIS D 309 -5.98 -18.34 -0.19
C HIS D 309 -6.25 -16.88 0.11
N CYS D 310 -5.57 -16.01 -0.64
CA CYS D 310 -5.77 -14.57 -0.56
C CYS D 310 -5.74 -13.98 -1.96
N ASN D 311 -6.76 -13.18 -2.29
CA ASN D 311 -6.87 -12.51 -3.58
C ASN D 311 -6.42 -11.07 -3.45
N ILE D 312 -5.55 -10.63 -4.37
CA ILE D 312 -5.11 -9.25 -4.47
C ILE D 312 -5.27 -8.80 -5.91
N SER D 313 -5.95 -7.68 -6.12
CA SER D 313 -6.20 -7.21 -7.48
C SER D 313 -4.88 -6.92 -8.19
N LYS D 314 -4.70 -7.54 -9.36
CA LYS D 314 -3.45 -7.38 -10.09
C LYS D 314 -3.30 -5.97 -10.63
N ALA D 315 -4.41 -5.34 -11.04
CA ALA D 315 -4.34 -3.97 -11.54
C ALA D 315 -3.88 -3.01 -10.46
N ARG D 316 -4.30 -3.23 -9.21
CA ARG D 316 -3.94 -2.32 -8.13
C ARG D 316 -2.52 -2.58 -7.63
N TRP D 317 -2.10 -3.85 -7.57
CA TRP D 317 -0.76 -4.15 -7.09
C TRP D 317 0.31 -3.75 -8.10
N ASN D 318 -0.05 -3.71 -9.39
CA ASN D 318 0.91 -3.27 -10.40
C ASN D 318 1.14 -1.77 -10.30
N GLU D 319 0.06 -0.99 -10.19
CA GLU D 319 0.20 0.45 -10.00
C GLU D 319 0.90 0.76 -8.69
N THR D 320 0.52 0.06 -7.62
CA THR D 320 1.18 0.24 -6.32
C THR D 320 2.66 -0.06 -6.42
N LEU D 321 3.01 -1.22 -6.99
CA LEU D 321 4.43 -1.51 -7.23
C LEU D 321 5.03 -0.54 -8.24
N GLY D 322 4.20 0.00 -9.13
CA GLY D 322 4.68 1.04 -10.02
C GLY D 322 5.01 2.32 -9.29
N GLN D 323 4.24 2.65 -8.25
CA GLN D 323 4.54 3.83 -7.44
C GLN D 323 5.72 3.59 -6.51
N ILE D 324 5.92 2.35 -6.07
CA ILE D 324 7.04 2.04 -5.17
C ILE D 324 8.35 2.02 -5.93
N VAL D 325 8.36 1.44 -7.14
CA VAL D 325 9.59 1.36 -7.92
C VAL D 325 10.04 2.75 -8.35
N ALA D 326 9.11 3.70 -8.46
CA ALA D 326 9.47 5.06 -8.84
C ALA D 326 10.30 5.74 -7.76
N LYS D 327 9.79 5.74 -6.52
CA LYS D 327 10.51 6.38 -5.42
C LYS D 327 11.80 5.64 -5.11
N LEU D 328 11.81 4.31 -5.25
CA LEU D 328 13.06 3.57 -5.09
C LEU D 328 14.06 3.95 -6.16
N GLU D 329 13.59 4.14 -7.39
CA GLU D 329 14.49 4.49 -8.49
C GLU D 329 15.00 5.92 -8.39
N GLU D 330 14.36 6.78 -7.59
CA GLU D 330 14.88 8.12 -7.36
C GLU D 330 16.00 8.12 -6.33
N GLN D 331 16.00 7.16 -5.41
CA GLN D 331 17.05 7.06 -4.41
C GLN D 331 18.28 6.34 -4.92
N PHE D 332 18.16 5.63 -6.04
CA PHE D 332 19.28 4.89 -6.62
C PHE D 332 19.45 5.31 -8.07
N PRO D 333 20.62 5.81 -8.47
CA PRO D 333 20.73 6.40 -9.82
C PRO D 333 20.72 5.36 -10.94
N ASN D 334 21.35 4.20 -10.75
CA ASN D 334 21.53 3.24 -11.83
C ASN D 334 20.32 2.33 -12.04
N LYS D 335 19.22 2.57 -11.32
CA LYS D 335 17.95 1.87 -11.54
C LYS D 335 18.00 0.40 -11.17
N THR D 336 19.14 -0.07 -10.64
CA THR D 336 19.37 -1.43 -10.13
C THR D 336 18.59 -2.54 -10.85
N ILE D 337 18.28 -3.60 -10.12
CA ILE D 337 17.42 -4.69 -10.59
C ILE D 337 16.44 -5.02 -9.48
N ILE D 338 15.25 -5.38 -9.94
CA ILE D 338 14.04 -5.65 -9.12
C ILE D 338 14.31 -6.84 -8.20
N PHE D 339 13.53 -6.95 -7.15
CA PHE D 339 13.78 -7.93 -6.07
C PHE D 339 12.78 -9.08 -6.00
N ASN D 340 13.29 -10.13 -5.37
CA ASN D 340 12.53 -11.29 -4.93
C ASN D 340 12.59 -11.38 -3.41
N HIS D 341 12.15 -12.50 -2.82
CA HIS D 341 11.86 -12.47 -1.39
C HIS D 341 12.17 -13.79 -0.69
N SER D 342 12.24 -13.68 0.64
CA SER D 342 12.04 -14.79 1.59
C SER D 342 13.21 -15.78 1.68
N SER D 343 14.39 -15.30 2.08
CA SER D 343 15.53 -16.16 2.34
C SER D 343 15.80 -16.19 3.84
N GLY D 344 16.11 -17.38 4.37
CA GLY D 344 16.59 -17.52 5.73
C GLY D 344 15.52 -17.79 6.77
N GLY D 345 14.24 -17.67 6.42
CA GLY D 345 13.17 -17.80 7.38
C GLY D 345 12.43 -19.12 7.17
N ASP D 346 12.46 -19.96 8.20
CA ASP D 346 11.82 -21.27 8.11
C ASP D 346 10.32 -21.18 8.39
N PRO D 347 9.88 -20.50 9.48
CA PRO D 347 8.44 -20.55 9.79
C PRO D 347 7.71 -19.22 9.65
N GLU D 348 7.71 -18.43 10.73
CA GLU D 348 6.86 -17.25 10.83
C GLU D 348 7.38 -16.07 10.02
N ILE D 349 8.70 -15.97 9.84
CA ILE D 349 9.28 -14.74 9.31
C ILE D 349 9.06 -14.63 7.80
N VAL D 350 9.14 -15.76 7.08
CA VAL D 350 9.09 -15.70 5.62
C VAL D 350 7.66 -15.51 5.12
N THR D 351 6.71 -16.23 5.72
CA THR D 351 5.33 -16.12 5.27
C THR D 351 4.71 -14.78 5.71
N HIS D 352 3.63 -14.40 5.04
CA HIS D 352 2.84 -13.23 5.41
C HIS D 352 1.80 -13.67 6.44
N SER D 353 2.24 -13.76 7.69
CA SER D 353 1.36 -14.23 8.76
C SER D 353 0.49 -13.08 9.27
N PHE D 354 -0.79 -13.37 9.46
CA PHE D 354 -1.76 -12.38 9.91
C PHE D 354 -3.02 -13.11 10.34
N ASN D 355 -3.71 -12.53 11.31
CA ASN D 355 -4.94 -13.13 11.84
C ASN D 355 -6.14 -12.72 11.01
N CYS D 356 -7.10 -13.64 10.89
CA CYS D 356 -8.37 -13.35 10.21
C CYS D 356 -9.42 -14.31 10.76
N GLY D 357 -10.54 -13.77 11.23
CA GLY D 357 -11.61 -14.56 11.81
C GLY D 357 -11.22 -15.41 13.00
N GLY D 358 -9.99 -15.32 13.52
CA GLY D 358 -9.53 -16.16 14.60
C GLY D 358 -8.38 -17.09 14.25
N GLU D 359 -8.22 -17.47 12.99
CA GLU D 359 -7.15 -18.36 12.58
C GLU D 359 -5.98 -17.57 12.03
N PHE D 360 -4.79 -18.15 12.14
CA PHE D 360 -3.54 -17.48 11.78
C PHE D 360 -3.04 -18.00 10.44
N PHE D 361 -3.31 -17.22 9.39
CA PHE D 361 -2.89 -17.54 8.03
C PHE D 361 -1.39 -17.29 7.87
N TYR D 362 -0.79 -17.98 6.90
CA TYR D 362 0.65 -17.88 6.61
C TYR D 362 0.81 -17.92 5.08
N CYS D 363 0.71 -16.75 4.45
CA CYS D 363 0.65 -16.70 2.99
C CYS D 363 2.03 -16.77 2.36
N ASN D 364 2.05 -17.18 1.09
CA ASN D 364 3.26 -17.23 0.27
C ASN D 364 3.24 -16.03 -0.67
N THR D 365 4.09 -15.04 -0.39
CA THR D 365 4.10 -13.79 -1.13
C THR D 365 4.99 -13.83 -2.37
N THR D 366 5.23 -15.02 -2.93
CA THR D 366 6.03 -15.13 -4.15
C THR D 366 5.35 -14.50 -5.35
N PRO D 367 4.02 -14.62 -5.51
CA PRO D 367 3.37 -13.93 -6.65
C PRO D 367 3.52 -12.42 -6.62
N LEU D 368 3.84 -11.82 -5.47
CA LEU D 368 3.93 -10.38 -5.37
C LEU D 368 5.33 -9.84 -5.64
N PHE D 369 6.37 -10.58 -5.28
CA PHE D 369 7.74 -10.11 -5.33
C PHE D 369 8.59 -10.92 -6.31
N ASN D 370 7.99 -11.38 -7.41
CA ASN D 370 8.70 -12.15 -8.41
C ASN D 370 8.93 -11.32 -9.68
N SER D 371 8.97 -10.01 -9.54
CA SER D 371 8.93 -9.09 -10.67
C SER D 371 10.33 -8.56 -10.98
N THR D 372 10.42 -7.88 -12.13
CA THR D 372 11.64 -7.18 -12.53
C THR D 372 11.26 -5.99 -13.40
N TRP D 373 11.73 -4.81 -13.00
CA TRP D 373 11.47 -3.56 -13.68
C TRP D 373 12.79 -2.90 -14.06
N ASN D 374 12.72 -1.99 -15.01
CA ASN D 374 13.90 -1.26 -15.48
C ASN D 374 13.45 -0.10 -16.35
N ASN D 375 13.92 1.11 -16.04
CA ASN D 375 13.39 2.34 -16.63
C ASN D 375 11.89 2.45 -16.36
N THR D 376 11.49 2.15 -15.13
CA THR D 376 10.07 2.05 -14.73
C THR D 376 9.42 1.04 -15.66
N ARG D 377 8.31 1.38 -16.32
CA ARG D 377 7.61 0.50 -17.27
C ARG D 377 7.22 -0.78 -16.53
N THR D 378 7.64 -1.96 -16.97
CA THR D 378 7.28 -3.21 -16.31
C THR D 378 8.04 -4.35 -16.99
N ASP D 379 7.93 -5.53 -16.38
CA ASP D 379 8.23 -6.82 -16.99
C ASP D 379 7.74 -7.88 -16.03
N ASP D 380 7.82 -9.14 -16.47
CA ASP D 380 7.47 -10.30 -15.65
C ASP D 380 5.99 -10.32 -15.27
N TYR D 381 5.15 -9.61 -16.02
CA TYR D 381 3.70 -9.66 -15.85
C TYR D 381 3.09 -9.64 -17.26
N PRO D 382 2.17 -10.55 -17.57
CA PRO D 382 1.44 -10.67 -18.83
C PRO D 382 1.08 -9.33 -19.48
N GLY D 385 -7.64 -11.76 -18.20
CA GLY D 385 -7.15 -10.49 -17.68
C GLY D 385 -7.82 -10.08 -16.38
N GLU D 386 -7.22 -9.10 -15.70
CA GLU D 386 -7.72 -8.59 -14.41
C GLU D 386 -7.89 -9.74 -13.41
N GLN D 387 -6.90 -10.64 -13.38
CA GLN D 387 -6.97 -11.80 -12.51
C GLN D 387 -6.70 -11.41 -11.07
N ASN D 388 -7.56 -11.88 -10.17
CA ASN D 388 -7.25 -11.86 -8.75
C ASN D 388 -5.97 -12.65 -8.51
N ILE D 389 -4.97 -12.02 -7.91
CA ILE D 389 -3.72 -12.70 -7.59
C ILE D 389 -3.93 -13.58 -6.37
N THR D 390 -3.76 -14.89 -6.53
CA THR D 390 -4.05 -15.86 -5.49
C THR D 390 -2.77 -16.35 -4.83
N LEU D 391 -2.77 -16.40 -3.50
CA LEU D 391 -1.62 -16.83 -2.70
C LEU D 391 -2.06 -17.96 -1.80
N GLN D 392 -1.43 -19.13 -1.96
CA GLN D 392 -1.78 -20.29 -1.13
C GLN D 392 -1.31 -20.01 0.30
N CYS D 393 -2.27 -19.86 1.20
CA CYS D 393 -2.03 -19.47 2.58
C CYS D 393 -2.25 -20.67 3.49
N ARG D 394 -1.19 -21.08 4.18
CA ARG D 394 -1.28 -22.17 5.15
C ARG D 394 -1.72 -21.63 6.50
N ILE D 395 -2.42 -22.46 7.27
CA ILE D 395 -3.00 -22.05 8.54
C ILE D 395 -2.41 -22.91 9.66
N LYS D 396 -2.04 -22.26 10.76
CA LYS D 396 -1.54 -22.90 11.96
C LYS D 396 -2.44 -22.59 13.14
N GLN D 397 -2.19 -23.28 14.25
CA GLN D 397 -2.87 -23.03 15.50
C GLN D 397 -1.94 -22.86 16.69
N ILE D 398 -0.72 -23.38 16.62
CA ILE D 398 0.27 -23.20 17.68
C ILE D 398 1.21 -22.08 17.27
N ILE D 399 1.25 -21.01 18.05
CA ILE D 399 2.06 -19.84 17.76
C ILE D 399 2.79 -19.41 19.02
N ASN D 400 4.06 -19.05 18.87
CA ASN D 400 4.83 -18.36 19.90
C ASN D 400 5.22 -17.00 19.32
N MET D 401 4.48 -15.96 19.72
CA MET D 401 4.56 -14.67 19.06
C MET D 401 5.65 -13.78 19.67
N TRP D 402 6.15 -12.85 18.85
CA TRP D 402 7.14 -11.85 19.25
C TRP D 402 8.48 -12.47 19.64
N GLN D 403 8.82 -13.60 19.03
CA GLN D 403 10.10 -14.26 19.26
C GLN D 403 10.32 -14.56 20.73
N GLY D 404 9.22 -14.78 21.46
CA GLY D 404 9.31 -14.99 22.90
C GLY D 404 9.56 -16.44 23.27
N VAL D 405 10.63 -16.67 24.03
CA VAL D 405 10.93 -18.01 24.52
C VAL D 405 10.04 -18.31 25.72
N GLY D 406 9.22 -19.35 25.60
CA GLY D 406 8.31 -19.71 26.66
C GLY D 406 6.89 -19.96 26.17
N LYS D 407 5.91 -19.48 26.93
CA LYS D 407 4.50 -19.79 26.68
C LYS D 407 4.12 -19.51 25.23
N ALA D 408 3.52 -20.51 24.59
CA ALA D 408 3.00 -20.39 23.23
C ALA D 408 1.50 -20.61 23.24
N MET D 409 0.79 -19.85 22.42
CA MET D 409 -0.67 -19.87 22.42
C MET D 409 -1.19 -20.86 21.39
N TYR D 410 -2.24 -21.58 21.76
CA TYR D 410 -2.97 -22.46 20.86
C TYR D 410 -4.28 -21.79 20.48
N ALA D 411 -4.40 -21.38 19.23
CA ALA D 411 -5.63 -20.75 18.75
C ALA D 411 -6.75 -21.78 18.68
N PRO D 412 -7.88 -21.57 19.35
CA PRO D 412 -8.96 -22.55 19.29
C PRO D 412 -9.57 -22.59 17.91
N PRO D 413 -10.16 -23.72 17.51
CA PRO D 413 -10.75 -23.81 16.17
C PRO D 413 -12.01 -22.97 16.04
N ILE D 414 -12.24 -22.49 14.83
CA ILE D 414 -13.33 -21.58 14.52
C ILE D 414 -14.39 -22.36 13.75
N ARG D 415 -15.62 -22.34 14.26
CA ARG D 415 -16.72 -23.03 13.59
C ARG D 415 -17.08 -22.34 12.29
N GLY D 416 -17.40 -23.13 11.27
CA GLY D 416 -17.86 -22.59 10.01
C GLY D 416 -16.75 -22.09 9.12
N GLN D 417 -17.17 -21.42 8.05
CA GLN D 417 -16.27 -20.89 7.05
C GLN D 417 -15.84 -19.48 7.42
N ILE D 418 -14.57 -19.16 7.15
CA ILE D 418 -13.96 -17.89 7.56
C ILE D 418 -13.74 -17.02 6.32
N ARG D 419 -14.06 -15.74 6.45
CA ARG D 419 -13.88 -14.78 5.38
C ARG D 419 -13.54 -13.42 5.98
N CYS D 420 -12.60 -12.71 5.35
CA CYS D 420 -12.18 -11.41 5.81
C CYS D 420 -11.68 -10.58 4.63
N SER D 421 -11.22 -9.37 4.92
CA SER D 421 -10.69 -8.44 3.94
C SER D 421 -10.04 -7.29 4.68
N SER D 422 -9.00 -6.71 4.08
CA SER D 422 -8.25 -5.64 4.73
C SER D 422 -7.57 -4.77 3.68
N ASN D 423 -7.30 -3.52 4.06
CA ASN D 423 -6.47 -2.66 3.24
C ASN D 423 -5.03 -2.78 3.70
N ILE D 424 -4.10 -2.93 2.74
CA ILE D 424 -2.67 -2.93 3.03
C ILE D 424 -2.14 -1.54 2.76
N THR D 425 -1.65 -0.88 3.81
CA THR D 425 -1.20 0.50 3.73
C THR D 425 0.31 0.63 3.61
N GLY D 426 1.06 -0.31 4.19
CA GLY D 426 2.51 -0.29 4.10
C GLY D 426 3.08 -1.69 4.00
N LEU D 427 4.38 -1.75 3.74
CA LEU D 427 5.06 -3.02 3.61
C LEU D 427 6.52 -2.85 4.00
N LEU D 428 7.08 -3.86 4.65
CA LEU D 428 8.46 -3.85 5.10
C LEU D 428 9.34 -4.61 4.12
N LEU D 429 10.42 -3.96 3.68
CA LEU D 429 11.39 -4.55 2.77
C LEU D 429 12.76 -4.58 3.44
N THR D 430 13.73 -5.20 2.78
CA THR D 430 15.10 -5.23 3.27
C THR D 430 16.05 -5.29 2.08
N ARG D 431 16.90 -4.27 1.95
CA ARG D 431 17.88 -4.24 0.88
C ARG D 431 19.00 -5.23 1.18
N ASP D 432 19.38 -6.01 0.17
CA ASP D 432 20.44 -7.00 0.31
C ASP D 432 21.72 -6.51 -0.36
N GLY D 433 22.85 -6.78 0.27
CA GLY D 433 24.14 -6.40 -0.26
C GLY D 433 25.03 -7.59 -0.54
N GLY D 434 25.63 -7.62 -1.73
CA GLY D 434 26.42 -8.75 -2.14
C GLY D 434 27.91 -8.49 -2.23
N ARG D 435 28.68 -9.12 -1.34
CA ARG D 435 30.14 -9.04 -1.31
C ARG D 435 30.54 -7.57 -1.18
N ASP D 436 31.42 -7.05 -2.03
CA ASP D 436 31.94 -5.70 -1.86
C ASP D 436 31.28 -4.69 -2.81
N GLN D 437 31.19 -5.01 -4.10
CA GLN D 437 30.65 -4.06 -5.06
C GLN D 437 30.23 -4.78 -6.33
N ASN D 438 29.36 -4.10 -7.10
CA ASN D 438 28.89 -4.49 -8.43
C ASN D 438 28.08 -5.78 -8.44
N GLY D 439 27.61 -6.26 -7.29
CA GLY D 439 26.72 -7.40 -7.31
C GLY D 439 25.30 -7.05 -7.71
N THR D 440 24.95 -5.76 -7.69
CA THR D 440 23.62 -5.24 -7.95
C THR D 440 22.63 -5.70 -6.89
N GLU D 441 21.58 -4.91 -6.64
CA GLU D 441 20.82 -5.02 -5.40
C GLU D 441 19.34 -5.27 -5.65
N THR D 442 18.76 -6.17 -4.87
CA THR D 442 17.32 -6.43 -4.80
C THR D 442 16.83 -6.10 -3.39
N PHE D 443 15.57 -6.42 -3.10
CA PHE D 443 14.94 -6.05 -1.84
C PHE D 443 14.10 -7.22 -1.32
N ARG D 444 14.60 -7.90 -0.31
CA ARG D 444 13.83 -8.99 0.32
C ARG D 444 12.90 -8.43 1.39
N PRO D 445 11.58 -8.57 1.23
CA PRO D 445 10.67 -8.14 2.30
C PRO D 445 10.86 -8.98 3.56
N GLY D 446 10.92 -8.30 4.69
CA GLY D 446 11.12 -8.97 5.96
C GLY D 446 11.25 -7.98 7.11
N GLY D 447 10.55 -8.24 8.20
CA GLY D 447 10.58 -7.35 9.35
C GLY D 447 11.89 -7.45 10.10
N GLY D 448 12.62 -6.34 10.21
CA GLY D 448 13.84 -6.34 11.00
C GLY D 448 13.59 -6.59 12.47
N ASN D 449 12.39 -6.26 12.94
CA ASN D 449 11.99 -6.53 14.32
C ASN D 449 10.47 -6.51 14.36
N MET D 450 9.93 -6.98 15.49
CA MET D 450 8.49 -6.91 15.69
C MET D 450 8.02 -5.46 15.81
N ARG D 451 8.82 -4.62 16.46
CA ARG D 451 8.40 -3.25 16.75
C ARG D 451 8.22 -2.42 15.49
N ASP D 452 8.71 -2.87 14.34
CA ASP D 452 8.60 -2.09 13.12
C ASP D 452 7.16 -1.88 12.70
N ASN D 453 6.24 -2.74 13.15
CA ASN D 453 4.83 -2.52 12.86
C ASN D 453 4.32 -1.26 13.55
N TRP D 454 4.77 -1.01 14.78
CA TRP D 454 4.32 0.17 15.51
C TRP D 454 5.01 1.43 15.02
N ARG D 455 6.26 1.33 14.57
CA ARG D 455 6.96 2.51 14.07
C ARG D 455 6.30 3.09 12.84
N SER D 456 5.50 2.29 12.11
CA SER D 456 4.78 2.81 10.96
C SER D 456 3.64 3.73 11.36
N GLU D 457 3.15 3.62 12.60
CA GLU D 457 2.07 4.45 13.09
C GLU D 457 2.53 5.52 14.07
N LEU D 458 3.74 5.39 14.63
CA LEU D 458 4.27 6.35 15.57
C LEU D 458 5.48 7.10 15.01
N TYR D 459 5.58 7.21 13.68
CA TYR D 459 6.69 7.96 13.08
C TYR D 459 6.54 9.46 13.29
N LYS D 460 5.33 9.93 13.62
CA LYS D 460 5.07 11.36 13.76
C LYS D 460 4.90 11.82 15.20
N TYR D 461 4.48 10.93 16.11
CA TYR D 461 4.21 11.33 17.48
C TYR D 461 5.48 11.30 18.32
N LYS D 462 5.65 12.33 19.16
CA LYS D 462 6.73 12.40 20.13
C LYS D 462 6.17 12.87 21.46
N VAL D 463 6.68 12.29 22.54
CA VAL D 463 6.24 12.64 23.89
C VAL D 463 7.18 13.70 24.46
N VAL D 464 6.61 14.79 24.97
CA VAL D 464 7.38 15.86 25.59
C VAL D 464 6.68 16.28 26.87
N LYS D 465 7.46 16.83 27.80
CA LYS D 465 6.93 17.35 29.05
C LYS D 465 6.89 18.88 29.01
N ILE D 466 5.91 19.46 29.71
CA ILE D 466 5.71 20.90 29.76
C ILE D 466 6.32 21.44 31.05
N GLU D 467 7.14 22.47 30.93
CA GLU D 467 7.67 23.20 32.08
C GLU D 467 7.06 24.59 32.08
N PRO D 468 5.97 24.83 32.81
CA PRO D 468 5.18 26.06 32.62
C PRO D 468 5.63 27.27 33.41
N LEU D 469 6.69 27.18 34.21
CA LEU D 469 7.17 28.30 35.01
C LEU D 469 8.28 29.03 34.25
N GLY D 470 8.04 30.30 33.96
CA GLY D 470 9.02 31.12 33.28
C GLY D 470 9.29 32.44 33.96
N ILE D 471 10.56 32.74 34.20
CA ILE D 471 10.98 34.03 34.75
C ILE D 471 11.51 34.87 33.61
N ALA D 472 11.26 36.18 33.68
CA ALA D 472 11.68 37.11 32.64
C ALA D 472 11.65 38.51 33.23
N PRO D 473 12.52 39.41 32.77
CA PRO D 473 12.57 40.75 33.35
C PRO D 473 11.49 41.65 32.77
N THR D 474 10.82 42.38 33.66
CA THR D 474 9.90 43.45 33.31
C THR D 474 10.28 44.70 34.10
N ALA D 475 9.46 45.74 33.96
CA ALA D 475 9.70 47.01 34.65
C ALA D 475 8.82 47.17 35.88
N CYS D 476 8.24 46.08 36.39
CA CYS D 476 7.38 46.14 37.56
C CYS D 476 8.12 45.62 38.79
N LYS D 477 7.87 46.27 39.92
CA LYS D 477 8.38 45.85 41.21
C LYS D 477 7.20 45.61 42.14
N ARG D 478 7.28 44.53 42.92
CA ARG D 478 6.19 44.22 43.85
C ARG D 478 6.06 45.34 44.87
N ARG D 479 4.84 45.51 45.39
CA ARG D 479 4.59 46.54 46.39
C ARG D 479 5.57 46.41 47.54
N VAL D 480 6.25 47.52 47.86
CA VAL D 480 7.36 47.49 48.79
C VAL D 480 6.92 46.95 50.15
N VAL D 481 7.91 46.51 50.93
CA VAL D 481 7.63 45.96 52.25
C VAL D 481 6.88 46.98 53.08
N GLN D 482 5.67 46.61 53.51
CA GLN D 482 4.81 47.51 54.29
C GLN D 482 3.76 46.70 55.03
N GLN E 1 -27.85 -37.68 -34.00
CA GLN E 1 -27.14 -37.86 -35.25
C GLN E 1 -26.10 -38.96 -35.14
N VAL E 2 -26.04 -39.59 -33.98
CA VAL E 2 -25.09 -40.66 -33.69
C VAL E 2 -25.87 -41.95 -33.48
N GLN E 3 -25.59 -42.96 -34.29
CA GLN E 3 -26.24 -44.25 -34.21
C GLN E 3 -25.22 -45.32 -33.87
N LEU E 4 -25.56 -46.20 -32.93
CA LEU E 4 -24.70 -47.28 -32.50
C LEU E 4 -25.38 -48.61 -32.75
N GLN E 5 -24.58 -49.62 -33.08
CA GLN E 5 -25.09 -50.97 -33.33
C GLN E 5 -24.15 -51.98 -32.72
N GLU E 6 -24.70 -52.88 -31.91
CA GLU E 6 -23.94 -53.91 -31.22
C GLU E 6 -24.04 -55.21 -31.98
N SER E 7 -22.89 -55.90 -32.15
CA SER E 7 -22.83 -57.19 -32.80
C SER E 7 -21.99 -58.12 -31.97
N GLY E 8 -22.48 -59.33 -31.74
CA GLY E 8 -21.77 -60.30 -30.93
C GLY E 8 -22.24 -61.73 -31.16
N PRO E 9 -21.57 -62.69 -30.53
CA PRO E 9 -21.94 -64.10 -30.71
C PRO E 9 -23.29 -64.44 -30.12
N GLY E 10 -23.53 -64.04 -28.86
CA GLY E 10 -24.77 -64.37 -28.19
C GLY E 10 -24.61 -65.50 -27.19
N LEU E 11 -23.88 -66.54 -27.58
CA LEU E 11 -23.57 -67.66 -26.71
C LEU E 11 -22.06 -67.76 -26.55
N VAL E 12 -21.61 -67.93 -25.31
CA VAL E 12 -20.19 -68.03 -24.99
C VAL E 12 -20.01 -69.25 -24.09
N ARG E 13 -19.03 -70.08 -24.41
CA ARG E 13 -18.70 -71.20 -23.54
C ARG E 13 -18.07 -70.66 -22.26
N PRO E 14 -18.40 -71.23 -21.10
CA PRO E 14 -17.79 -70.75 -19.84
C PRO E 14 -16.28 -70.88 -19.84
N SER E 15 -15.63 -70.00 -19.09
CA SER E 15 -14.18 -69.93 -18.98
C SER E 15 -13.54 -69.73 -20.36
N GLU E 16 -14.08 -68.77 -21.11
CA GLU E 16 -13.54 -68.41 -22.42
C GLU E 16 -13.57 -66.89 -22.56
N THR E 17 -13.28 -66.41 -23.76
CA THR E 17 -13.12 -64.98 -24.02
C THR E 17 -14.32 -64.48 -24.82
N LEU E 18 -15.28 -63.87 -24.12
CA LEU E 18 -16.41 -63.25 -24.78
C LEU E 18 -15.97 -61.98 -25.49
N SER E 19 -16.38 -61.84 -26.76
CA SER E 19 -16.03 -60.68 -27.56
C SER E 19 -17.34 -60.06 -28.03
N VAL E 20 -17.24 -58.80 -28.48
CA VAL E 20 -18.33 -58.04 -29.02
C VAL E 20 -17.80 -56.88 -29.81
N THR E 21 -18.68 -56.17 -30.52
CA THR E 21 -18.28 -55.03 -31.33
C THR E 21 -19.41 -54.01 -31.35
N CYS E 22 -19.04 -52.72 -31.40
CA CYS E 22 -19.99 -51.61 -31.37
C CYS E 22 -19.68 -50.66 -32.52
N ILE E 23 -20.42 -50.77 -33.61
CA ILE E 23 -20.20 -49.94 -34.79
C ILE E 23 -20.85 -48.57 -34.68
N VAL E 24 -20.08 -47.53 -35.01
CA VAL E 24 -20.52 -46.15 -34.92
C VAL E 24 -20.68 -45.59 -36.32
N SER E 25 -21.76 -44.84 -36.55
CA SER E 25 -22.03 -44.22 -37.83
C SER E 25 -22.15 -42.71 -37.77
N GLY E 26 -22.27 -42.12 -36.60
CA GLY E 26 -22.43 -40.69 -36.48
C GLY E 26 -21.18 -39.90 -36.81
N GLY E 27 -20.15 -40.03 -35.99
CA GLY E 27 -18.92 -39.30 -36.19
C GLY E 27 -17.67 -40.14 -36.03
N SER E 28 -16.56 -39.49 -35.66
CA SER E 28 -15.29 -40.16 -35.49
C SER E 28 -15.17 -40.77 -34.10
N ILE E 29 -14.40 -41.86 -34.02
CA ILE E 29 -14.18 -42.51 -32.72
C ILE E 29 -13.16 -41.74 -31.89
N SER E 30 -12.25 -41.02 -32.53
CA SER E 30 -11.27 -40.20 -31.83
C SER E 30 -11.82 -38.85 -31.41
N ASN E 31 -13.14 -38.65 -31.52
CA ASN E 31 -13.77 -37.39 -31.15
C ASN E 31 -14.63 -37.50 -29.88
N TYR E 32 -15.04 -38.70 -29.50
CA TYR E 32 -15.92 -38.91 -28.37
C TYR E 32 -15.28 -39.86 -27.36
N TYR E 33 -15.92 -39.97 -26.21
CA TYR E 33 -15.63 -41.01 -25.24
C TYR E 33 -16.66 -42.13 -25.37
N TRP E 34 -16.25 -43.35 -25.01
CA TRP E 34 -17.10 -44.51 -25.15
C TRP E 34 -16.98 -45.34 -23.87
N THR E 35 -18.09 -46.01 -23.51
CA THR E 35 -18.16 -46.78 -22.29
C THR E 35 -19.13 -47.93 -22.51
N TRP E 36 -18.92 -49.03 -21.78
CA TRP E 36 -19.77 -50.21 -21.84
C TRP E 36 -20.53 -50.40 -20.53
N ILE E 37 -21.81 -50.73 -20.64
CA ILE E 37 -22.65 -51.00 -19.48
C ILE E 37 -23.47 -52.25 -19.77
N ARG E 38 -23.27 -53.30 -18.97
CA ARG E 38 -24.00 -54.55 -19.12
C ARG E 38 -25.20 -54.57 -18.18
N GLN E 39 -26.19 -55.39 -18.55
CA GLN E 39 -27.45 -55.48 -17.82
C GLN E 39 -27.77 -56.95 -17.55
N SER E 40 -27.43 -57.42 -16.35
CA SER E 40 -27.82 -58.79 -16.03
C SER E 40 -29.24 -58.82 -15.48
N PRO E 41 -29.98 -59.89 -15.75
CA PRO E 41 -31.37 -59.96 -15.27
C PRO E 41 -31.42 -60.00 -13.75
N GLY E 42 -32.39 -59.27 -13.19
CA GLY E 42 -32.56 -59.23 -11.76
C GLY E 42 -31.61 -58.31 -11.02
N LYS E 43 -30.66 -57.69 -11.70
CA LYS E 43 -29.71 -56.78 -11.08
C LYS E 43 -29.74 -55.44 -11.80
N GLY E 44 -29.06 -54.46 -11.21
CA GLY E 44 -29.01 -53.14 -11.79
C GLY E 44 -27.96 -53.00 -12.86
N LEU E 45 -27.96 -51.84 -13.51
CA LEU E 45 -26.94 -51.55 -14.52
C LEU E 45 -25.56 -51.57 -13.90
N GLU E 46 -24.57 -51.97 -14.70
CA GLU E 46 -23.20 -52.12 -14.23
C GLU E 46 -22.26 -51.43 -15.21
N TRP E 47 -21.51 -50.45 -14.72
CA TRP E 47 -20.48 -49.78 -15.49
C TRP E 47 -19.18 -50.58 -15.37
N ILE E 48 -18.62 -51.00 -16.50
CA ILE E 48 -17.42 -51.83 -16.51
C ILE E 48 -16.17 -51.05 -16.89
N GLY E 49 -16.29 -49.90 -17.54
CA GLY E 49 -15.13 -49.14 -17.93
C GLY E 49 -15.43 -48.23 -19.10
N TYR E 50 -14.49 -47.32 -19.36
CA TYR E 50 -14.65 -46.36 -20.44
C TYR E 50 -13.32 -46.18 -21.16
N ILE E 51 -13.38 -45.65 -22.38
CA ILE E 51 -12.21 -45.37 -23.19
C ILE E 51 -12.29 -43.93 -23.66
N SER E 52 -11.16 -43.23 -23.62
CA SER E 52 -11.11 -41.83 -23.99
C SER E 52 -10.89 -41.68 -25.50
N ASP E 53 -10.95 -40.43 -25.97
CA ASP E 53 -10.67 -40.16 -27.37
C ASP E 53 -9.19 -40.32 -27.68
N ARG E 54 -8.33 -40.11 -26.69
CA ARG E 54 -6.90 -40.35 -26.83
C ARG E 54 -6.52 -41.80 -26.56
N GLU E 55 -7.52 -42.68 -26.41
CA GLU E 55 -7.33 -44.12 -26.19
C GLU E 55 -6.30 -44.48 -25.12
N THR E 56 -6.71 -44.26 -23.88
CA THR E 56 -6.09 -44.85 -22.68
C THR E 56 -7.20 -45.35 -21.78
N THR E 57 -7.09 -46.59 -21.30
CA THR E 57 -8.23 -47.29 -20.73
C THR E 57 -8.08 -47.10 -19.22
N THR E 58 -9.16 -47.39 -18.50
CA THR E 58 -9.24 -47.62 -17.09
C THR E 58 -10.62 -48.19 -16.79
N TYR E 59 -10.69 -49.25 -15.98
CA TYR E 59 -11.85 -50.12 -15.93
C TYR E 59 -12.43 -50.05 -14.52
N ASN E 60 -13.60 -50.66 -14.36
CA ASN E 60 -14.21 -50.80 -13.05
C ASN E 60 -13.34 -51.70 -12.18
N PRO E 61 -13.06 -51.34 -10.93
CA PRO E 61 -12.11 -52.12 -10.12
C PRO E 61 -12.53 -53.56 -9.90
N SER E 62 -13.83 -53.84 -9.85
CA SER E 62 -14.27 -55.21 -9.62
C SER E 62 -13.95 -56.10 -10.81
N LEU E 63 -14.27 -55.64 -12.02
CA LEU E 63 -13.99 -56.38 -13.25
C LEU E 63 -12.66 -56.04 -13.90
N ASN E 64 -11.85 -55.19 -13.26
CA ASN E 64 -10.61 -54.71 -13.89
C ASN E 64 -9.63 -55.84 -14.19
N SER E 65 -9.71 -56.95 -13.45
CA SER E 65 -8.77 -58.04 -13.62
C SER E 65 -9.10 -58.87 -14.84
N ARG E 66 -10.25 -58.64 -15.49
CA ARG E 66 -10.69 -59.52 -16.57
C ARG E 66 -11.24 -58.79 -17.79
N ALA E 67 -11.26 -57.46 -17.82
CA ALA E 67 -11.87 -56.71 -18.92
C ALA E 67 -10.79 -55.95 -19.68
N VAL E 68 -10.94 -55.91 -21.00
CA VAL E 68 -10.04 -55.16 -21.90
C VAL E 68 -10.88 -54.46 -22.95
N ILE E 69 -10.62 -53.16 -23.15
CA ILE E 69 -11.34 -52.35 -24.13
C ILE E 69 -10.34 -51.79 -25.13
N SER E 70 -10.68 -51.85 -26.41
CA SER E 70 -9.84 -51.31 -27.47
C SER E 70 -10.77 -50.78 -28.56
N ARG E 71 -10.34 -49.70 -29.20
CA ARG E 71 -11.09 -49.06 -30.27
C ARG E 71 -10.28 -49.18 -31.54
N ASP E 72 -10.97 -49.34 -32.67
CA ASP E 72 -10.33 -49.38 -33.98
C ASP E 72 -10.41 -48.01 -34.65
N THR E 73 -9.30 -47.58 -35.25
CA THR E 73 -9.23 -46.26 -35.87
C THR E 73 -9.70 -46.27 -37.32
N SER E 74 -9.38 -47.34 -38.07
CA SER E 74 -9.82 -47.41 -39.46
C SER E 74 -11.32 -47.64 -39.55
N LYS E 75 -11.83 -48.59 -38.79
CA LYS E 75 -13.26 -48.89 -38.74
C LYS E 75 -13.87 -48.24 -37.51
N ASN E 76 -14.95 -47.48 -37.72
CA ASN E 76 -15.64 -46.84 -36.60
C ASN E 76 -16.35 -47.88 -35.73
N GLN E 77 -15.58 -48.72 -35.04
CA GLN E 77 -16.14 -49.76 -34.21
C GLN E 77 -15.35 -49.86 -32.90
N LEU E 78 -16.04 -50.33 -31.87
CA LEU E 78 -15.47 -50.46 -30.53
C LEU E 78 -15.54 -51.92 -30.09
N SER E 79 -14.41 -52.47 -29.67
CA SER E 79 -14.31 -53.87 -29.27
C SER E 79 -14.35 -54.00 -27.75
N LEU E 80 -15.00 -55.06 -27.28
CA LEU E 80 -15.06 -55.36 -25.85
C LEU E 80 -14.89 -56.86 -25.74
N GLN E 81 -13.89 -57.30 -24.98
CA GLN E 81 -13.63 -58.72 -24.76
C GLN E 81 -13.52 -58.95 -23.26
N LEU E 82 -13.95 -60.13 -22.81
CA LEU E 82 -14.04 -60.45 -21.38
C LEU E 82 -13.36 -61.79 -21.17
N ARG E 83 -12.38 -61.83 -20.27
CA ARG E 83 -11.60 -63.03 -20.02
C ARG E 83 -12.21 -63.85 -18.89
N SER E 84 -12.20 -65.17 -19.06
CA SER E 84 -12.66 -66.12 -18.04
C SER E 84 -14.10 -65.81 -17.59
N VAL E 85 -15.00 -65.80 -18.57
CA VAL E 85 -16.39 -65.47 -18.29
C VAL E 85 -17.05 -66.59 -17.49
N THR E 86 -18.11 -66.22 -16.76
CA THR E 86 -18.88 -67.18 -15.99
C THR E 86 -20.32 -66.95 -16.43
N THR E 87 -21.28 -67.58 -15.73
CA THR E 87 -22.68 -67.33 -16.02
C THR E 87 -23.20 -66.00 -15.43
N ALA E 88 -22.39 -65.37 -14.58
CA ALA E 88 -22.77 -64.08 -14.00
C ALA E 88 -22.51 -63.03 -15.07
N ASP E 89 -21.43 -63.17 -15.84
CA ASP E 89 -21.09 -62.21 -16.88
C ASP E 89 -22.25 -62.31 -17.87
N THR E 90 -23.24 -63.17 -17.61
CA THR E 90 -24.47 -63.14 -18.43
C THR E 90 -25.33 -61.90 -18.39
N ALA E 91 -25.38 -61.15 -19.49
CA ALA E 91 -25.99 -59.82 -19.48
C ALA E 91 -26.31 -59.21 -20.83
N ILE E 92 -27.18 -58.20 -20.80
CA ILE E 92 -27.48 -57.39 -21.98
C ILE E 92 -26.49 -56.21 -21.99
N TYR E 93 -25.65 -56.17 -23.01
CA TYR E 93 -24.55 -55.21 -23.09
C TYR E 93 -24.94 -53.94 -23.83
N PHE E 94 -24.50 -52.81 -23.30
CA PHE E 94 -24.78 -51.49 -23.88
C PHE E 94 -23.50 -50.71 -24.10
N CYS E 95 -23.25 -50.32 -25.35
CA CYS E 95 -22.21 -49.34 -25.66
C CYS E 95 -22.86 -47.98 -25.81
N ALA E 96 -22.27 -46.97 -25.17
CA ALA E 96 -22.86 -45.65 -25.11
C ALA E 96 -21.81 -44.58 -25.38
N THR E 97 -22.24 -43.47 -25.97
CA THR E 97 -21.38 -42.33 -26.25
C THR E 97 -21.33 -41.45 -25.00
N ALA E 98 -20.21 -41.50 -24.29
CA ALA E 98 -20.04 -40.71 -23.08
C ALA E 98 -19.50 -39.30 -23.30
N ARG E 99 -19.85 -38.41 -22.37
CA ARG E 99 -19.32 -37.05 -22.35
C ARG E 99 -18.65 -36.57 -21.08
N ARG E 100 -17.42 -36.08 -21.20
CA ARG E 100 -16.62 -35.69 -20.05
C ARG E 100 -17.11 -34.32 -19.65
N GLY E 101 -17.38 -34.15 -18.35
CA GLY E 101 -17.79 -32.85 -17.83
C GLY E 101 -16.92 -32.48 -16.64
N GLN E 102 -16.63 -31.19 -16.52
CA GLN E 102 -15.78 -30.68 -15.46
C GLN E 102 -16.62 -29.83 -14.51
N ARG E 103 -16.72 -30.29 -13.26
CA ARG E 103 -17.45 -29.58 -12.21
C ARG E 103 -16.44 -28.90 -11.29
N ILE E 104 -16.40 -27.58 -11.33
CA ILE E 104 -15.44 -26.79 -10.56
C ILE E 104 -16.13 -26.22 -9.32
N TYR E 105 -15.54 -26.45 -8.15
CA TYR E 105 -16.06 -25.94 -6.90
C TYR E 105 -15.10 -24.98 -6.20
N GLY E 106 -14.12 -24.44 -6.94
CA GLY E 106 -13.19 -23.49 -6.37
C GLY E 106 -12.29 -22.86 -7.41
N VAL E 107 -11.00 -22.71 -7.08
CA VAL E 107 -10.03 -22.15 -8.00
C VAL E 107 -9.36 -23.27 -8.79
N VAL E 108 -9.13 -23.00 -10.09
CA VAL E 108 -8.62 -24.03 -10.98
C VAL E 108 -7.15 -24.35 -10.68
N SER E 109 -6.38 -23.36 -10.25
CA SER E 109 -4.95 -23.56 -10.07
C SER E 109 -4.64 -24.51 -8.91
N PHE E 110 -5.47 -24.51 -7.88
CA PHE E 110 -5.27 -25.37 -6.71
C PHE E 110 -6.10 -26.64 -6.79
N GLY E 111 -6.24 -27.21 -7.99
CA GLY E 111 -7.13 -28.33 -8.18
C GLY E 111 -8.57 -27.93 -7.98
N GLU E 112 -9.23 -28.52 -6.99
CA GLU E 112 -10.57 -28.12 -6.59
C GLU E 112 -11.57 -28.27 -7.74
N PHE E 113 -11.41 -29.31 -8.54
CA PHE E 113 -12.35 -29.63 -9.60
C PHE E 113 -12.26 -31.12 -9.90
N PHE E 114 -13.42 -31.74 -10.12
CA PHE E 114 -13.49 -33.16 -10.42
C PHE E 114 -14.25 -33.36 -11.73
N TYR E 115 -13.81 -34.35 -12.50
CA TYR E 115 -14.46 -34.69 -13.75
C TYR E 115 -15.58 -35.68 -13.51
N TYR E 116 -16.62 -35.59 -14.33
CA TYR E 116 -17.75 -36.50 -14.27
C TYR E 116 -18.23 -36.78 -15.69
N TYR E 117 -18.47 -38.04 -15.99
CA TYR E 117 -18.89 -38.45 -17.33
C TYR E 117 -20.38 -38.77 -17.34
N TYR E 118 -21.02 -38.52 -18.48
CA TYR E 118 -22.41 -38.87 -18.69
C TYR E 118 -22.61 -39.33 -20.12
N MET E 119 -23.36 -40.42 -20.29
CA MET E 119 -23.59 -41.03 -21.59
C MET E 119 -24.95 -40.54 -22.11
N ASP E 120 -24.94 -39.75 -23.18
CA ASP E 120 -26.15 -39.16 -23.73
C ASP E 120 -26.69 -39.90 -24.94
N VAL E 121 -25.92 -40.82 -25.53
CA VAL E 121 -26.35 -41.62 -26.67
C VAL E 121 -26.14 -43.08 -26.32
N TRP E 122 -27.18 -43.89 -26.52
CA TRP E 122 -27.16 -45.30 -26.18
C TRP E 122 -27.52 -46.16 -27.38
N GLY E 123 -26.85 -47.30 -27.51
CA GLY E 123 -27.13 -48.25 -28.55
C GLY E 123 -28.34 -49.11 -28.22
N LYS E 124 -28.74 -49.91 -29.21
CA LYS E 124 -29.93 -50.74 -29.06
C LYS E 124 -29.75 -51.78 -27.96
N GLY E 125 -28.54 -52.32 -27.82
CA GLY E 125 -28.27 -53.30 -26.78
C GLY E 125 -28.30 -54.73 -27.27
N THR E 126 -27.18 -55.43 -27.12
CA THR E 126 -27.07 -56.83 -27.49
C THR E 126 -27.13 -57.71 -26.25
N ALA E 127 -27.60 -58.94 -26.44
CA ALA E 127 -27.72 -59.92 -25.37
C ALA E 127 -26.69 -61.02 -25.57
N VAL E 128 -26.08 -61.45 -24.46
CA VAL E 128 -25.08 -62.51 -24.47
C VAL E 128 -25.36 -63.45 -23.32
N THR E 129 -25.64 -64.71 -23.63
CA THR E 129 -25.91 -65.74 -22.64
C THR E 129 -24.73 -66.69 -22.57
N VAL E 130 -24.27 -66.99 -21.37
CA VAL E 130 -23.11 -67.85 -21.13
C VAL E 130 -23.60 -69.15 -20.52
N SER E 131 -23.50 -70.24 -21.26
CA SER E 131 -23.90 -71.55 -20.78
C SER E 131 -23.29 -72.62 -21.68
N SER E 132 -23.14 -73.82 -21.12
CA SER E 132 -22.59 -74.93 -21.91
C SER E 132 -23.64 -75.52 -22.85
N ALA E 133 -24.92 -75.31 -22.56
CA ALA E 133 -26.00 -75.85 -23.40
C ALA E 133 -26.07 -75.29 -24.83
N SER E 134 -26.45 -76.17 -25.76
CA SER E 134 -26.59 -75.85 -27.19
C SER E 134 -27.91 -75.19 -27.64
N THR E 135 -27.92 -74.74 -28.89
CA THR E 135 -29.04 -74.07 -29.52
C THR E 135 -30.11 -75.07 -29.96
N LYS E 136 -31.35 -74.59 -30.02
CA LYS E 136 -32.47 -75.34 -30.60
C LYS E 136 -33.26 -74.39 -31.48
N GLY E 137 -33.39 -74.73 -32.76
CA GLY E 137 -34.07 -73.89 -33.71
C GLY E 137 -35.58 -73.96 -33.59
N PRO E 138 -36.25 -72.84 -33.85
CA PRO E 138 -37.71 -72.81 -33.78
C PRO E 138 -38.36 -73.28 -35.08
N SER E 139 -39.62 -73.68 -34.95
CA SER E 139 -40.45 -74.09 -36.08
C SER E 139 -41.69 -73.23 -36.13
N VAL E 140 -42.08 -72.80 -37.32
CA VAL E 140 -43.15 -71.84 -37.52
C VAL E 140 -44.39 -72.57 -38.02
N PHE E 141 -45.52 -72.35 -37.34
CA PHE E 141 -46.80 -72.93 -37.70
C PHE E 141 -47.80 -71.81 -37.99
N PRO E 142 -48.55 -71.88 -39.09
CA PRO E 142 -49.51 -70.82 -39.39
C PRO E 142 -50.74 -70.92 -38.51
N LEU E 143 -51.41 -69.77 -38.34
CA LEU E 143 -52.62 -69.65 -37.53
C LEU E 143 -53.76 -69.25 -38.46
N ALA E 144 -54.63 -70.19 -38.79
CA ALA E 144 -55.70 -69.93 -39.73
C ALA E 144 -56.76 -69.02 -39.11
N PRO E 145 -57.32 -68.09 -39.86
CA PRO E 145 -58.37 -67.22 -39.31
C PRO E 145 -59.63 -67.99 -39.01
N SER E 146 -60.26 -67.55 -37.92
CA SER E 146 -61.51 -68.12 -37.33
C SER E 146 -62.63 -68.19 -38.36
N SER E 147 -62.32 -68.22 -39.66
CA SER E 147 -63.35 -68.30 -40.72
C SER E 147 -64.41 -67.20 -40.51
N SER E 149 -64.25 -63.48 -37.56
CA SER E 149 -63.96 -63.38 -36.14
C SER E 149 -65.00 -62.54 -35.43
N THR E 150 -65.07 -61.26 -35.79
CA THR E 150 -66.01 -60.32 -35.21
C THR E 150 -66.85 -59.67 -36.31
N SER E 151 -67.87 -58.93 -35.89
CA SER E 151 -68.70 -58.21 -36.84
C SER E 151 -67.91 -57.07 -37.48
N GLY E 152 -68.45 -56.52 -38.56
CA GLY E 152 -67.74 -55.52 -39.32
C GLY E 152 -66.62 -56.05 -40.18
N GLY E 153 -66.56 -57.38 -40.38
CA GLY E 153 -65.55 -57.96 -41.24
C GLY E 153 -64.13 -57.79 -40.76
N THR E 154 -63.90 -57.83 -39.45
CA THR E 154 -62.56 -57.70 -38.88
C THR E 154 -62.11 -59.08 -38.43
N ALA E 155 -61.16 -59.65 -39.16
CA ALA E 155 -60.61 -60.96 -38.85
C ALA E 155 -59.19 -60.83 -38.31
N ALA E 156 -58.74 -61.86 -37.60
CA ALA E 156 -57.44 -61.85 -36.94
C ALA E 156 -56.72 -63.16 -37.24
N LEU E 157 -55.61 -63.08 -37.94
CA LEU E 157 -54.74 -64.22 -38.22
C LEU E 157 -53.40 -64.02 -37.52
N GLY E 158 -52.54 -65.03 -37.63
CA GLY E 158 -51.22 -64.93 -37.02
C GLY E 158 -50.33 -66.06 -37.51
N CYS E 159 -49.13 -66.10 -36.95
CA CYS E 159 -48.20 -67.17 -37.21
C CYS E 159 -47.51 -67.56 -35.91
N LEU E 160 -47.44 -68.86 -35.65
CA LEU E 160 -46.92 -69.40 -34.40
C LEU E 160 -45.44 -69.71 -34.52
N VAL E 161 -44.73 -69.56 -33.41
CA VAL E 161 -43.32 -69.92 -33.30
C VAL E 161 -43.20 -70.91 -32.15
N LYS E 162 -42.85 -72.15 -32.47
CA LYS E 162 -42.75 -73.19 -31.46
C LYS E 162 -41.53 -72.93 -30.57
N ASP E 163 -41.15 -73.92 -29.76
CA ASP E 163 -40.14 -73.70 -28.73
C ASP E 163 -38.78 -73.39 -29.35
N TYR E 164 -38.15 -72.34 -28.85
CA TYR E 164 -36.82 -71.92 -29.25
C TYR E 164 -35.95 -71.76 -28.01
N PHE E 165 -34.63 -71.91 -28.19
CA PHE E 165 -33.76 -71.90 -27.03
C PHE E 165 -33.60 -70.51 -26.42
N PRO E 166 -33.21 -69.46 -27.18
CA PRO E 166 -33.07 -68.15 -26.54
C PRO E 166 -34.25 -67.23 -26.78
N GLU E 167 -34.43 -66.24 -25.90
CA GLU E 167 -35.49 -65.24 -26.06
C GLU E 167 -35.24 -64.28 -27.21
N PRO E 168 -33.97 -63.89 -27.54
CA PRO E 168 -33.76 -63.02 -28.70
C PRO E 168 -34.39 -63.55 -29.98
N VAL E 169 -35.47 -62.90 -30.41
CA VAL E 169 -36.24 -63.32 -31.58
C VAL E 169 -36.77 -62.07 -32.28
N THR E 170 -36.63 -62.03 -33.60
CA THR E 170 -37.17 -60.95 -34.42
C THR E 170 -38.21 -61.52 -35.37
N VAL E 171 -39.39 -60.91 -35.40
CA VAL E 171 -40.51 -61.37 -36.21
C VAL E 171 -41.00 -60.21 -37.06
N SER E 172 -41.17 -60.46 -38.36
CA SER E 172 -41.69 -59.48 -39.29
C SER E 172 -42.76 -60.11 -40.17
N TRP E 173 -43.54 -59.26 -40.82
CA TRP E 173 -44.63 -59.68 -41.69
C TRP E 173 -44.44 -59.10 -43.07
N ASN E 174 -44.45 -59.97 -44.10
CA ASN E 174 -44.23 -59.57 -45.49
C ASN E 174 -42.91 -58.82 -45.65
N SER E 175 -41.87 -59.34 -44.99
CA SER E 175 -40.55 -58.69 -44.96
C SER E 175 -40.61 -57.26 -44.44
N GLY E 176 -41.49 -57.01 -43.47
CA GLY E 176 -41.68 -55.70 -42.89
C GLY E 176 -42.62 -54.78 -43.64
N ALA E 177 -43.28 -55.26 -44.69
CA ALA E 177 -44.20 -54.41 -45.43
C ALA E 177 -45.45 -54.08 -44.63
N LEU E 178 -45.91 -55.02 -43.80
CA LEU E 178 -47.10 -54.82 -42.98
C LEU E 178 -46.68 -54.46 -41.56
N THR E 179 -47.21 -53.34 -41.06
CA THR E 179 -46.89 -52.87 -39.72
C THR E 179 -48.12 -52.49 -38.88
N SER E 180 -49.30 -52.35 -39.49
CA SER E 180 -50.50 -51.98 -38.77
C SER E 180 -51.21 -53.22 -38.26
N GLY E 181 -51.58 -53.21 -36.98
CA GLY E 181 -52.27 -54.34 -36.37
C GLY E 181 -51.37 -55.44 -35.87
N VAL E 182 -50.05 -55.31 -36.01
CA VAL E 182 -49.12 -56.32 -35.54
C VAL E 182 -49.01 -56.25 -34.03
N HIS E 183 -48.96 -57.41 -33.38
CA HIS E 183 -48.85 -57.47 -31.92
C HIS E 183 -48.12 -58.76 -31.56
N THR E 184 -46.82 -58.66 -31.34
CA THR E 184 -46.02 -59.80 -30.89
C THR E 184 -46.12 -59.92 -29.37
N PHE E 185 -46.29 -61.15 -28.88
CA PHE E 185 -46.46 -61.45 -27.48
C PHE E 185 -45.15 -61.90 -26.85
N PRO E 186 -44.93 -61.60 -25.57
CA PRO E 186 -43.67 -61.99 -24.92
C PRO E 186 -43.57 -63.50 -24.79
N ALA E 187 -42.32 -63.96 -24.64
CA ALA E 187 -42.05 -65.39 -24.57
C ALA E 187 -42.48 -65.96 -23.22
N VAL E 188 -42.91 -67.21 -23.23
CA VAL E 188 -43.30 -67.93 -22.03
C VAL E 188 -42.32 -69.08 -21.83
N LEU E 189 -41.66 -69.11 -20.67
CA LEU E 189 -40.69 -70.15 -20.37
C LEU E 189 -41.42 -71.45 -20.07
N GLN E 190 -41.48 -72.33 -21.07
CA GLN E 190 -42.09 -73.64 -20.87
C GLN E 190 -41.22 -74.48 -19.93
N SER E 191 -41.86 -75.40 -19.22
CA SER E 191 -41.13 -76.28 -18.31
C SER E 191 -40.06 -77.09 -19.02
N SER E 192 -40.14 -77.20 -20.35
CA SER E 192 -39.10 -77.82 -21.14
C SER E 192 -37.80 -77.01 -21.18
N GLY E 193 -37.78 -75.84 -20.54
CA GLY E 193 -36.59 -75.00 -20.51
C GLY E 193 -36.45 -74.06 -21.69
N LEU E 194 -37.42 -74.02 -22.60
CA LEU E 194 -37.36 -73.19 -23.79
C LEU E 194 -38.63 -72.35 -23.90
N TYR E 195 -38.48 -71.17 -24.50
CA TYR E 195 -39.60 -70.24 -24.65
C TYR E 195 -40.30 -70.44 -25.99
N SER E 196 -41.43 -69.75 -26.16
CA SER E 196 -42.20 -69.84 -27.40
C SER E 196 -43.20 -68.70 -27.49
N LEU E 197 -43.09 -67.87 -28.51
CA LEU E 197 -44.01 -66.75 -28.74
C LEU E 197 -44.78 -66.95 -30.03
N SER E 198 -45.69 -66.01 -30.31
CA SER E 198 -46.42 -65.96 -31.57
C SER E 198 -46.85 -64.52 -31.81
N SER E 199 -47.32 -64.25 -33.03
CA SER E 199 -47.76 -62.93 -33.42
C SER E 199 -49.16 -63.01 -34.01
N VAL E 200 -49.87 -61.88 -33.96
CA VAL E 200 -51.22 -61.78 -34.50
C VAL E 200 -51.34 -60.51 -35.31
N VAL E 201 -52.20 -60.54 -36.32
CA VAL E 201 -52.50 -59.38 -37.15
C VAL E 201 -54.00 -59.32 -37.39
N THR E 202 -54.60 -58.16 -37.13
CA THR E 202 -56.02 -57.94 -37.35
C THR E 202 -56.22 -57.25 -38.69
N VAL E 203 -56.84 -57.95 -39.64
CA VAL E 203 -57.03 -57.43 -40.99
C VAL E 203 -58.51 -57.51 -41.36
N PRO E 204 -59.00 -56.66 -42.26
CA PRO E 204 -60.40 -56.75 -42.66
C PRO E 204 -60.69 -58.00 -43.45
N SER E 205 -61.94 -58.47 -43.36
CA SER E 205 -62.34 -59.67 -44.09
C SER E 205 -62.45 -59.44 -45.58
N SER E 206 -62.56 -58.19 -46.02
CA SER E 206 -62.61 -57.92 -47.46
C SER E 206 -61.31 -58.28 -48.15
N SER E 207 -60.18 -58.16 -47.44
CA SER E 207 -58.88 -58.55 -47.96
C SER E 207 -58.38 -59.84 -47.30
N LEU E 208 -59.27 -60.63 -46.72
CA LEU E 208 -58.90 -61.87 -46.06
C LEU E 208 -58.74 -63.04 -47.02
N GLY E 209 -59.21 -62.91 -48.25
CA GLY E 209 -59.13 -64.00 -49.20
C GLY E 209 -57.89 -63.98 -50.06
N THR E 210 -57.55 -62.80 -50.59
CA THR E 210 -56.38 -62.66 -51.45
C THR E 210 -55.30 -61.82 -50.77
N GLN E 211 -54.92 -62.21 -49.55
CA GLN E 211 -53.95 -61.43 -48.78
C GLN E 211 -52.51 -61.88 -49.03
N THR E 212 -52.29 -63.18 -49.21
CA THR E 212 -50.95 -63.74 -49.40
C THR E 212 -49.99 -63.28 -48.30
N TYR E 213 -50.46 -63.31 -47.06
CA TYR E 213 -49.64 -62.89 -45.92
C TYR E 213 -48.64 -63.97 -45.56
N ILE E 214 -47.37 -63.58 -45.44
CA ILE E 214 -46.29 -64.48 -45.05
C ILE E 214 -45.47 -63.77 -43.99
N CYS E 215 -45.49 -64.29 -42.76
CA CYS E 215 -44.69 -63.71 -41.70
C CYS E 215 -43.27 -64.27 -41.75
N ASN E 216 -42.29 -63.40 -41.46
CA ASN E 216 -40.88 -63.75 -41.56
C ASN E 216 -40.30 -63.83 -40.16
N VAL E 217 -39.89 -65.03 -39.75
CA VAL E 217 -39.31 -65.27 -38.44
C VAL E 217 -37.80 -65.39 -38.60
N ASN E 218 -37.07 -64.43 -38.05
CA ASN E 218 -35.61 -64.40 -38.12
C ASN E 218 -35.05 -64.70 -36.73
N HIS E 219 -34.07 -65.59 -36.67
CA HIS E 219 -33.45 -65.99 -35.42
C HIS E 219 -31.94 -66.06 -35.63
N LYS E 220 -31.18 -65.48 -34.71
CA LYS E 220 -29.74 -65.32 -34.87
C LYS E 220 -28.93 -66.45 -34.24
N PRO E 221 -29.19 -66.84 -32.98
CA PRO E 221 -28.39 -67.93 -32.40
C PRO E 221 -28.51 -69.25 -33.15
N SER E 222 -29.68 -69.56 -33.70
CA SER E 222 -29.85 -70.77 -34.48
C SER E 222 -29.51 -70.59 -35.95
N ASN E 223 -29.24 -69.35 -36.39
CA ASN E 223 -28.83 -69.04 -37.76
C ASN E 223 -29.88 -69.42 -38.79
N THR E 224 -31.12 -69.62 -38.37
CA THR E 224 -32.19 -70.06 -39.26
C THR E 224 -33.22 -68.96 -39.47
N LYS E 225 -33.64 -68.79 -40.72
CA LYS E 225 -34.68 -67.85 -41.09
C LYS E 225 -35.79 -68.64 -41.79
N VAL E 226 -36.97 -68.67 -41.18
CA VAL E 226 -38.08 -69.49 -41.65
C VAL E 226 -39.23 -68.58 -42.08
N ASP E 227 -39.76 -68.81 -43.27
CA ASP E 227 -40.95 -68.14 -43.77
C ASP E 227 -42.08 -69.14 -43.86
N LYS E 228 -43.30 -68.70 -43.54
CA LYS E 228 -44.46 -69.58 -43.54
C LYS E 228 -45.66 -68.84 -44.11
N LYS E 229 -46.41 -69.52 -44.96
CA LYS E 229 -47.63 -68.96 -45.54
C LYS E 229 -48.83 -69.27 -44.65
N VAL E 230 -49.69 -68.29 -44.48
CA VAL E 230 -50.86 -68.40 -43.61
C VAL E 230 -52.09 -68.25 -44.50
N GLU E 231 -52.84 -69.34 -44.65
CA GLU E 231 -54.04 -69.36 -45.49
C GLU E 231 -55.18 -70.04 -44.74
N PRO E 232 -56.42 -69.57 -44.93
CA PRO E 232 -57.61 -70.16 -44.29
C PRO E 232 -57.81 -71.62 -44.67
N SER F 1 -27.92 -52.45 -3.35
CA SER F 1 -27.74 -53.88 -3.63
C SER F 1 -28.71 -54.34 -4.72
N TYR F 2 -30.00 -54.03 -4.53
CA TYR F 2 -31.03 -54.39 -5.50
C TYR F 2 -31.89 -53.19 -5.86
N VAL F 3 -33.14 -53.44 -6.21
CA VAL F 3 -34.06 -52.41 -6.70
C VAL F 3 -35.09 -52.16 -5.60
N SER F 4 -35.51 -50.89 -5.46
CA SER F 4 -36.50 -50.46 -4.49
C SER F 4 -37.77 -49.99 -5.21
N PRO F 5 -38.94 -50.18 -4.61
CA PRO F 5 -40.19 -49.85 -5.29
C PRO F 5 -40.70 -48.44 -4.98
N LEU F 6 -41.75 -48.05 -5.71
CA LEU F 6 -42.40 -46.76 -5.56
C LEU F 6 -43.73 -46.74 -6.29
N SER F 7 -44.77 -46.21 -5.65
CA SER F 7 -46.12 -46.19 -6.21
C SER F 7 -46.61 -44.74 -6.26
N VAL F 8 -46.98 -44.30 -7.46
CA VAL F 8 -47.40 -42.92 -7.69
C VAL F 8 -48.72 -42.92 -8.44
N ALA F 9 -49.58 -41.95 -8.14
CA ALA F 9 -50.84 -41.80 -8.85
C ALA F 9 -50.60 -41.39 -10.30
N LEU F 10 -51.56 -41.71 -11.17
CA LEU F 10 -51.48 -41.34 -12.57
C LEU F 10 -51.83 -39.86 -12.76
N GLY F 11 -51.12 -39.21 -13.68
CA GLY F 11 -51.30 -37.80 -13.98
C GLY F 11 -50.83 -36.83 -12.91
N GLU F 12 -50.60 -37.27 -11.67
CA GLU F 12 -50.11 -36.39 -10.62
C GLU F 12 -48.60 -36.21 -10.75
N THR F 13 -48.03 -35.41 -9.84
CA THR F 13 -46.60 -35.14 -9.84
C THR F 13 -45.88 -36.10 -8.91
N ALA F 14 -44.75 -36.63 -9.38
CA ALA F 14 -43.92 -37.55 -8.62
C ALA F 14 -42.62 -36.93 -8.13
N ARG F 15 -42.09 -37.49 -7.05
CA ARG F 15 -40.83 -37.10 -6.45
C ARG F 15 -39.89 -38.25 -6.08
N ILE F 16 -38.89 -38.49 -6.91
CA ILE F 16 -37.96 -39.59 -6.74
C ILE F 16 -36.69 -39.06 -6.06
N SER F 17 -36.46 -39.50 -4.83
CA SER F 17 -35.26 -39.12 -4.11
C SER F 17 -34.06 -39.90 -4.66
N CYS F 18 -32.89 -39.64 -4.07
CA CYS F 18 -31.64 -40.26 -4.49
C CYS F 18 -30.89 -40.73 -3.26
N GLY F 19 -30.41 -41.97 -3.29
CA GLY F 19 -29.58 -42.49 -2.22
C GLY F 19 -28.22 -41.82 -2.22
N ARG F 20 -27.39 -42.23 -1.25
CA ARG F 20 -26.05 -41.68 -0.99
C ARG F 20 -26.00 -40.18 -1.26
N GLN F 21 -26.58 -39.39 -0.36
CA GLN F 21 -26.72 -37.96 -0.58
C GLN F 21 -25.34 -37.29 -0.68
N ALA F 22 -25.34 -36.10 -1.26
CA ALA F 22 -24.09 -35.42 -1.60
C ALA F 22 -23.35 -34.95 -0.35
N LEU F 23 -22.03 -35.00 -0.42
CA LEU F 23 -21.16 -34.48 0.64
C LEU F 23 -20.65 -33.07 0.33
N GLY F 24 -20.30 -32.81 -0.92
CA GLY F 24 -19.92 -31.48 -1.37
C GLY F 24 -20.75 -31.03 -2.55
N SER F 25 -20.14 -30.28 -3.47
CA SER F 25 -20.83 -29.89 -4.69
C SER F 25 -21.06 -31.12 -5.56
N ARG F 26 -22.32 -31.39 -5.88
CA ARG F 26 -22.71 -32.61 -6.56
C ARG F 26 -22.99 -32.36 -8.03
N ALA F 27 -22.73 -33.39 -8.84
CA ALA F 27 -23.05 -33.41 -10.27
C ALA F 27 -23.81 -34.71 -10.52
N VAL F 28 -25.14 -34.66 -10.36
CA VAL F 28 -25.96 -35.84 -10.43
C VAL F 28 -26.51 -36.03 -11.84
N GLN F 29 -26.55 -37.28 -12.29
CA GLN F 29 -27.18 -37.66 -13.54
C GLN F 29 -28.32 -38.63 -13.26
N TRP F 30 -29.35 -38.57 -14.10
CA TRP F 30 -30.54 -39.39 -13.93
C TRP F 30 -30.81 -40.16 -15.22
N TYR F 31 -30.66 -41.48 -15.18
CA TYR F 31 -30.91 -42.34 -16.32
C TYR F 31 -32.25 -43.05 -16.16
N GLN F 32 -32.98 -43.17 -17.27
CA GLN F 32 -34.28 -43.82 -17.30
C GLN F 32 -34.13 -45.12 -18.10
N HIS F 33 -34.12 -46.25 -17.41
CA HIS F 33 -33.87 -47.54 -18.02
C HIS F 33 -35.13 -48.40 -18.01
N LYS F 34 -35.32 -49.15 -19.11
CA LYS F 34 -36.34 -50.18 -19.21
C LYS F 34 -35.68 -51.53 -19.51
N PRO F 35 -36.07 -52.59 -18.81
CA PRO F 35 -35.38 -53.89 -18.98
C PRO F 35 -35.42 -54.34 -20.43
N GLY F 36 -34.26 -54.79 -20.92
CA GLY F 36 -34.11 -55.20 -22.30
C GLY F 36 -33.94 -54.06 -23.29
N GLN F 37 -34.31 -52.84 -22.92
CA GLN F 37 -34.23 -51.69 -23.80
C GLN F 37 -33.05 -50.81 -23.41
N ALA F 38 -32.84 -49.74 -24.17
CA ALA F 38 -31.70 -48.88 -23.94
C ALA F 38 -32.03 -47.80 -22.91
N PRO F 39 -31.13 -47.55 -21.96
CA PRO F 39 -31.33 -46.43 -21.04
C PRO F 39 -31.28 -45.10 -21.77
N ILE F 40 -32.04 -44.14 -21.26
CA ILE F 40 -32.14 -42.82 -21.86
C ILE F 40 -31.83 -41.78 -20.80
N LEU F 41 -30.89 -40.88 -21.09
CA LEU F 41 -30.47 -39.86 -20.13
C LEU F 41 -31.47 -38.71 -20.13
N LEU F 42 -32.05 -38.42 -18.97
CA LEU F 42 -32.96 -37.31 -18.81
C LEU F 42 -32.24 -36.01 -18.43
N ILE F 43 -31.27 -36.11 -17.52
CA ILE F 43 -30.66 -34.95 -16.89
C ILE F 43 -29.18 -35.22 -16.69
N TYR F 44 -28.32 -34.42 -17.33
CA TYR F 44 -26.87 -34.58 -17.17
C TYR F 44 -26.37 -33.65 -16.07
N ASN F 45 -26.37 -32.34 -16.33
CA ASN F 45 -26.16 -31.38 -15.26
C ASN F 45 -27.43 -31.28 -14.42
N ASN F 46 -27.24 -31.07 -13.11
CA ASN F 46 -28.34 -31.22 -12.15
C ASN F 46 -29.62 -30.50 -12.56
N GLN F 47 -29.55 -29.52 -13.47
CA GLN F 47 -30.73 -28.81 -13.92
C GLN F 47 -30.90 -28.83 -15.43
N ASP F 48 -29.95 -29.41 -16.17
CA ASP F 48 -29.94 -29.34 -17.62
C ASP F 48 -30.43 -30.64 -18.23
N ARG F 49 -31.22 -30.52 -19.30
CA ARG F 49 -31.82 -31.65 -19.98
C ARG F 49 -31.43 -31.61 -21.46
N PRO F 50 -30.96 -32.70 -22.04
CA PRO F 50 -30.58 -32.68 -23.45
C PRO F 50 -31.80 -32.60 -24.36
N SER F 51 -31.53 -32.44 -25.65
CA SER F 51 -32.60 -32.33 -26.63
C SER F 51 -33.40 -33.61 -26.71
N GLY F 52 -34.72 -33.48 -26.80
CA GLY F 52 -35.62 -34.60 -26.87
C GLY F 52 -36.24 -35.00 -25.55
N ILE F 53 -35.67 -34.54 -24.43
CA ILE F 53 -36.21 -34.85 -23.11
C ILE F 53 -37.34 -33.88 -22.80
N PRO F 54 -38.55 -34.36 -22.53
CA PRO F 54 -39.68 -33.44 -22.31
C PRO F 54 -39.51 -32.61 -21.05
N GLU F 55 -40.29 -31.53 -20.99
CA GLU F 55 -40.22 -30.58 -19.89
C GLU F 55 -40.87 -31.08 -18.61
N ARG F 56 -41.51 -32.26 -18.64
CA ARG F 56 -42.12 -32.80 -17.42
C ARG F 56 -41.07 -33.07 -16.36
N PHE F 57 -39.93 -33.64 -16.75
CA PHE F 57 -38.87 -33.96 -15.81
C PHE F 57 -38.08 -32.71 -15.44
N SER F 58 -37.58 -32.71 -14.20
CA SER F 58 -36.81 -31.58 -13.69
C SER F 58 -36.05 -32.03 -12.45
N GLY F 59 -34.80 -31.57 -12.34
CA GLY F 59 -33.98 -31.90 -11.19
C GLY F 59 -33.70 -30.70 -10.32
N THR F 60 -33.38 -30.93 -9.05
CA THR F 60 -33.12 -29.85 -8.12
C THR F 60 -31.65 -29.50 -8.15
N PRO F 61 -31.27 -28.32 -8.59
CA PRO F 61 -29.86 -27.96 -8.65
C PRO F 61 -29.35 -27.48 -7.30
N ASP F 62 -28.03 -27.59 -7.10
CA ASP F 62 -27.43 -27.33 -5.80
C ASP F 62 -26.89 -25.89 -5.71
N ILE F 63 -27.81 -24.94 -5.95
CA ILE F 63 -27.44 -23.53 -5.83
C ILE F 63 -27.04 -23.20 -4.39
N ASN F 64 -27.88 -23.58 -3.42
CA ASN F 64 -27.55 -23.47 -2.00
C ASN F 64 -27.34 -24.86 -1.41
N PHE F 65 -26.27 -25.03 -0.63
CA PHE F 65 -25.93 -26.33 -0.10
C PHE F 65 -26.94 -26.79 0.95
N GLY F 66 -27.08 -28.11 1.07
CA GLY F 66 -28.06 -28.72 1.95
C GLY F 66 -29.28 -29.26 1.24
N THR F 67 -29.47 -28.91 -0.04
CA THR F 67 -30.60 -29.38 -0.81
C THR F 67 -30.26 -30.86 -0.97
N THR F 68 -31.29 -31.67 -1.18
CA THR F 68 -31.09 -33.10 -1.47
C THR F 68 -31.59 -33.37 -2.88
N ALA F 69 -30.83 -34.13 -3.65
CA ALA F 69 -31.12 -34.34 -5.07
C ALA F 69 -32.34 -35.21 -5.30
N THR F 70 -33.42 -34.60 -5.79
CA THR F 70 -34.68 -35.31 -6.03
C THR F 70 -35.09 -35.12 -7.48
N LEU F 71 -35.34 -36.23 -8.18
CA LEU F 71 -35.91 -36.18 -9.51
C LEU F 71 -37.43 -36.05 -9.43
N THR F 72 -37.98 -35.03 -10.08
CA THR F 72 -39.39 -34.73 -10.02
C THR F 72 -40.01 -34.89 -11.41
N ILE F 73 -41.11 -35.64 -11.48
CA ILE F 73 -41.83 -35.91 -12.72
C ILE F 73 -43.26 -35.42 -12.56
N SER F 74 -43.75 -34.71 -13.56
CA SER F 74 -45.11 -34.18 -13.57
C SER F 74 -45.91 -34.82 -14.70
N GLY F 75 -47.18 -35.09 -14.44
CA GLY F 75 -48.04 -35.72 -15.42
C GLY F 75 -47.62 -37.14 -15.72
N VAL F 76 -47.49 -37.95 -14.67
CA VAL F 76 -47.01 -39.32 -14.81
C VAL F 76 -48.04 -40.14 -15.59
N GLU F 77 -47.60 -40.75 -16.69
CA GLU F 77 -48.41 -41.67 -17.47
C GLU F 77 -47.83 -43.07 -17.38
N VAL F 78 -48.40 -43.99 -18.14
CA VAL F 78 -47.89 -45.36 -18.17
C VAL F 78 -46.55 -45.46 -18.88
N GLY F 79 -46.23 -44.52 -19.76
CA GLY F 79 -44.96 -44.52 -20.45
C GLY F 79 -43.78 -44.12 -19.59
N ASP F 80 -44.02 -43.54 -18.41
CA ASP F 80 -42.95 -43.14 -17.52
C ASP F 80 -42.52 -44.26 -16.58
N GLU F 81 -43.35 -45.29 -16.41
CA GLU F 81 -43.02 -46.42 -15.54
C GLU F 81 -41.79 -47.16 -16.05
N ALA F 82 -40.66 -46.99 -15.35
CA ALA F 82 -39.40 -47.61 -15.75
C ALA F 82 -38.43 -47.49 -14.59
N ASP F 83 -37.31 -48.21 -14.71
CA ASP F 83 -36.26 -48.12 -13.72
C ASP F 83 -35.53 -46.78 -13.83
N TYR F 84 -35.26 -46.16 -12.70
CA TYR F 84 -34.55 -44.89 -12.64
C TYR F 84 -33.28 -45.05 -11.82
N TYR F 85 -32.18 -44.46 -12.34
CA TYR F 85 -30.88 -44.53 -11.70
C TYR F 85 -30.38 -43.12 -11.41
N CYS F 86 -29.76 -42.95 -10.25
CA CYS F 86 -29.20 -41.67 -9.82
C CYS F 86 -27.69 -41.83 -9.69
N HIS F 87 -26.95 -41.19 -10.57
CA HIS F 87 -25.49 -41.21 -10.52
C HIS F 87 -25.00 -40.05 -9.67
N MET F 88 -24.18 -40.35 -8.67
CA MET F 88 -23.75 -39.37 -7.67
C MET F 88 -22.29 -39.02 -7.89
N TRP F 89 -22.02 -37.77 -8.26
CA TRP F 89 -20.67 -37.25 -8.41
C TRP F 89 -20.55 -36.03 -7.51
N ASP F 90 -19.92 -36.20 -6.35
CA ASP F 90 -19.66 -35.10 -5.43
C ASP F 90 -18.15 -34.92 -5.27
N SER F 91 -17.78 -33.78 -4.69
CA SER F 91 -16.36 -33.44 -4.58
C SER F 91 -15.65 -34.29 -3.53
N ARG F 92 -16.34 -34.64 -2.44
CA ARG F 92 -15.67 -35.37 -1.37
C ARG F 92 -15.40 -36.82 -1.75
N SER F 93 -16.34 -37.47 -2.43
CA SER F 93 -16.13 -38.84 -2.86
C SER F 93 -15.11 -38.89 -3.98
N GLY F 94 -14.71 -40.13 -4.33
CA GLY F 94 -13.75 -40.32 -5.39
C GLY F 94 -14.40 -40.47 -6.76
N PHE F 95 -14.05 -41.55 -7.45
CA PHE F 95 -14.61 -41.86 -8.76
C PHE F 95 -15.75 -42.86 -8.54
N SER F 96 -16.99 -42.37 -8.58
CA SER F 96 -18.16 -43.19 -8.33
C SER F 96 -18.36 -44.14 -9.50
N TRP F 97 -17.86 -45.37 -9.36
CA TRP F 97 -17.92 -46.33 -10.46
C TRP F 97 -19.31 -46.94 -10.60
N SER F 98 -19.89 -47.37 -9.48
CA SER F 98 -21.19 -48.03 -9.53
C SER F 98 -22.32 -47.02 -9.67
N PHE F 99 -23.31 -47.37 -10.48
CA PHE F 99 -24.51 -46.55 -10.60
C PHE F 99 -25.31 -46.64 -9.29
N GLY F 100 -26.32 -45.77 -9.20
CA GLY F 100 -27.16 -45.76 -8.02
C GLY F 100 -28.13 -46.93 -8.00
N GLY F 101 -28.76 -47.11 -6.84
CA GLY F 101 -29.78 -48.15 -6.72
C GLY F 101 -31.00 -47.80 -7.55
N ALA F 102 -31.49 -48.76 -8.32
CA ALA F 102 -32.61 -48.52 -9.21
C ALA F 102 -33.88 -48.27 -8.41
N THR F 103 -34.72 -47.38 -8.91
CA THR F 103 -36.00 -47.04 -8.29
C THR F 103 -37.12 -47.58 -9.18
N ARG F 104 -37.76 -48.65 -8.75
CA ARG F 104 -38.83 -49.29 -9.52
C ARG F 104 -40.09 -48.44 -9.40
N LEU F 105 -40.32 -47.56 -10.36
CA LEU F 105 -41.51 -46.74 -10.37
C LEU F 105 -42.70 -47.56 -10.89
N THR F 106 -43.82 -47.49 -10.18
CA THR F 106 -45.06 -48.11 -10.58
C THR F 106 -46.18 -47.08 -10.53
N VAL F 107 -47.09 -47.14 -11.49
CA VAL F 107 -48.17 -46.18 -11.62
C VAL F 107 -49.51 -46.88 -11.40
N LEU F 108 -50.47 -46.16 -10.83
CA LEU F 108 -51.77 -46.71 -10.48
C LEU F 108 -52.85 -45.76 -10.99
N SER F 109 -54.07 -46.29 -11.09
CA SER F 109 -55.23 -45.52 -11.47
C SER F 109 -55.49 -45.44 -12.97
N GLN F 110 -56.32 -46.33 -13.48
CA GLN F 110 -56.54 -46.45 -14.93
C GLN F 110 -57.97 -46.87 -15.19
N PRO F 111 -58.48 -46.65 -16.41
CA PRO F 111 -59.82 -47.10 -16.76
C PRO F 111 -59.87 -48.59 -17.05
N LYS F 112 -61.09 -49.13 -17.09
CA LYS F 112 -61.30 -50.56 -17.22
C LYS F 112 -60.86 -51.05 -18.59
N ALA F 113 -60.56 -52.35 -18.65
CA ALA F 113 -60.12 -52.98 -19.90
C ALA F 113 -60.47 -54.45 -19.86
N ALA F 114 -60.61 -55.03 -21.05
CA ALA F 114 -60.96 -56.43 -21.21
C ALA F 114 -60.02 -57.08 -22.23
N PRO F 115 -59.53 -58.28 -21.96
CA PRO F 115 -58.55 -58.91 -22.85
C PRO F 115 -59.21 -59.62 -24.02
N SER F 116 -58.37 -59.97 -25.00
CA SER F 116 -58.77 -60.71 -26.19
C SER F 116 -57.93 -61.98 -26.26
N VAL F 117 -58.60 -63.14 -26.31
CA VAL F 117 -57.94 -64.44 -26.26
C VAL F 117 -58.06 -65.11 -27.61
N THR F 118 -56.98 -65.78 -28.04
CA THR F 118 -56.94 -66.51 -29.31
C THR F 118 -56.25 -67.85 -29.07
N LEU F 119 -57.04 -68.90 -28.84
CA LEU F 119 -56.51 -70.24 -28.68
C LEU F 119 -56.44 -70.93 -30.03
N PHE F 120 -55.30 -71.58 -30.30
CA PHE F 120 -55.12 -72.25 -31.58
C PHE F 120 -54.68 -73.70 -31.37
N PRO F 121 -55.17 -74.61 -32.19
CA PRO F 121 -54.83 -76.03 -32.03
C PRO F 121 -53.44 -76.33 -32.58
N PRO F 122 -52.85 -77.46 -32.18
CA PRO F 122 -51.57 -77.85 -32.79
C PRO F 122 -51.73 -78.12 -34.28
N SER F 123 -50.78 -77.62 -35.06
CA SER F 123 -50.85 -77.73 -36.51
C SER F 123 -50.61 -79.17 -36.95
N SER F 124 -50.75 -79.41 -38.25
CA SER F 124 -50.58 -80.75 -38.79
C SER F 124 -49.11 -81.17 -38.79
N GLU F 125 -48.22 -80.23 -39.14
CA GLU F 125 -46.79 -80.53 -39.14
C GLU F 125 -46.29 -80.84 -37.73
N GLU F 126 -46.91 -80.22 -36.71
CA GLU F 126 -46.54 -80.51 -35.33
C GLU F 126 -46.91 -81.94 -34.95
N LEU F 127 -48.07 -82.41 -35.40
CA LEU F 127 -48.48 -83.78 -35.11
C LEU F 127 -47.60 -84.80 -35.81
N GLN F 128 -46.92 -84.43 -36.89
CA GLN F 128 -46.02 -85.34 -37.56
C GLN F 128 -44.77 -85.60 -36.73
N ALA F 129 -44.34 -84.63 -35.93
CA ALA F 129 -43.18 -84.77 -35.06
C ALA F 129 -43.51 -85.47 -33.74
N ASN F 130 -44.67 -86.13 -33.66
CA ASN F 130 -45.10 -86.86 -32.47
C ASN F 130 -45.21 -85.92 -31.26
N LYS F 131 -45.72 -84.72 -31.50
CA LYS F 131 -45.94 -83.75 -30.42
C LYS F 131 -47.19 -82.94 -30.74
N ALA F 132 -47.70 -82.25 -29.73
CA ALA F 132 -48.90 -81.43 -29.88
C ALA F 132 -48.95 -80.45 -28.72
N THR F 133 -49.00 -79.16 -29.04
CA THR F 133 -49.02 -78.10 -28.02
C THR F 133 -50.13 -77.12 -28.32
N LEU F 134 -50.97 -76.85 -27.32
CA LEU F 134 -51.97 -75.79 -27.42
C LEU F 134 -51.36 -74.45 -27.05
N VAL F 135 -51.85 -73.39 -27.69
CA VAL F 135 -51.29 -72.06 -27.56
C VAL F 135 -52.43 -71.08 -27.32
N CYS F 136 -52.41 -70.40 -26.17
CA CYS F 136 -53.49 -69.51 -25.73
C CYS F 136 -52.90 -68.13 -25.46
N LEU F 137 -53.30 -67.14 -26.27
CA LEU F 137 -52.80 -65.79 -26.18
C LEU F 137 -53.77 -64.90 -25.41
N ILE F 138 -53.22 -63.90 -24.72
CA ILE F 138 -54.00 -62.95 -23.94
C ILE F 138 -53.48 -61.54 -24.23
N SER F 139 -54.36 -60.65 -24.65
CA SER F 139 -53.96 -59.33 -25.14
C SER F 139 -54.82 -58.24 -24.52
N ASP F 140 -54.15 -57.18 -24.05
CA ASP F 140 -54.80 -55.92 -23.62
C ASP F 140 -55.63 -56.06 -22.35
N PHE F 141 -55.13 -56.77 -21.35
CA PHE F 141 -55.93 -56.97 -20.14
C PHE F 141 -55.64 -55.85 -19.14
N TYR F 142 -56.59 -55.65 -18.22
CA TYR F 142 -56.62 -54.43 -17.43
C TYR F 142 -55.51 -54.29 -16.38
N PRO F 143 -55.25 -55.34 -15.58
CA PRO F 143 -54.18 -55.40 -14.59
C PRO F 143 -53.31 -56.67 -14.77
N GLY F 144 -52.06 -56.66 -14.33
CA GLY F 144 -51.18 -57.80 -14.53
C GLY F 144 -51.79 -59.11 -14.07
N ALA F 145 -52.53 -59.07 -12.96
CA ALA F 145 -53.07 -60.28 -12.35
C ALA F 145 -53.97 -61.04 -13.32
N VAL F 146 -53.62 -62.28 -13.61
CA VAL F 146 -54.37 -63.12 -14.52
C VAL F 146 -54.05 -64.57 -14.21
N THR F 147 -55.06 -65.44 -14.32
CA THR F 147 -54.91 -66.87 -14.06
C THR F 147 -55.52 -67.65 -15.21
N VAL F 148 -54.71 -68.47 -15.87
CA VAL F 148 -55.13 -69.27 -17.01
C VAL F 148 -55.41 -70.69 -16.53
N ALA F 149 -56.62 -71.18 -16.79
CA ALA F 149 -57.03 -72.53 -16.42
C ALA F 149 -57.43 -73.28 -17.68
N TRP F 150 -56.79 -74.42 -17.91
CA TRP F 150 -57.07 -75.24 -19.08
C TRP F 150 -58.11 -76.31 -18.73
N LYS F 151 -58.83 -76.76 -19.75
CA LYS F 151 -59.90 -77.75 -19.58
C LYS F 151 -59.82 -78.78 -20.71
N ALA F 152 -59.44 -80.00 -20.38
CA ALA F 152 -59.43 -81.05 -21.38
C ALA F 152 -60.85 -81.52 -21.21
N ASP F 153 -61.63 -81.45 -22.29
CA ASP F 153 -63.06 -81.79 -22.26
C ASP F 153 -63.64 -80.88 -21.18
N SER F 154 -64.32 -81.47 -20.20
CA SER F 154 -64.90 -80.68 -19.11
C SER F 154 -64.06 -80.75 -17.84
N SER F 155 -62.96 -81.49 -17.85
CA SER F 155 -62.02 -81.75 -16.77
C SER F 155 -60.78 -80.86 -16.91
N PRO F 156 -60.23 -80.38 -15.81
CA PRO F 156 -59.00 -79.59 -15.88
C PRO F 156 -57.81 -80.46 -16.26
N VAL F 157 -56.79 -79.80 -16.82
CA VAL F 157 -55.60 -80.50 -17.28
C VAL F 157 -54.60 -80.60 -16.14
N LYS F 158 -54.20 -79.45 -15.58
CA LYS F 158 -53.36 -79.36 -14.39
C LYS F 158 -51.92 -79.83 -14.64
N ALA F 159 -51.67 -80.47 -15.78
CA ALA F 159 -50.36 -81.00 -16.11
C ALA F 159 -49.85 -80.38 -17.40
N GLY F 160 -48.54 -80.10 -17.44
CA GLY F 160 -47.93 -79.55 -18.64
C GLY F 160 -48.42 -78.16 -19.01
N VAL F 161 -48.80 -77.36 -18.02
CA VAL F 161 -49.35 -76.03 -18.24
C VAL F 161 -48.28 -75.00 -17.88
N GLU F 162 -47.94 -74.15 -18.84
CA GLU F 162 -46.96 -73.08 -18.65
C GLU F 162 -47.57 -71.77 -19.08
N THR F 163 -47.45 -70.75 -18.24
CA THR F 163 -48.10 -69.46 -18.45
C THR F 163 -47.09 -68.34 -18.30
N THR F 164 -47.36 -67.22 -18.98
CA THR F 164 -46.46 -66.07 -18.96
C THR F 164 -46.73 -65.19 -17.74
N THR F 165 -45.67 -64.66 -17.16
CA THR F 165 -45.79 -63.55 -16.24
C THR F 165 -46.03 -62.28 -17.05
N PRO F 166 -47.13 -61.56 -16.83
CA PRO F 166 -47.49 -60.47 -17.75
C PRO F 166 -46.46 -59.36 -17.77
N SER F 167 -46.05 -58.99 -18.98
CA SER F 167 -45.13 -57.88 -19.21
C SER F 167 -45.80 -56.86 -20.13
N LYS F 168 -45.40 -55.60 -19.99
CA LYS F 168 -46.02 -54.51 -20.72
C LYS F 168 -45.47 -54.41 -22.14
N GLN F 169 -46.33 -53.98 -23.07
CA GLN F 169 -45.99 -53.81 -24.47
C GLN F 169 -45.89 -52.33 -24.81
N SER F 170 -45.70 -52.04 -26.10
CA SER F 170 -45.53 -50.67 -26.54
C SER F 170 -46.80 -49.85 -26.36
N ASN F 171 -47.97 -50.50 -26.40
CA ASN F 171 -49.24 -49.82 -26.22
C ASN F 171 -49.60 -49.58 -24.76
N ASN F 172 -48.61 -49.66 -23.87
CA ASN F 172 -48.78 -49.50 -22.42
C ASN F 172 -49.76 -50.51 -21.83
N LYS F 173 -50.14 -51.52 -22.58
CA LYS F 173 -50.90 -52.64 -22.07
C LYS F 173 -49.97 -53.82 -21.83
N TYR F 174 -50.44 -54.80 -21.08
CA TYR F 174 -49.68 -56.01 -20.85
C TYR F 174 -50.04 -57.07 -21.88
N ALA F 175 -49.17 -58.08 -21.98
CA ALA F 175 -49.40 -59.20 -22.89
C ALA F 175 -48.86 -60.46 -22.25
N ALA F 176 -49.57 -61.57 -22.44
CA ALA F 176 -49.19 -62.84 -21.86
C ALA F 176 -49.71 -63.98 -22.72
N SER F 177 -49.14 -65.17 -22.52
CA SER F 177 -49.53 -66.34 -23.27
C SER F 177 -49.46 -67.56 -22.35
N SER F 178 -50.09 -68.65 -22.80
CA SER F 178 -50.11 -69.89 -22.05
C SER F 178 -50.06 -71.06 -23.02
N TYR F 179 -49.26 -72.06 -22.70
CA TYR F 179 -49.06 -73.22 -23.56
C TYR F 179 -49.41 -74.51 -22.81
N LEU F 180 -49.76 -75.53 -23.58
CA LEU F 180 -50.15 -76.82 -23.02
C LEU F 180 -49.56 -77.93 -23.87
N SER F 181 -48.52 -78.59 -23.36
CA SER F 181 -47.90 -79.70 -24.07
C SER F 181 -48.75 -80.96 -23.94
N LEU F 182 -48.95 -81.64 -25.06
CA LEU F 182 -49.76 -82.85 -25.10
C LEU F 182 -49.11 -83.85 -26.05
N THR F 183 -49.61 -85.07 -26.00
CA THR F 183 -49.23 -86.07 -26.99
C THR F 183 -50.25 -86.10 -28.11
N PRO F 184 -49.85 -86.50 -29.32
CA PRO F 184 -50.82 -86.53 -30.43
C PRO F 184 -52.02 -87.43 -30.16
N GLU F 185 -51.86 -88.48 -29.36
CA GLU F 185 -52.99 -89.35 -29.05
C GLU F 185 -53.90 -88.74 -27.99
N GLN F 186 -53.36 -87.93 -27.08
CA GLN F 186 -54.20 -87.27 -26.09
C GLN F 186 -54.96 -86.09 -26.69
N TRP F 187 -54.41 -85.46 -27.72
CA TRP F 187 -55.13 -84.37 -28.39
C TRP F 187 -56.30 -84.89 -29.22
N LYS F 188 -56.10 -86.02 -29.91
CA LYS F 188 -57.14 -86.60 -30.75
C LYS F 188 -58.24 -87.28 -29.94
N SER F 189 -57.94 -87.75 -28.73
CA SER F 189 -58.90 -88.52 -27.95
C SER F 189 -60.00 -87.65 -27.33
N HIS F 190 -59.70 -86.40 -27.00
CA HIS F 190 -60.67 -85.55 -26.33
C HIS F 190 -61.58 -84.85 -27.34
N LYS F 191 -62.81 -84.58 -26.89
CA LYS F 191 -63.79 -83.92 -27.76
C LYS F 191 -63.37 -82.49 -28.08
N SER F 192 -63.08 -81.70 -27.05
CA SER F 192 -62.65 -80.32 -27.23
C SER F 192 -61.75 -79.92 -26.07
N TYR F 193 -61.03 -78.83 -26.26
CA TYR F 193 -60.16 -78.26 -25.24
C TYR F 193 -60.56 -76.80 -24.99
N SER F 194 -60.45 -76.37 -23.73
CA SER F 194 -60.88 -75.05 -23.33
C SER F 194 -59.77 -74.35 -22.54
N CYS F 195 -59.42 -73.14 -22.96
CA CYS F 195 -58.48 -72.28 -22.24
C CYS F 195 -59.29 -71.18 -21.56
N GLN F 196 -59.33 -71.21 -20.23
CA GLN F 196 -60.09 -70.25 -19.43
C GLN F 196 -59.12 -69.28 -18.78
N VAL F 197 -59.14 -68.03 -19.24
CA VAL F 197 -58.29 -66.97 -18.70
C VAL F 197 -59.15 -66.17 -17.73
N THR F 198 -58.95 -66.40 -16.44
CA THR F 198 -59.65 -65.66 -15.41
C THR F 198 -58.93 -64.35 -15.16
N HIS F 199 -59.59 -63.23 -15.44
CA HIS F 199 -58.96 -61.93 -15.19
C HIS F 199 -59.89 -61.09 -14.35
N GLU F 200 -59.43 -60.71 -13.16
CA GLU F 200 -60.21 -59.91 -12.22
C GLU F 200 -61.56 -60.59 -12.02
N GLY F 201 -62.61 -59.80 -12.14
CA GLY F 201 -63.97 -60.29 -12.04
C GLY F 201 -64.47 -61.21 -13.15
N SER F 202 -64.07 -60.95 -14.39
CA SER F 202 -64.60 -61.68 -15.53
C SER F 202 -63.73 -62.89 -15.85
N THR F 203 -64.24 -63.74 -16.74
CA THR F 203 -63.52 -64.94 -17.15
C THR F 203 -63.90 -65.28 -18.57
N VAL F 204 -62.92 -65.24 -19.47
CA VAL F 204 -63.14 -65.56 -20.87
C VAL F 204 -62.68 -66.99 -21.12
N GLU F 205 -63.19 -67.60 -22.19
CA GLU F 205 -62.85 -68.97 -22.54
C GLU F 205 -62.85 -69.13 -24.05
N LYS F 206 -61.86 -69.87 -24.55
CA LYS F 206 -61.78 -70.23 -25.96
C LYS F 206 -61.78 -71.76 -26.09
N THR F 207 -62.45 -72.25 -27.12
CA THR F 207 -62.62 -73.68 -27.31
C THR F 207 -62.27 -74.05 -28.75
N VAL F 208 -61.45 -75.09 -28.90
CA VAL F 208 -61.07 -75.61 -30.20
C VAL F 208 -61.13 -77.13 -30.17
N ALA F 209 -61.55 -77.74 -31.27
CA ALA F 209 -61.74 -79.17 -31.36
C ALA F 209 -60.91 -79.76 -32.49
N PRO F 210 -60.53 -81.04 -32.40
CA PRO F 210 -59.81 -81.67 -33.51
C PRO F 210 -60.65 -81.73 -34.77
N THR F 211 -59.97 -81.95 -35.89
CA THR F 211 -60.64 -82.03 -37.18
C THR F 211 -61.00 -83.48 -37.52
#